data_8RD6
#
_entry.id   8RD6
#
_cell.length_a   1.000
_cell.length_b   1.000
_cell.length_c   1.000
_cell.angle_alpha   90.00
_cell.angle_beta   90.00
_cell.angle_gamma   90.00
#
_symmetry.space_group_name_H-M   'P 1'
#
_entity_poly.entity_id   1
_entity_poly.type   'polypeptide(L)'
_entity_poly.pdbx_seq_one_letter_code
;STGPRALSRNQPQYPARAQALRIEGRVKVKFDVTSAGRVENVQILSAQPANMFEREVKNAMRKWRYEAGKPGSGLVVNII
FRLNGTAQIE
;
_entity_poly.pdbx_strand_id   A
#
# COMPACT_ATOMS: atom_id res chain seq x y z
N SER A 1 -18.67 9.51 2.26
CA SER A 1 -18.07 8.82 1.13
C SER A 1 -17.37 9.81 0.19
N THR A 2 -16.69 10.79 0.78
CA THR A 2 -15.98 11.80 0.00
C THR A 2 -14.63 11.29 -0.46
N GLY A 3 -14.15 11.82 -1.58
CA GLY A 3 -12.86 11.41 -2.11
C GLY A 3 -12.96 10.14 -2.95
N PRO A 4 -11.80 9.57 -3.27
CA PRO A 4 -11.73 8.34 -4.07
C PRO A 4 -12.25 7.12 -3.32
N ARG A 5 -12.43 6.00 -4.03
CA ARG A 5 -12.92 4.78 -3.43
C ARG A 5 -12.23 3.56 -4.04
N ALA A 6 -11.48 2.83 -3.24
CA ALA A 6 -10.77 1.64 -3.71
C ALA A 6 -11.76 0.59 -4.21
N LEU A 7 -11.56 0.13 -5.43
CA LEU A 7 -12.44 -0.87 -6.04
C LEU A 7 -11.78 -2.25 -5.99
N SER A 8 -10.55 -2.33 -6.47
CA SER A 8 -9.80 -3.59 -6.49
C SER A 8 -8.42 -3.42 -5.89
N ARG A 9 -8.31 -3.66 -4.58
CA ARG A 9 -7.03 -3.54 -3.89
C ARG A 9 -6.74 -4.78 -3.06
N ASN A 10 -5.52 -5.30 -3.19
CA ASN A 10 -5.11 -6.49 -2.46
C ASN A 10 -4.10 -6.14 -1.37
N GLN A 11 -4.05 -6.97 -0.33
CA GLN A 11 -3.13 -6.75 0.78
C GLN A 11 -1.70 -7.03 0.36
N PRO A 12 -0.74 -6.39 1.07
CA PRO A 12 0.69 -6.56 0.79
C PRO A 12 1.19 -7.95 1.17
N GLN A 13 2.18 -8.43 0.42
CA GLN A 13 2.76 -9.76 0.69
C GLN A 13 3.17 -9.88 2.15
N TYR A 14 2.75 -10.99 2.76
CA TYR A 14 3.08 -11.24 4.17
C TYR A 14 4.00 -12.45 4.31
N PRO A 15 5.28 -12.25 3.95
CA PRO A 15 6.29 -13.31 4.03
C PRO A 15 6.65 -13.67 5.47
N ALA A 16 6.54 -14.95 5.80
CA ALA A 16 6.85 -15.42 7.13
C ALA A 16 8.28 -15.06 7.53
N ARG A 17 9.12 -14.87 6.52
CA ARG A 17 10.52 -14.51 6.77
C ARG A 17 10.63 -13.33 7.72
N ALA A 18 9.65 -12.45 7.68
CA ALA A 18 9.62 -11.27 8.53
C ALA A 18 9.03 -11.59 9.90
N GLN A 19 8.00 -12.42 9.91
CA GLN A 19 7.34 -12.81 11.15
C GLN A 19 8.36 -13.35 12.15
N ALA A 20 9.21 -14.27 11.70
CA ALA A 20 10.24 -14.87 12.56
C ALA A 20 11.18 -13.81 13.09
N LEU A 21 11.48 -12.81 12.26
CA LEU A 21 12.38 -11.73 12.66
C LEU A 21 11.72 -10.83 13.69
N ARG A 22 10.40 -10.89 13.77
CA ARG A 22 9.65 -10.08 14.72
C ARG A 22 9.81 -8.59 14.42
N ILE A 23 9.63 -8.23 13.15
CA ILE A 23 9.76 -6.85 12.73
C ILE A 23 8.44 -6.31 12.18
N GLU A 24 7.96 -5.23 12.77
CA GLU A 24 6.70 -4.62 12.34
C GLU A 24 6.91 -3.77 11.09
N GLY A 25 6.41 -4.26 9.96
CA GLY A 25 6.55 -3.55 8.71
C GLY A 25 5.59 -2.38 8.60
N ARG A 26 6.13 -1.17 8.49
CA ARG A 26 5.30 0.03 8.39
C ARG A 26 5.96 1.06 7.47
N VAL A 27 5.50 1.12 6.23
CA VAL A 27 6.03 2.06 5.25
C VAL A 27 4.96 3.03 4.77
N LYS A 28 5.37 4.28 4.53
CA LYS A 28 4.45 5.30 4.07
C LYS A 28 4.66 5.60 2.59
N VAL A 29 3.76 5.08 1.75
CA VAL A 29 3.84 5.29 0.32
C VAL A 29 2.79 6.27 -0.16
N LYS A 30 3.13 7.04 -1.20
CA LYS A 30 2.20 8.03 -1.75
C LYS A 30 2.07 7.86 -3.26
N PHE A 31 0.86 7.54 -3.72
CA PHE A 31 0.61 7.36 -5.14
C PHE A 31 -0.48 8.31 -5.62
N ASP A 32 -0.64 8.41 -6.94
CA ASP A 32 -1.65 9.27 -7.53
C ASP A 32 -2.63 8.47 -8.38
N VAL A 33 -3.91 8.52 -8.01
CA VAL A 33 -4.94 7.80 -8.74
C VAL A 33 -5.42 8.60 -9.93
N THR A 34 -5.61 7.92 -11.06
CA THR A 34 -6.07 8.56 -12.29
C THR A 34 -7.58 8.42 -12.45
N SER A 35 -8.16 9.26 -13.30
CA SER A 35 -9.59 9.23 -13.54
C SER A 35 -10.04 7.85 -13.99
N ALA A 36 -9.12 7.10 -14.59
CA ALA A 36 -9.41 5.75 -15.07
C ALA A 36 -9.53 4.77 -13.91
N GLY A 37 -8.87 5.09 -12.80
CA GLY A 37 -8.92 4.22 -11.64
C GLY A 37 -7.69 3.35 -11.52
N ARG A 38 -6.60 3.75 -12.19
CA ARG A 38 -5.37 2.99 -12.15
C ARG A 38 -4.30 3.72 -11.34
N VAL A 39 -3.68 3.01 -10.41
CA VAL A 39 -2.64 3.60 -9.56
C VAL A 39 -1.37 3.84 -10.36
N GLU A 40 -0.82 5.05 -10.23
CA GLU A 40 0.41 5.40 -10.94
C GLU A 40 1.21 6.43 -10.14
N ASN A 41 2.38 6.78 -10.66
CA ASN A 41 3.25 7.75 -10.00
C ASN A 41 3.49 7.35 -8.54
N VAL A 42 3.52 6.05 -8.29
CA VAL A 42 3.75 5.54 -6.94
C VAL A 42 5.20 5.72 -6.53
N GLN A 43 5.41 6.41 -5.40
CA GLN A 43 6.76 6.64 -4.89
C GLN A 43 6.79 6.56 -3.37
N ILE A 44 7.74 5.79 -2.84
CA ILE A 44 7.87 5.63 -1.40
C ILE A 44 8.34 6.93 -0.74
N LEU A 45 7.64 7.34 0.31
CA LEU A 45 7.98 8.56 1.03
C LEU A 45 8.98 8.27 2.14
N SER A 46 8.62 7.34 3.03
CA SER A 46 9.47 6.97 4.15
C SER A 46 9.33 5.49 4.47
N ALA A 47 10.45 4.78 4.45
CA ALA A 47 10.46 3.35 4.74
C ALA A 47 11.60 2.98 5.69
N GLN A 48 11.25 2.68 6.93
CA GLN A 48 12.26 2.31 7.94
C GLN A 48 11.73 1.23 8.86
N PRO A 49 12.28 0.01 8.71
CA PRO A 49 13.33 -0.27 7.74
C PRO A 49 12.81 -0.22 6.30
N ALA A 50 13.66 0.23 5.39
CA ALA A 50 13.28 0.31 3.97
C ALA A 50 13.47 -1.02 3.27
N ASN A 51 14.61 -1.67 3.53
CA ASN A 51 14.92 -2.96 2.92
C ASN A 51 14.33 -4.09 3.73
N MET A 52 13.02 -4.05 3.93
CA MET A 52 12.32 -5.09 4.69
C MET A 52 10.87 -5.24 4.21
N PHE A 53 10.22 -4.11 3.97
CA PHE A 53 8.84 -4.13 3.52
C PHE A 53 8.58 -3.01 2.51
N GLU A 54 9.40 -2.98 1.46
CA GLU A 54 9.27 -1.96 0.42
C GLU A 54 9.07 -2.60 -0.95
N ARG A 55 9.79 -3.69 -1.19
CA ARG A 55 9.70 -4.40 -2.46
C ARG A 55 8.34 -5.08 -2.61
N GLU A 56 7.69 -5.35 -1.47
CA GLU A 56 6.39 -6.00 -1.48
C GLU A 56 5.27 -4.97 -1.33
N VAL A 57 5.55 -3.73 -1.72
CA VAL A 57 4.56 -2.66 -1.64
C VAL A 57 4.13 -2.20 -3.02
N LYS A 58 5.10 -1.86 -3.86
CA LYS A 58 4.82 -1.40 -5.22
C LYS A 58 4.12 -2.49 -6.01
N ASN A 59 4.41 -3.74 -5.69
CA ASN A 59 3.80 -4.87 -6.38
C ASN A 59 2.30 -4.93 -6.11
N ALA A 60 1.90 -4.48 -4.92
CA ALA A 60 0.50 -4.48 -4.54
C ALA A 60 -0.21 -3.23 -5.05
N MET A 61 0.55 -2.14 -5.21
CA MET A 61 0.00 -0.89 -5.69
C MET A 61 -0.29 -0.95 -7.18
N ARG A 62 0.62 -1.58 -7.92
CA ARG A 62 0.46 -1.71 -9.37
C ARG A 62 -0.78 -2.51 -9.72
N LYS A 63 -1.31 -3.24 -8.73
CA LYS A 63 -2.50 -4.06 -8.93
C LYS A 63 -3.75 -3.32 -8.42
N TRP A 64 -3.55 -2.41 -7.48
CA TRP A 64 -4.66 -1.65 -6.92
C TRP A 64 -5.47 -0.98 -8.02
N ARG A 65 -6.72 -0.67 -7.71
CA ARG A 65 -7.60 -0.03 -8.68
C ARG A 65 -8.69 0.77 -7.97
N TYR A 66 -8.57 2.10 -8.03
CA TYR A 66 -9.55 2.98 -7.39
C TYR A 66 -10.69 3.31 -8.33
N GLU A 67 -11.72 3.96 -7.82
CA GLU A 67 -12.88 4.34 -8.61
C GLU A 67 -12.46 5.20 -9.81
N ALA A 68 -13.44 5.59 -10.61
CA ALA A 68 -13.17 6.42 -11.79
C ALA A 68 -13.68 7.83 -11.59
N GLY A 69 -13.13 8.78 -12.35
CA GLY A 69 -13.54 10.16 -12.24
C GLY A 69 -13.32 10.73 -10.85
N LYS A 70 -12.44 10.08 -10.09
CA LYS A 70 -12.13 10.53 -8.73
C LYS A 70 -10.66 10.29 -8.40
N PRO A 71 -9.78 11.04 -9.07
CA PRO A 71 -8.33 10.93 -8.85
C PRO A 71 -7.90 11.46 -7.49
N GLY A 72 -6.75 10.99 -7.02
CA GLY A 72 -6.25 11.42 -5.73
C GLY A 72 -5.15 12.46 -5.86
N SER A 73 -4.18 12.19 -6.73
CA SER A 73 -3.07 13.10 -6.93
C SER A 73 -2.24 13.24 -5.67
N GLY A 74 -2.10 12.14 -4.94
CA GLY A 74 -1.32 12.17 -3.70
C GLY A 74 -2.06 11.54 -2.54
N LEU A 75 -1.98 10.21 -2.44
CA LEU A 75 -2.65 9.48 -1.36
C LEU A 75 -1.65 9.01 -0.31
N VAL A 76 -2.15 8.34 0.72
CA VAL A 76 -1.30 7.83 1.78
C VAL A 76 -1.89 6.57 2.39
N VAL A 77 -1.13 5.47 2.32
CA VAL A 77 -1.56 4.19 2.86
C VAL A 77 -0.45 3.52 3.64
N ASN A 78 -0.44 3.72 4.96
CA ASN A 78 0.58 3.13 5.81
C ASN A 78 0.55 1.60 5.72
N ILE A 79 1.57 1.04 5.09
CA ILE A 79 1.67 -0.41 4.93
C ILE A 79 2.03 -1.08 6.24
N ILE A 80 1.06 -1.18 7.14
CA ILE A 80 1.29 -1.81 8.44
C ILE A 80 1.29 -3.33 8.32
N PHE A 81 2.08 -3.99 9.16
CA PHE A 81 2.17 -5.45 9.15
C PHE A 81 1.94 -6.01 10.55
N ARG A 82 0.72 -5.83 11.05
CA ARG A 82 0.36 -6.32 12.38
C ARG A 82 0.72 -7.79 12.53
N LEU A 83 1.48 -8.12 13.57
CA LEU A 83 1.89 -9.50 13.82
C LEU A 83 0.68 -10.40 13.97
N ASN A 84 -0.46 -9.81 14.32
CA ASN A 84 -1.69 -10.58 14.50
C ASN A 84 -1.97 -11.45 13.29
N GLY A 85 -1.53 -11.00 12.11
CA GLY A 85 -1.74 -11.75 10.90
C GLY A 85 -2.63 -11.03 9.91
N THR A 86 -2.58 -9.70 9.94
CA THR A 86 -3.38 -8.88 9.04
C THR A 86 -2.68 -7.58 8.70
N ALA A 87 -3.24 -6.83 7.76
CA ALA A 87 -2.66 -5.55 7.34
C ALA A 87 -3.48 -4.38 7.86
N GLN A 88 -3.14 -3.18 7.41
CA GLN A 88 -3.85 -1.97 7.82
C GLN A 88 -5.30 -2.00 7.34
N ILE A 89 -5.56 -2.78 6.31
CA ILE A 89 -6.90 -2.90 5.75
C ILE A 89 -7.91 -3.29 6.83
N GLU A 90 -8.84 -2.38 7.11
CA GLU A 90 -9.86 -2.63 8.12
C GLU A 90 -10.85 -3.70 7.64
N SER A 1 -17.49 8.01 3.38
CA SER A 1 -16.26 8.78 3.50
C SER A 1 -15.99 9.59 2.24
N THR A 2 -15.33 10.73 2.40
CA THR A 2 -15.02 11.60 1.27
C THR A 2 -13.79 11.12 0.53
N GLY A 3 -13.35 11.88 -0.47
CA GLY A 3 -12.19 11.50 -1.24
C GLY A 3 -12.43 10.31 -2.14
N PRO A 4 -11.36 9.72 -2.68
CA PRO A 4 -11.44 8.56 -3.56
C PRO A 4 -11.88 7.30 -2.82
N ARG A 5 -12.02 6.21 -3.57
CA ARG A 5 -12.44 4.94 -2.99
C ARG A 5 -11.82 3.77 -3.74
N ALA A 6 -11.12 2.90 -3.01
CA ALA A 6 -10.49 1.73 -3.62
C ALA A 6 -11.51 0.65 -3.92
N LEU A 7 -11.48 0.13 -5.15
CA LEU A 7 -12.40 -0.91 -5.57
C LEU A 7 -11.72 -2.28 -5.54
N SER A 8 -10.64 -2.41 -6.29
CA SER A 8 -9.91 -3.67 -6.35
C SER A 8 -8.49 -3.50 -5.78
N ARG A 9 -8.37 -3.67 -4.47
CA ARG A 9 -7.07 -3.54 -3.81
C ARG A 9 -6.76 -4.77 -2.97
N ASN A 10 -5.52 -5.24 -3.05
CA ASN A 10 -5.10 -6.41 -2.30
C ASN A 10 -4.00 -6.06 -1.31
N GLN A 11 -4.15 -6.52 -0.08
CA GLN A 11 -3.17 -6.25 0.97
C GLN A 11 -1.78 -6.70 0.54
N PRO A 12 -0.74 -6.16 1.20
CA PRO A 12 0.65 -6.49 0.90
C PRO A 12 1.01 -7.92 1.31
N GLN A 13 2.12 -8.42 0.78
CA GLN A 13 2.57 -9.77 1.08
C GLN A 13 3.88 -9.75 1.86
N TYR A 14 4.25 -10.89 2.44
CA TYR A 14 5.48 -10.99 3.21
C TYR A 14 6.12 -12.37 3.03
N PRO A 15 7.44 -12.43 3.22
CA PRO A 15 8.20 -13.68 3.09
C PRO A 15 7.90 -14.66 4.21
N ALA A 16 8.57 -15.81 4.19
CA ALA A 16 8.37 -16.83 5.21
C ALA A 16 9.32 -16.61 6.39
N ARG A 17 10.44 -15.96 6.13
CA ARG A 17 11.43 -15.69 7.17
C ARG A 17 10.95 -14.57 8.09
N ALA A 18 10.27 -13.58 7.51
CA ALA A 18 9.76 -12.46 8.28
C ALA A 18 8.96 -12.93 9.48
N GLN A 19 8.16 -13.98 9.27
CA GLN A 19 7.33 -14.54 10.34
C GLN A 19 8.18 -14.91 11.54
N ALA A 20 9.40 -15.37 11.28
CA ALA A 20 10.32 -15.76 12.35
C ALA A 20 10.98 -14.55 12.97
N LEU A 21 11.17 -13.50 12.18
CA LEU A 21 11.81 -12.28 12.67
C LEU A 21 10.85 -11.49 13.56
N ARG A 22 9.56 -11.60 13.27
CA ARG A 22 8.55 -10.89 14.05
C ARG A 22 8.80 -9.39 14.04
N ILE A 23 8.91 -8.82 12.84
CA ILE A 23 9.15 -7.40 12.69
C ILE A 23 7.86 -6.65 12.37
N GLU A 24 7.56 -5.62 13.17
CA GLU A 24 6.35 -4.83 12.98
C GLU A 24 6.69 -3.35 12.81
N GLY A 25 6.29 -2.78 11.68
CA GLY A 25 6.57 -1.38 11.42
C GLY A 25 5.50 -0.73 10.57
N ARG A 26 5.85 0.37 9.91
CA ARG A 26 4.92 1.09 9.05
C ARG A 26 5.63 1.75 7.88
N VAL A 27 4.99 1.77 6.73
CA VAL A 27 5.57 2.37 5.53
C VAL A 27 4.65 3.44 4.96
N LYS A 28 5.24 4.55 4.53
CA LYS A 28 4.47 5.66 3.95
C LYS A 28 4.71 5.76 2.45
N VAL A 29 3.75 5.29 1.66
CA VAL A 29 3.86 5.33 0.21
C VAL A 29 2.93 6.39 -0.37
N LYS A 30 3.34 6.97 -1.50
CA LYS A 30 2.54 7.99 -2.18
C LYS A 30 2.35 7.66 -3.66
N PHE A 31 1.10 7.50 -4.06
CA PHE A 31 0.79 7.17 -5.46
C PHE A 31 -0.27 8.12 -6.01
N ASP A 32 -0.43 8.12 -7.32
CA ASP A 32 -1.41 8.98 -7.97
C ASP A 32 -2.47 8.16 -8.69
N VAL A 33 -3.73 8.51 -8.48
CA VAL A 33 -4.84 7.80 -9.10
C VAL A 33 -5.40 8.57 -10.29
N THR A 34 -5.59 7.87 -11.40
CA THR A 34 -6.12 8.50 -12.61
C THR A 34 -7.64 8.68 -12.53
N SER A 35 -8.23 9.14 -13.61
CA SER A 35 -9.67 9.37 -13.66
C SER A 35 -10.39 8.14 -14.21
N ALA A 36 -9.68 7.02 -14.25
CA ALA A 36 -10.26 5.77 -14.75
C ALA A 36 -10.26 4.69 -13.67
N GLY A 37 -9.30 4.77 -12.76
CA GLY A 37 -9.21 3.80 -11.68
C GLY A 37 -7.90 3.04 -11.70
N ARG A 38 -6.91 3.58 -12.39
CA ARG A 38 -5.60 2.93 -12.48
C ARG A 38 -4.58 3.64 -11.60
N VAL A 39 -3.79 2.86 -10.88
CA VAL A 39 -2.78 3.41 -9.99
C VAL A 39 -1.41 3.45 -10.67
N GLU A 40 -0.77 4.61 -10.61
CA GLU A 40 0.55 4.78 -11.23
C GLU A 40 1.38 5.80 -10.46
N ASN A 41 2.58 6.08 -10.96
CA ASN A 41 3.47 7.04 -10.33
C ASN A 41 3.65 6.71 -8.84
N VAL A 42 3.74 5.41 -8.53
CA VAL A 42 3.92 4.96 -7.16
C VAL A 42 5.34 5.20 -6.69
N GLN A 43 5.49 5.93 -5.59
CA GLN A 43 6.80 6.22 -5.04
C GLN A 43 6.76 6.22 -3.50
N ILE A 44 7.75 5.58 -2.90
CA ILE A 44 7.83 5.51 -1.44
C ILE A 44 8.41 6.79 -0.86
N LEU A 45 7.67 7.40 0.05
CA LEU A 45 8.11 8.64 0.70
C LEU A 45 9.15 8.35 1.77
N SER A 46 8.87 7.35 2.60
CA SER A 46 9.79 6.97 3.67
C SER A 46 9.41 5.62 4.25
N ALA A 47 10.40 4.75 4.45
CA ALA A 47 10.18 3.42 5.00
C ALA A 47 11.31 3.02 5.94
N GLN A 48 10.96 2.65 7.16
CA GLN A 48 11.95 2.24 8.15
C GLN A 48 11.41 1.08 9.00
N PRO A 49 11.98 -0.11 8.79
CA PRO A 49 13.04 -0.32 7.79
C PRO A 49 12.54 -0.20 6.36
N ALA A 50 13.41 0.28 5.47
CA ALA A 50 13.05 0.45 4.07
C ALA A 50 13.29 -0.84 3.29
N ASN A 51 14.24 -1.64 3.75
CA ASN A 51 14.58 -2.90 3.10
C ASN A 51 13.88 -4.06 3.78
N MET A 52 12.56 -3.98 3.89
CA MET A 52 11.77 -5.04 4.52
C MET A 52 10.36 -5.08 3.95
N PHE A 53 9.53 -4.12 4.34
CA PHE A 53 8.15 -4.04 3.87
C PHE A 53 8.00 -2.95 2.82
N GLU A 54 8.91 -2.93 1.85
CA GLU A 54 8.86 -1.93 0.79
C GLU A 54 8.76 -2.59 -0.57
N ARG A 55 9.39 -3.76 -0.71
CA ARG A 55 9.37 -4.50 -1.97
C ARG A 55 8.01 -5.15 -2.20
N GLU A 56 7.26 -5.34 -1.11
CA GLU A 56 5.94 -5.95 -1.19
C GLU A 56 4.85 -4.89 -1.10
N VAL A 57 5.18 -3.67 -1.51
CA VAL A 57 4.22 -2.57 -1.48
C VAL A 57 3.78 -2.18 -2.89
N LYS A 58 4.76 -1.81 -3.72
CA LYS A 58 4.48 -1.41 -5.09
C LYS A 58 3.82 -2.55 -5.87
N ASN A 59 4.22 -3.78 -5.55
CA ASN A 59 3.66 -4.95 -6.21
C ASN A 59 2.15 -5.03 -6.01
N ALA A 60 1.68 -4.47 -4.90
CA ALA A 60 0.25 -4.47 -4.59
C ALA A 60 -0.43 -3.23 -5.16
N MET A 61 0.31 -2.13 -5.23
CA MET A 61 -0.23 -0.88 -5.76
C MET A 61 -0.48 -0.99 -7.26
N ARG A 62 0.43 -1.66 -7.96
CA ARG A 62 0.30 -1.83 -9.40
C ARG A 62 -0.96 -2.61 -9.76
N LYS A 63 -1.52 -3.30 -8.77
CA LYS A 63 -2.73 -4.08 -8.96
C LYS A 63 -3.95 -3.33 -8.44
N TRP A 64 -3.73 -2.42 -7.51
CA TRP A 64 -4.82 -1.64 -6.93
C TRP A 64 -5.66 -0.98 -8.03
N ARG A 65 -6.96 -0.85 -7.77
CA ARG A 65 -7.87 -0.25 -8.73
C ARG A 65 -8.91 0.62 -8.02
N TYR A 66 -8.72 1.93 -8.07
CA TYR A 66 -9.64 2.86 -7.43
C TYR A 66 -10.83 3.13 -8.32
N GLU A 67 -11.77 3.94 -7.82
CA GLU A 67 -12.97 4.28 -8.57
C GLU A 67 -12.62 5.04 -9.85
N ALA A 68 -13.64 5.36 -10.64
CA ALA A 68 -13.44 6.08 -11.89
C ALA A 68 -13.99 7.50 -11.80
N GLY A 69 -13.11 8.49 -11.95
CA GLY A 69 -13.53 9.87 -11.88
C GLY A 69 -13.22 10.51 -10.54
N LYS A 70 -12.20 9.98 -9.87
CA LYS A 70 -11.81 10.51 -8.57
C LYS A 70 -10.30 10.36 -8.36
N PRO A 71 -9.52 11.12 -9.12
CA PRO A 71 -8.05 11.08 -9.04
C PRO A 71 -7.54 11.70 -7.74
N GLY A 72 -6.35 11.27 -7.32
CA GLY A 72 -5.76 11.78 -6.10
C GLY A 72 -4.55 12.66 -6.35
N SER A 73 -3.67 12.21 -7.25
CA SER A 73 -2.46 12.96 -7.58
C SER A 73 -1.56 13.11 -6.36
N GLY A 74 -1.49 12.04 -5.56
CA GLY A 74 -0.66 12.07 -4.36
C GLY A 74 -1.40 11.63 -3.13
N LEU A 75 -1.56 10.31 -2.98
CA LEU A 75 -2.27 9.75 -1.83
C LEU A 75 -1.29 9.41 -0.70
N VAL A 76 -1.83 8.96 0.42
CA VAL A 76 -1.00 8.59 1.57
C VAL A 76 -1.63 7.44 2.34
N VAL A 77 -0.98 6.29 2.32
CA VAL A 77 -1.46 5.10 3.02
C VAL A 77 -0.38 4.49 3.89
N ASN A 78 -0.67 4.36 5.19
CA ASN A 78 0.29 3.78 6.12
C ASN A 78 0.20 2.26 6.14
N ILE A 79 1.23 1.61 5.60
CA ILE A 79 1.27 0.16 5.55
C ILE A 79 1.49 -0.44 6.94
N ILE A 80 0.41 -0.55 7.71
CA ILE A 80 0.47 -1.10 9.05
C ILE A 80 0.50 -2.63 9.02
N PHE A 81 1.35 -3.22 9.86
CA PHE A 81 1.48 -4.66 9.92
C PHE A 81 0.94 -5.20 11.26
N ARG A 82 0.45 -6.43 11.23
CA ARG A 82 -0.09 -7.05 12.43
C ARG A 82 0.25 -8.54 12.47
N LEU A 83 0.96 -8.96 13.52
CA LEU A 83 1.34 -10.35 13.68
C LEU A 83 0.13 -11.27 13.63
N ASN A 84 -1.03 -10.72 14.00
CA ASN A 84 -2.27 -11.50 14.00
C ASN A 84 -2.52 -12.11 12.63
N GLY A 85 -1.99 -11.48 11.59
CA GLY A 85 -2.17 -11.99 10.24
C GLY A 85 -3.04 -11.09 9.39
N THR A 86 -2.88 -9.79 9.57
CA THR A 86 -3.66 -8.82 8.82
C THR A 86 -2.88 -7.51 8.61
N ALA A 87 -3.37 -6.66 7.73
CA ALA A 87 -2.72 -5.38 7.44
C ALA A 87 -3.64 -4.22 7.79
N GLN A 88 -3.19 -3.01 7.46
CA GLN A 88 -3.98 -1.81 7.73
C GLN A 88 -5.38 -1.93 7.15
N ILE A 89 -5.48 -2.59 6.01
CA ILE A 89 -6.77 -2.79 5.35
C ILE A 89 -7.68 -3.70 6.15
N GLU A 90 -8.76 -3.14 6.69
CA GLU A 90 -9.70 -3.91 7.49
C GLU A 90 -10.39 -4.97 6.63
N SER A 1 -16.42 16.12 -0.66
CA SER A 1 -15.12 15.64 -1.10
C SER A 1 -14.47 14.77 -0.01
N THR A 2 -14.92 13.52 0.08
CA THR A 2 -14.38 12.60 1.07
C THR A 2 -13.14 11.88 0.54
N GLY A 3 -13.11 11.68 -0.77
CA GLY A 3 -11.97 11.01 -1.38
C GLY A 3 -12.40 9.96 -2.39
N PRO A 4 -11.42 9.30 -3.02
CA PRO A 4 -11.67 8.25 -4.01
C PRO A 4 -12.26 6.99 -3.39
N ARG A 5 -12.36 5.93 -4.19
CA ARG A 5 -12.90 4.67 -3.73
C ARG A 5 -12.17 3.50 -4.38
N ALA A 6 -11.55 2.66 -3.55
CA ALA A 6 -10.82 1.50 -4.03
C ALA A 6 -11.78 0.38 -4.42
N LEU A 7 -11.62 -0.15 -5.62
CA LEU A 7 -12.47 -1.23 -6.10
C LEU A 7 -11.79 -2.59 -5.91
N SER A 8 -10.61 -2.74 -6.50
CA SER A 8 -9.86 -3.99 -6.39
C SER A 8 -8.50 -3.75 -5.76
N ARG A 9 -8.42 -3.92 -4.45
CA ARG A 9 -7.17 -3.73 -3.72
C ARG A 9 -6.89 -4.90 -2.79
N ASN A 10 -5.68 -5.44 -2.88
CA ASN A 10 -5.28 -6.57 -2.05
C ASN A 10 -4.27 -6.14 -0.99
N GLN A 11 -4.41 -6.70 0.21
CA GLN A 11 -3.50 -6.37 1.32
C GLN A 11 -2.06 -6.64 0.94
N PRO A 12 -1.13 -6.01 1.67
CA PRO A 12 0.31 -6.17 1.42
C PRO A 12 0.81 -7.56 1.79
N GLN A 13 1.39 -8.26 0.82
CA GLN A 13 1.90 -9.61 1.05
C GLN A 13 3.20 -9.56 1.87
N TYR A 14 3.61 -10.72 2.36
CA TYR A 14 4.83 -10.81 3.16
C TYR A 14 5.58 -12.11 2.86
N PRO A 15 6.90 -12.08 3.08
CA PRO A 15 7.76 -13.25 2.85
C PRO A 15 7.51 -14.36 3.87
N ALA A 16 8.37 -15.38 3.85
CA ALA A 16 8.25 -16.50 4.77
C ALA A 16 9.38 -16.51 5.78
N ARG A 17 10.51 -15.90 5.41
CA ARG A 17 11.67 -15.84 6.29
C ARG A 17 11.46 -14.83 7.41
N ALA A 18 10.86 -13.69 7.07
CA ALA A 18 10.59 -12.64 8.05
C ALA A 18 9.85 -13.20 9.26
N GLN A 19 9.06 -14.25 9.02
CA GLN A 19 8.28 -14.87 10.10
C GLN A 19 9.19 -15.22 11.28
N ALA A 20 10.45 -15.51 11.00
CA ALA A 20 11.41 -15.86 12.03
C ALA A 20 11.87 -14.62 12.78
N LEU A 21 12.28 -13.61 12.04
CA LEU A 21 12.75 -12.36 12.63
C LEU A 21 11.64 -11.67 13.41
N ARG A 22 10.40 -11.90 12.98
CA ARG A 22 9.24 -11.29 13.64
C ARG A 22 9.33 -9.77 13.60
N ILE A 23 9.61 -9.22 12.42
CA ILE A 23 9.71 -7.78 12.26
C ILE A 23 8.34 -7.15 12.08
N GLU A 24 8.12 -6.04 12.78
CA GLU A 24 6.85 -5.32 12.70
C GLU A 24 7.07 -3.81 12.67
N GLY A 25 6.27 -3.12 11.87
CA GLY A 25 6.40 -1.68 11.76
C GLY A 25 5.35 -1.07 10.85
N ARG A 26 5.73 -0.03 10.13
CA ARG A 26 4.81 0.65 9.21
C ARG A 26 5.57 1.33 8.07
N VAL A 27 4.84 1.74 7.05
CA VAL A 27 5.45 2.40 5.91
C VAL A 27 4.49 3.43 5.30
N LYS A 28 5.05 4.55 4.83
CA LYS A 28 4.25 5.61 4.23
C LYS A 28 4.51 5.69 2.73
N VAL A 29 3.51 5.32 1.93
CA VAL A 29 3.63 5.35 0.48
C VAL A 29 2.75 6.45 -0.12
N LYS A 30 3.16 6.97 -1.27
CA LYS A 30 2.40 8.02 -1.94
C LYS A 30 2.26 7.71 -3.43
N PHE A 31 1.02 7.57 -3.88
CA PHE A 31 0.75 7.28 -5.28
C PHE A 31 -0.34 8.20 -5.83
N ASP A 32 -0.59 8.11 -7.14
CA ASP A 32 -1.60 8.92 -7.78
C ASP A 32 -2.59 8.06 -8.57
N VAL A 33 -3.86 8.42 -8.52
CA VAL A 33 -4.89 7.67 -9.23
C VAL A 33 -5.44 8.48 -10.41
N THR A 34 -5.66 7.80 -11.53
CA THR A 34 -6.19 8.45 -12.72
C THR A 34 -7.70 8.56 -12.66
N SER A 35 -8.30 9.03 -13.76
CA SER A 35 -9.75 9.18 -13.84
C SER A 35 -10.40 7.93 -14.40
N ALA A 36 -9.63 6.84 -14.47
CA ALA A 36 -10.13 5.58 -15.00
C ALA A 36 -10.06 4.49 -13.93
N GLY A 37 -9.12 4.62 -13.01
CA GLY A 37 -8.96 3.64 -11.96
C GLY A 37 -7.60 2.98 -11.96
N ARG A 38 -6.65 3.61 -12.66
CA ARG A 38 -5.29 3.07 -12.74
C ARG A 38 -4.39 3.72 -11.70
N VAL A 39 -3.48 2.93 -11.14
CA VAL A 39 -2.55 3.42 -10.13
C VAL A 39 -1.16 3.60 -10.71
N GLU A 40 -0.67 4.84 -10.72
CA GLU A 40 0.66 5.14 -11.25
C GLU A 40 1.37 6.17 -10.38
N ASN A 41 2.55 6.57 -10.80
CA ASN A 41 3.34 7.55 -10.07
C ASN A 41 3.48 7.15 -8.61
N VAL A 42 3.54 5.84 -8.36
CA VAL A 42 3.68 5.32 -7.01
C VAL A 42 5.11 5.48 -6.51
N GLN A 43 5.27 6.16 -5.37
CA GLN A 43 6.58 6.38 -4.79
C GLN A 43 6.51 6.40 -3.27
N ILE A 44 7.49 5.76 -2.62
CA ILE A 44 7.53 5.71 -1.17
C ILE A 44 8.07 7.02 -0.58
N LEU A 45 7.44 7.47 0.50
CA LEU A 45 7.86 8.70 1.16
C LEU A 45 8.90 8.42 2.25
N SER A 46 8.66 7.37 3.03
CA SER A 46 9.58 7.00 4.10
C SER A 46 9.27 5.60 4.61
N ALA A 47 10.32 4.82 4.87
CA ALA A 47 10.16 3.46 5.36
C ALA A 47 11.41 3.01 6.13
N GLN A 48 11.19 2.49 7.33
CA GLN A 48 12.30 2.01 8.16
C GLN A 48 11.90 0.77 8.94
N PRO A 49 12.48 -0.38 8.56
CA PRO A 49 13.45 -0.45 7.46
C PRO A 49 12.80 -0.21 6.09
N ALA A 50 13.56 0.37 5.18
CA ALA A 50 13.06 0.66 3.84
C ALA A 50 13.32 -0.51 2.90
N ASN A 51 14.21 -1.41 3.31
CA ASN A 51 14.55 -2.58 2.50
C ASN A 51 14.03 -3.86 3.16
N MET A 52 12.72 -3.91 3.38
CA MET A 52 12.10 -5.08 3.99
C MET A 52 10.64 -5.22 3.54
N PHE A 53 9.78 -4.38 4.08
CA PHE A 53 8.36 -4.40 3.74
C PHE A 53 8.07 -3.49 2.56
N GLU A 54 8.90 -2.46 2.40
CA GLU A 54 8.73 -1.51 1.30
C GLU A 54 8.63 -2.23 -0.04
N ARG A 55 9.57 -3.12 -0.30
CA ARG A 55 9.60 -3.88 -1.54
C ARG A 55 8.37 -4.78 -1.65
N GLU A 56 7.72 -5.02 -0.51
CA GLU A 56 6.54 -5.87 -0.49
C GLU A 56 5.26 -5.03 -0.43
N VAL A 57 5.35 -3.80 -0.91
CA VAL A 57 4.21 -2.89 -0.92
C VAL A 57 3.79 -2.54 -2.34
N LYS A 58 4.76 -2.13 -3.15
CA LYS A 58 4.49 -1.77 -4.54
C LYS A 58 3.85 -2.94 -5.29
N ASN A 59 4.16 -4.15 -4.86
CA ASN A 59 3.62 -5.36 -5.48
C ASN A 59 2.10 -5.39 -5.38
N ALA A 60 1.58 -4.83 -4.29
CA ALA A 60 0.14 -4.78 -4.06
C ALA A 60 -0.48 -3.55 -4.69
N MET A 61 0.28 -2.46 -4.73
CA MET A 61 -0.20 -1.22 -5.31
C MET A 61 -0.34 -1.33 -6.82
N ARG A 62 0.59 -2.04 -7.45
CA ARG A 62 0.56 -2.22 -8.90
C ARG A 62 -0.68 -3.00 -9.32
N LYS A 63 -1.32 -3.66 -8.36
CA LYS A 63 -2.51 -4.43 -8.64
C LYS A 63 -3.77 -3.67 -8.21
N TRP A 64 -3.60 -2.72 -7.29
CA TRP A 64 -4.72 -1.92 -6.81
C TRP A 64 -5.49 -1.30 -7.96
N ARG A 65 -6.79 -1.12 -7.77
CA ARG A 65 -7.63 -0.52 -8.80
C ARG A 65 -8.74 0.33 -8.18
N TYR A 66 -8.62 1.64 -8.33
CA TYR A 66 -9.60 2.57 -7.77
C TYR A 66 -10.73 2.81 -8.76
N GLU A 67 -11.74 3.55 -8.32
CA GLU A 67 -12.88 3.86 -9.17
C GLU A 67 -12.45 4.68 -10.39
N ALA A 68 -13.43 5.17 -11.15
CA ALA A 68 -13.16 5.96 -12.34
C ALA A 68 -13.79 7.35 -12.22
N GLY A 69 -12.94 8.37 -12.21
CA GLY A 69 -13.43 9.73 -12.11
C GLY A 69 -13.17 10.35 -10.74
N LYS A 70 -12.14 9.86 -10.06
CA LYS A 70 -11.80 10.36 -8.74
C LYS A 70 -10.29 10.20 -8.48
N PRO A 71 -9.49 11.01 -9.18
CA PRO A 71 -8.03 10.97 -9.03
C PRO A 71 -7.57 11.52 -7.67
N GLY A 72 -6.48 10.95 -7.16
CA GLY A 72 -5.95 11.39 -5.88
C GLY A 72 -4.86 12.42 -6.02
N SER A 73 -3.91 12.15 -6.90
CA SER A 73 -2.79 13.06 -7.12
C SER A 73 -1.95 13.21 -5.87
N GLY A 74 -1.56 12.09 -5.27
CA GLY A 74 -0.76 12.11 -4.07
C GLY A 74 -1.51 11.63 -2.86
N LEU A 75 -1.81 10.33 -2.82
CA LEU A 75 -2.54 9.74 -1.71
C LEU A 75 -1.59 9.39 -0.56
N VAL A 76 -2.17 8.91 0.54
CA VAL A 76 -1.38 8.54 1.70
C VAL A 76 -2.03 7.40 2.48
N VAL A 77 -1.36 6.25 2.50
CA VAL A 77 -1.88 5.08 3.21
C VAL A 77 -0.85 4.51 4.17
N ASN A 78 -1.21 4.43 5.44
CA ASN A 78 -0.31 3.90 6.46
C ASN A 78 -0.35 2.38 6.48
N ILE A 79 0.64 1.77 5.82
CA ILE A 79 0.73 0.31 5.76
C ILE A 79 1.03 -0.28 7.13
N ILE A 80 -0.01 -0.64 7.85
CA ILE A 80 0.14 -1.23 9.19
C ILE A 80 0.30 -2.74 9.10
N PHE A 81 1.36 -3.26 9.73
CA PHE A 81 1.62 -4.70 9.73
C PHE A 81 1.34 -5.29 11.10
N ARG A 82 0.81 -6.51 11.12
CA ARG A 82 0.50 -7.20 12.36
C ARG A 82 0.73 -8.70 12.23
N LEU A 83 1.45 -9.26 13.20
CA LEU A 83 1.74 -10.69 13.20
C LEU A 83 0.46 -11.52 13.28
N ASN A 84 -0.58 -10.93 13.86
CA ASN A 84 -1.86 -11.61 14.00
C ASN A 84 -2.35 -12.14 12.66
N GLY A 85 -1.95 -11.46 11.58
CA GLY A 85 -2.35 -11.89 10.25
C GLY A 85 -3.36 -10.94 9.62
N THR A 86 -3.16 -9.64 9.83
CA THR A 86 -4.06 -8.64 9.29
C THR A 86 -3.33 -7.33 9.02
N ALA A 87 -3.82 -6.56 8.06
CA ALA A 87 -3.22 -5.28 7.72
C ALA A 87 -4.16 -4.12 8.02
N GLN A 88 -3.76 -2.92 7.61
CA GLN A 88 -4.58 -1.73 7.84
C GLN A 88 -5.94 -1.87 7.16
N ILE A 89 -5.99 -2.67 6.10
CA ILE A 89 -7.24 -2.88 5.37
C ILE A 89 -8.34 -3.39 6.29
N GLU A 90 -9.50 -2.74 6.22
CA GLU A 90 -10.64 -3.12 7.04
C GLU A 90 -11.30 -4.39 6.51
N SER A 1 -19.03 11.21 -0.57
CA SER A 1 -18.37 11.56 -1.83
C SER A 1 -17.43 12.73 -1.62
N THR A 2 -16.40 12.53 -0.79
CA THR A 2 -15.43 13.58 -0.52
C THR A 2 -14.07 13.25 -1.15
N GLY A 3 -13.70 11.98 -1.08
CA GLY A 3 -12.42 11.55 -1.65
C GLY A 3 -12.54 10.26 -2.43
N PRO A 4 -11.39 9.74 -2.89
CA PRO A 4 -11.34 8.50 -3.65
C PRO A 4 -11.69 7.27 -2.82
N ARG A 5 -11.91 6.15 -3.48
CA ARG A 5 -12.25 4.90 -2.79
C ARG A 5 -11.68 3.69 -3.53
N ALA A 6 -10.80 2.96 -2.86
CA ALA A 6 -10.18 1.78 -3.45
C ALA A 6 -11.22 0.70 -3.75
N LEU A 7 -11.24 0.23 -4.99
CA LEU A 7 -12.20 -0.80 -5.40
C LEU A 7 -11.51 -2.16 -5.49
N SER A 8 -10.46 -2.24 -6.29
CA SER A 8 -9.72 -3.49 -6.46
C SER A 8 -8.30 -3.36 -5.92
N ARG A 9 -8.15 -3.54 -4.61
CA ARG A 9 -6.86 -3.44 -3.96
C ARG A 9 -6.53 -4.72 -3.20
N ASN A 10 -5.34 -5.26 -3.43
CA ASN A 10 -4.91 -6.49 -2.77
C ASN A 10 -3.91 -6.17 -1.65
N GLN A 11 -3.99 -6.94 -0.57
CA GLN A 11 -3.10 -6.74 0.57
C GLN A 11 -1.66 -7.05 0.18
N PRO A 12 -0.71 -6.53 0.98
CA PRO A 12 0.73 -6.74 0.75
C PRO A 12 1.16 -8.17 0.99
N GLN A 13 2.47 -8.41 0.98
CA GLN A 13 3.01 -9.74 1.21
C GLN A 13 4.24 -9.70 2.10
N TYR A 14 4.61 -10.84 2.66
CA TYR A 14 5.77 -10.92 3.54
C TYR A 14 6.50 -12.25 3.37
N PRO A 15 7.80 -12.26 3.66
CA PRO A 15 8.64 -13.46 3.55
C PRO A 15 8.29 -14.50 4.60
N ALA A 16 9.00 -15.63 4.56
CA ALA A 16 8.77 -16.71 5.51
C ALA A 16 9.84 -16.72 6.59
N ARG A 17 10.45 -15.56 6.84
CA ARG A 17 11.49 -15.45 7.85
C ARG A 17 11.12 -14.39 8.88
N ALA A 18 10.46 -13.33 8.43
CA ALA A 18 10.06 -12.25 9.32
C ALA A 18 9.20 -12.77 10.47
N GLN A 19 8.53 -13.91 10.23
CA GLN A 19 7.67 -14.52 11.25
C GLN A 19 8.44 -14.76 12.54
N ALA A 20 9.68 -15.23 12.40
CA ALA A 20 10.52 -15.50 13.55
C ALA A 20 11.20 -14.23 14.06
N LEU A 21 11.35 -13.26 13.17
CA LEU A 21 11.98 -11.99 13.53
C LEU A 21 11.02 -11.11 14.32
N ARG A 22 9.72 -11.31 14.10
CA ARG A 22 8.71 -10.53 14.79
C ARG A 22 8.88 -9.05 14.53
N ILE A 23 8.91 -8.67 13.26
CA ILE A 23 9.07 -7.28 12.87
C ILE A 23 7.78 -6.71 12.30
N GLU A 24 7.31 -5.61 12.90
CA GLU A 24 6.08 -4.97 12.44
C GLU A 24 6.35 -4.03 11.27
N GLY A 25 5.89 -4.44 10.09
CA GLY A 25 6.10 -3.63 8.90
C GLY A 25 5.29 -2.35 8.92
N ARG A 26 5.83 -1.30 8.31
CA ARG A 26 5.16 -0.01 8.26
C ARG A 26 5.89 0.95 7.34
N VAL A 27 5.32 1.21 6.17
CA VAL A 27 5.92 2.11 5.20
C VAL A 27 4.88 3.07 4.63
N LYS A 28 5.32 4.30 4.36
CA LYS A 28 4.43 5.32 3.82
C LYS A 28 4.65 5.50 2.32
N VAL A 29 3.64 5.19 1.53
CA VAL A 29 3.72 5.32 0.08
C VAL A 29 2.77 6.39 -0.44
N LYS A 30 3.16 7.05 -1.53
CA LYS A 30 2.33 8.09 -2.12
C LYS A 30 2.18 7.87 -3.62
N PHE A 31 0.95 7.65 -4.07
CA PHE A 31 0.67 7.42 -5.48
C PHE A 31 -0.40 8.38 -5.99
N ASP A 32 -0.58 8.43 -7.30
CA ASP A 32 -1.57 9.30 -7.91
C ASP A 32 -2.64 8.49 -8.64
N VAL A 33 -3.90 8.83 -8.41
CA VAL A 33 -5.01 8.13 -9.04
C VAL A 33 -5.58 8.94 -10.20
N THR A 34 -5.97 8.25 -11.26
CA THR A 34 -6.53 8.91 -12.43
C THR A 34 -8.05 9.06 -12.31
N SER A 35 -8.67 9.55 -13.38
CA SER A 35 -10.12 9.74 -13.39
C SER A 35 -10.83 8.50 -13.93
N ALA A 36 -10.08 7.41 -14.05
CA ALA A 36 -10.63 6.16 -14.55
C ALA A 36 -10.54 5.06 -13.50
N GLY A 37 -9.55 5.17 -12.62
CA GLY A 37 -9.36 4.17 -11.58
C GLY A 37 -8.06 3.40 -11.73
N ARG A 38 -7.12 3.98 -12.46
CA ARG A 38 -5.83 3.35 -12.69
C ARG A 38 -4.74 4.01 -11.85
N VAL A 39 -4.10 3.23 -10.98
CA VAL A 39 -3.04 3.75 -10.13
C VAL A 39 -1.72 3.84 -10.89
N GLU A 40 -1.01 4.95 -10.69
CA GLU A 40 0.27 5.17 -11.35
C GLU A 40 1.11 6.19 -10.60
N ASN A 41 2.39 6.28 -10.97
CA ASN A 41 3.30 7.21 -10.31
C ASN A 41 3.44 6.91 -8.83
N VAL A 42 3.35 5.62 -8.49
CA VAL A 42 3.47 5.19 -7.10
C VAL A 42 4.92 5.18 -6.65
N GLN A 43 5.23 5.91 -5.59
CA GLN A 43 6.58 5.97 -5.06
C GLN A 43 6.57 6.02 -3.53
N ILE A 44 7.54 5.35 -2.92
CA ILE A 44 7.64 5.32 -1.46
C ILE A 44 8.14 6.65 -0.91
N LEU A 45 7.66 7.01 0.27
CA LEU A 45 8.07 8.26 0.91
C LEU A 45 9.00 8.00 2.09
N SER A 46 8.53 7.17 3.02
CA SER A 46 9.33 6.83 4.20
C SER A 46 9.19 5.36 4.54
N ALA A 47 10.31 4.65 4.55
CA ALA A 47 10.31 3.23 4.87
C ALA A 47 11.41 2.89 5.87
N GLN A 48 11.02 2.61 7.11
CA GLN A 48 11.97 2.28 8.17
C GLN A 48 11.41 1.19 9.08
N PRO A 49 11.98 -0.02 8.97
CA PRO A 49 13.07 -0.29 8.04
C PRO A 49 12.63 -0.27 6.58
N ALA A 50 13.51 0.15 5.69
CA ALA A 50 13.20 0.22 4.26
C ALA A 50 13.45 -1.13 3.59
N ASN A 51 14.51 -1.81 4.00
CA ASN A 51 14.85 -3.11 3.43
C ASN A 51 14.18 -4.24 4.20
N MET A 52 12.85 -4.17 4.30
CA MET A 52 12.09 -5.18 5.01
C MET A 52 10.68 -5.31 4.43
N PHE A 53 9.89 -4.24 4.56
CA PHE A 53 8.53 -4.23 4.06
C PHE A 53 8.33 -3.10 3.05
N GLU A 54 9.15 -3.08 2.01
CA GLU A 54 9.08 -2.06 0.99
C GLU A 54 8.95 -2.67 -0.40
N ARG A 55 9.67 -3.78 -0.61
CA ARG A 55 9.64 -4.48 -1.89
C ARG A 55 8.33 -5.23 -2.07
N GLU A 56 7.65 -5.51 -0.96
CA GLU A 56 6.39 -6.23 -0.99
C GLU A 56 5.20 -5.27 -0.89
N VAL A 57 5.43 -4.03 -1.31
CA VAL A 57 4.38 -3.01 -1.28
C VAL A 57 3.93 -2.64 -2.68
N LYS A 58 4.85 -2.06 -3.46
CA LYS A 58 4.54 -1.66 -4.83
C LYS A 58 3.99 -2.83 -5.63
N ASN A 59 4.40 -4.04 -5.26
CA ASN A 59 3.96 -5.25 -5.95
C ASN A 59 2.45 -5.44 -5.78
N ALA A 60 1.91 -4.87 -4.72
CA ALA A 60 0.48 -4.98 -4.44
C ALA A 60 -0.27 -3.74 -4.91
N MET A 61 0.39 -2.58 -4.80
CA MET A 61 -0.21 -1.32 -5.22
C MET A 61 -0.21 -1.19 -6.73
N ARG A 62 0.70 -1.91 -7.39
CA ARG A 62 0.81 -1.87 -8.84
C ARG A 62 -0.43 -2.50 -9.49
N LYS A 63 -1.23 -3.19 -8.69
CA LYS A 63 -2.43 -3.83 -9.18
C LYS A 63 -3.68 -3.16 -8.64
N TRP A 64 -3.49 -2.27 -7.66
CA TRP A 64 -4.60 -1.55 -7.05
C TRP A 64 -5.49 -0.91 -8.11
N ARG A 65 -6.74 -0.62 -7.73
CA ARG A 65 -7.68 -0.02 -8.66
C ARG A 65 -8.73 0.78 -7.90
N TYR A 66 -8.64 2.11 -7.97
CA TYR A 66 -9.58 2.99 -7.29
C TYR A 66 -10.78 3.29 -8.18
N GLU A 67 -11.76 4.00 -7.63
CA GLU A 67 -12.96 4.36 -8.37
C GLU A 67 -12.60 5.14 -9.64
N ALA A 68 -13.62 5.51 -10.40
CA ALA A 68 -13.43 6.26 -11.63
C ALA A 68 -13.97 7.67 -11.52
N GLY A 69 -13.08 8.66 -11.60
CA GLY A 69 -13.49 10.05 -11.49
C GLY A 69 -13.19 10.64 -10.13
N LYS A 70 -12.10 10.18 -9.52
CA LYS A 70 -11.70 10.68 -8.20
C LYS A 70 -10.19 10.57 -8.01
N PRO A 71 -9.45 11.40 -8.75
CA PRO A 71 -7.98 11.42 -8.68
C PRO A 71 -7.46 11.96 -7.35
N GLY A 72 -6.31 11.47 -6.92
CA GLY A 72 -5.73 11.92 -5.66
C GLY A 72 -4.55 12.84 -5.87
N SER A 73 -3.72 12.53 -6.87
CA SER A 73 -2.55 13.34 -7.16
C SER A 73 -1.57 13.31 -6.00
N GLY A 74 -1.55 12.19 -5.27
CA GLY A 74 -0.65 12.05 -4.14
C GLY A 74 -1.37 11.61 -2.89
N LEU A 75 -1.74 10.33 -2.83
CA LEU A 75 -2.43 9.78 -1.68
C LEU A 75 -1.44 9.32 -0.62
N VAL A 76 -1.97 8.75 0.47
CA VAL A 76 -1.14 8.27 1.55
C VAL A 76 -1.79 7.09 2.27
N VAL A 77 -1.19 5.92 2.11
CA VAL A 77 -1.71 4.71 2.75
C VAL A 77 -0.65 4.03 3.61
N ASN A 78 -0.89 4.00 4.91
CA ASN A 78 0.04 3.39 5.85
C ASN A 78 0.07 1.87 5.68
N ILE A 79 1.14 1.37 5.09
CA ILE A 79 1.28 -0.07 4.87
C ILE A 79 1.60 -0.80 6.17
N ILE A 80 0.59 -0.94 7.02
CA ILE A 80 0.76 -1.63 8.30
C ILE A 80 0.77 -3.14 8.12
N PHE A 81 1.52 -3.83 8.97
CA PHE A 81 1.61 -5.28 8.91
C PHE A 81 1.34 -5.91 10.27
N ARG A 82 0.10 -5.79 10.74
CA ARG A 82 -0.29 -6.34 12.03
C ARG A 82 0.11 -7.80 12.14
N LEU A 83 0.69 -8.18 13.27
CA LEU A 83 1.12 -9.55 13.50
C LEU A 83 -0.06 -10.51 13.43
N ASN A 84 -1.26 -9.97 13.66
CA ASN A 84 -2.47 -10.78 13.63
C ASN A 84 -2.56 -11.58 12.33
N GLY A 85 -1.99 -11.03 11.27
CA GLY A 85 -2.01 -11.71 9.98
C GLY A 85 -2.83 -10.95 8.95
N THR A 86 -2.90 -9.64 9.09
CA THR A 86 -3.66 -8.80 8.17
C THR A 86 -2.99 -7.44 7.98
N ALA A 87 -3.46 -6.69 6.99
CA ALA A 87 -2.92 -5.37 6.71
C ALA A 87 -3.79 -4.27 7.30
N GLN A 88 -3.50 -3.03 6.94
CA GLN A 88 -4.26 -1.89 7.44
C GLN A 88 -5.71 -1.94 6.93
N ILE A 89 -5.92 -2.65 5.83
CA ILE A 89 -7.25 -2.78 5.25
C ILE A 89 -8.27 -3.21 6.29
N GLU A 90 -9.17 -2.31 6.64
CA GLU A 90 -10.20 -2.60 7.63
C GLU A 90 -11.41 -3.27 6.97
N SER A 1 -15.77 9.73 1.24
CA SER A 1 -16.70 10.51 0.44
C SER A 1 -15.96 11.66 -0.26
N THR A 2 -15.30 12.49 0.54
CA THR A 2 -14.55 13.63 0.00
C THR A 2 -13.42 13.17 -0.90
N GLY A 3 -12.81 12.04 -0.56
CA GLY A 3 -11.71 11.52 -1.36
C GLY A 3 -12.17 10.44 -2.31
N PRO A 4 -11.20 9.76 -2.94
CA PRO A 4 -11.47 8.67 -3.89
C PRO A 4 -12.05 7.43 -3.22
N ARG A 5 -12.27 6.39 -4.01
CA ARG A 5 -12.82 5.14 -3.49
C ARG A 5 -12.15 3.94 -4.14
N ALA A 6 -11.50 3.11 -3.33
CA ALA A 6 -10.82 1.92 -3.83
C ALA A 6 -11.83 0.82 -4.19
N LEU A 7 -11.69 0.29 -5.40
CA LEU A 7 -12.59 -0.76 -5.88
C LEU A 7 -11.93 -2.14 -5.73
N SER A 8 -10.78 -2.31 -6.37
CA SER A 8 -10.06 -3.58 -6.32
C SER A 8 -8.68 -3.39 -5.71
N ARG A 9 -8.58 -3.60 -4.40
CA ARG A 9 -7.31 -3.46 -3.69
C ARG A 9 -7.06 -4.64 -2.77
N ASN A 10 -5.87 -5.22 -2.86
CA ASN A 10 -5.51 -6.37 -2.03
C ASN A 10 -4.50 -5.97 -0.96
N GLN A 11 -4.65 -6.51 0.24
CA GLN A 11 -3.76 -6.21 1.34
C GLN A 11 -2.34 -6.72 1.04
N PRO A 12 -1.34 -6.09 1.68
CA PRO A 12 0.06 -6.46 1.50
C PRO A 12 0.39 -7.81 2.13
N GLN A 13 1.35 -8.51 1.55
CA GLN A 13 1.76 -9.81 2.06
C GLN A 13 3.19 -9.78 2.57
N TYR A 14 3.61 -10.86 3.22
CA TYR A 14 4.96 -10.94 3.77
C TYR A 14 5.50 -12.37 3.67
N PRO A 15 6.84 -12.49 3.62
CA PRO A 15 7.51 -13.78 3.51
C PRO A 15 7.39 -14.61 4.79
N ALA A 16 8.08 -15.73 4.85
CA ALA A 16 8.06 -16.60 6.01
C ALA A 16 9.28 -16.38 6.89
N ARG A 17 10.43 -16.21 6.27
CA ARG A 17 11.68 -15.99 7.00
C ARG A 17 11.55 -14.81 7.95
N ALA A 18 10.80 -13.80 7.53
CA ALA A 18 10.58 -12.60 8.35
C ALA A 18 9.86 -12.96 9.64
N GLN A 19 9.05 -14.01 9.60
CA GLN A 19 8.30 -14.44 10.76
C GLN A 19 9.22 -14.74 11.94
N ALA A 20 10.27 -15.51 11.67
CA ALA A 20 11.24 -15.87 12.70
C ALA A 20 11.99 -14.63 13.21
N LEU A 21 12.11 -13.64 12.35
CA LEU A 21 12.81 -12.40 12.71
C LEU A 21 11.94 -11.55 13.64
N ARG A 22 10.63 -11.71 13.55
CA ARG A 22 9.70 -10.97 14.39
C ARG A 22 9.88 -9.47 14.19
N ILE A 23 9.77 -9.02 12.94
CA ILE A 23 9.92 -7.61 12.61
C ILE A 23 8.60 -7.02 12.14
N GLU A 24 8.26 -5.85 12.67
CA GLU A 24 7.02 -5.17 12.31
C GLU A 24 7.21 -3.66 12.27
N GLY A 25 6.28 -2.96 11.63
CA GLY A 25 6.37 -1.51 11.55
C GLY A 25 5.31 -0.92 10.63
N ARG A 26 5.73 -0.02 9.75
CA ARG A 26 4.80 0.62 8.82
C ARG A 26 5.57 1.37 7.74
N VAL A 27 4.95 1.52 6.57
CA VAL A 27 5.57 2.22 5.45
C VAL A 27 4.62 3.25 4.85
N LYS A 28 5.15 4.42 4.53
CA LYS A 28 4.36 5.49 3.95
C LYS A 28 4.61 5.60 2.44
N VAL A 29 3.61 5.20 1.65
CA VAL A 29 3.72 5.27 0.19
C VAL A 29 2.82 6.34 -0.38
N LYS A 30 3.21 6.90 -1.51
CA LYS A 30 2.44 7.94 -2.18
C LYS A 30 2.26 7.63 -3.66
N PHE A 31 1.01 7.45 -4.07
CA PHE A 31 0.71 7.15 -5.48
C PHE A 31 -0.36 8.09 -6.01
N ASP A 32 -0.51 8.12 -7.32
CA ASP A 32 -1.50 8.97 -7.97
C ASP A 32 -2.53 8.14 -8.73
N VAL A 33 -3.80 8.37 -8.42
CA VAL A 33 -4.88 7.64 -9.07
C VAL A 33 -5.39 8.40 -10.30
N THR A 34 -5.52 7.67 -11.42
CA THR A 34 -5.99 8.27 -12.66
C THR A 34 -7.51 8.29 -12.72
N SER A 35 -8.06 9.18 -13.54
CA SER A 35 -9.50 9.29 -13.69
C SER A 35 -10.12 7.96 -14.10
N ALA A 36 -9.32 7.12 -14.75
CA ALA A 36 -9.79 5.82 -15.20
C ALA A 36 -9.87 4.83 -14.03
N GLY A 37 -9.07 5.09 -13.00
CA GLY A 37 -9.06 4.22 -11.84
C GLY A 37 -7.79 3.40 -11.73
N ARG A 38 -6.76 3.83 -12.44
CA ARG A 38 -5.47 3.12 -12.42
C ARG A 38 -4.54 3.72 -11.38
N VAL A 39 -3.51 2.97 -11.02
CA VAL A 39 -2.53 3.42 -10.03
C VAL A 39 -1.13 3.47 -10.62
N GLU A 40 -0.58 4.67 -10.71
CA GLU A 40 0.76 4.85 -11.26
C GLU A 40 1.52 5.93 -10.48
N ASN A 41 2.73 6.23 -10.95
CA ASN A 41 3.57 7.23 -10.29
C ASN A 41 3.72 6.93 -8.80
N VAL A 42 3.72 5.65 -8.46
CA VAL A 42 3.85 5.23 -7.07
C VAL A 42 5.27 5.44 -6.56
N GLN A 43 5.40 6.19 -5.47
CA GLN A 43 6.70 6.47 -4.89
C GLN A 43 6.65 6.36 -3.37
N ILE A 44 7.65 5.68 -2.79
CA ILE A 44 7.72 5.50 -1.35
C ILE A 44 8.17 6.78 -0.66
N LEU A 45 7.31 7.32 0.19
CA LEU A 45 7.61 8.55 0.92
C LEU A 45 8.69 8.30 1.97
N SER A 46 8.55 7.19 2.69
CA SER A 46 9.51 6.84 3.74
C SER A 46 9.20 5.45 4.31
N ALA A 47 10.20 4.57 4.28
CA ALA A 47 10.04 3.22 4.79
C ALA A 47 11.16 2.86 5.76
N GLN A 48 10.81 2.59 7.00
CA GLN A 48 11.78 2.24 8.02
C GLN A 48 11.24 1.14 8.94
N PRO A 49 11.81 -0.06 8.81
CA PRO A 49 12.88 -0.34 7.85
C PRO A 49 12.40 -0.30 6.40
N ALA A 50 13.27 0.12 5.49
CA ALA A 50 12.93 0.20 4.08
C ALA A 50 13.13 -1.14 3.39
N ASN A 51 14.23 -1.80 3.71
CA ASN A 51 14.54 -3.10 3.12
C ASN A 51 13.88 -4.23 3.89
N MET A 52 12.55 -4.14 4.04
CA MET A 52 11.80 -5.15 4.75
C MET A 52 10.37 -5.24 4.23
N PHE A 53 9.68 -4.11 4.22
CA PHE A 53 8.31 -4.05 3.73
C PHE A 53 8.11 -2.89 2.76
N GLU A 54 8.89 -2.89 1.69
CA GLU A 54 8.81 -1.83 0.68
C GLU A 54 8.66 -2.41 -0.71
N ARG A 55 9.37 -3.51 -0.97
CA ARG A 55 9.31 -4.16 -2.28
C ARG A 55 8.00 -4.93 -2.44
N GLU A 56 7.32 -5.18 -1.32
CA GLU A 56 6.06 -5.90 -1.35
C GLU A 56 4.88 -4.93 -1.42
N VAL A 57 5.16 -3.66 -1.16
CA VAL A 57 4.12 -2.63 -1.19
C VAL A 57 3.64 -2.39 -2.61
N LYS A 58 4.57 -2.06 -3.50
CA LYS A 58 4.25 -1.79 -4.90
C LYS A 58 3.59 -3.01 -5.54
N ASN A 59 3.96 -4.20 -5.06
CA ASN A 59 3.40 -5.44 -5.59
C ASN A 59 1.88 -5.45 -5.49
N ALA A 60 1.36 -4.75 -4.48
CA ALA A 60 -0.08 -4.66 -4.28
C ALA A 60 -0.65 -3.41 -4.93
N MET A 61 0.13 -2.34 -4.96
CA MET A 61 -0.31 -1.09 -5.56
C MET A 61 -0.49 -1.23 -7.06
N ARG A 62 0.41 -1.98 -7.70
CA ARG A 62 0.34 -2.20 -9.14
C ARG A 62 -0.93 -2.94 -9.52
N LYS A 63 -1.56 -3.56 -8.53
CA LYS A 63 -2.79 -4.31 -8.76
C LYS A 63 -4.00 -3.51 -8.29
N TRP A 64 -3.78 -2.58 -7.37
CA TRP A 64 -4.85 -1.75 -6.84
C TRP A 64 -5.64 -1.10 -7.97
N ARG A 65 -6.90 -0.75 -7.68
CA ARG A 65 -7.76 -0.12 -8.67
C ARG A 65 -8.84 0.72 -8.00
N TYR A 66 -8.78 2.03 -8.22
CA TYR A 66 -9.75 2.95 -7.63
C TYR A 66 -10.91 3.20 -8.59
N GLU A 67 -11.90 3.94 -8.12
CA GLU A 67 -13.07 4.27 -8.93
C GLU A 67 -12.67 5.09 -10.16
N ALA A 68 -13.68 5.55 -10.91
CA ALA A 68 -13.43 6.34 -12.09
C ALA A 68 -14.01 7.75 -11.95
N GLY A 69 -13.15 8.75 -12.09
CA GLY A 69 -13.59 10.12 -11.97
C GLY A 69 -13.26 10.73 -10.61
N LYS A 70 -12.19 10.22 -9.99
CA LYS A 70 -11.78 10.71 -8.68
C LYS A 70 -10.29 10.45 -8.46
N PRO A 71 -9.44 11.16 -9.21
CA PRO A 71 -7.98 11.03 -9.10
C PRO A 71 -7.45 11.58 -7.78
N GLY A 72 -6.32 11.03 -7.34
CA GLY A 72 -5.72 11.47 -6.10
C GLY A 72 -4.58 12.44 -6.32
N SER A 73 -3.67 12.09 -7.22
CA SER A 73 -2.52 12.93 -7.52
C SER A 73 -1.62 13.10 -6.30
N GLY A 74 -1.53 12.04 -5.50
CA GLY A 74 -0.71 12.09 -4.30
C GLY A 74 -1.45 11.63 -3.07
N LEU A 75 -1.68 10.33 -2.95
CA LEU A 75 -2.39 9.76 -1.81
C LEU A 75 -1.42 9.30 -0.73
N VAL A 76 -1.95 8.84 0.39
CA VAL A 76 -1.13 8.36 1.49
C VAL A 76 -1.85 7.27 2.29
N VAL A 77 -1.29 6.06 2.25
CA VAL A 77 -1.88 4.94 2.97
C VAL A 77 -0.85 4.28 3.89
N ASN A 78 -1.04 4.46 5.19
CA ASN A 78 -0.14 3.89 6.19
C ASN A 78 -0.19 2.36 6.15
N ILE A 79 0.72 1.76 5.40
CA ILE A 79 0.77 0.30 5.28
C ILE A 79 1.20 -0.34 6.60
N ILE A 80 0.22 -0.74 7.40
CA ILE A 80 0.49 -1.38 8.67
C ILE A 80 0.90 -2.83 8.49
N PHE A 81 1.78 -3.32 9.37
CA PHE A 81 2.23 -4.70 9.31
C PHE A 81 2.12 -5.38 10.67
N ARG A 82 1.37 -6.47 10.71
CA ARG A 82 1.17 -7.21 11.95
C ARG A 82 1.88 -8.56 11.91
N LEU A 83 2.12 -9.15 13.07
CA LEU A 83 2.78 -10.44 13.16
C LEU A 83 1.85 -11.56 12.73
N ASN A 84 0.55 -11.33 12.86
CA ASN A 84 -0.46 -12.32 12.48
C ASN A 84 -0.63 -12.38 10.96
N GLY A 85 -0.40 -11.24 10.31
CA GLY A 85 -0.54 -11.18 8.86
C GLY A 85 -1.72 -10.35 8.42
N THR A 86 -1.64 -9.04 8.67
CA THR A 86 -2.72 -8.13 8.30
C THR A 86 -2.17 -6.74 7.98
N ALA A 87 -3.07 -5.82 7.64
CA ALA A 87 -2.68 -4.45 7.31
C ALA A 87 -3.76 -3.46 7.72
N GLN A 88 -3.53 -2.19 7.43
CA GLN A 88 -4.47 -1.14 7.77
C GLN A 88 -5.87 -1.48 7.26
N ILE A 89 -5.93 -2.13 6.10
CA ILE A 89 -7.20 -2.51 5.50
C ILE A 89 -8.00 -3.40 6.45
N GLU A 90 -9.29 -3.11 6.57
CA GLU A 90 -10.17 -3.88 7.43
C GLU A 90 -10.95 -4.92 6.64
N SER A 1 -16.90 10.60 3.61
CA SER A 1 -15.48 10.41 3.37
C SER A 1 -15.07 10.98 2.02
N THR A 2 -14.58 12.21 2.03
CA THR A 2 -14.16 12.88 0.80
C THR A 2 -12.94 12.18 0.19
N GLY A 3 -12.59 12.57 -1.03
CA GLY A 3 -11.44 11.97 -1.70
C GLY A 3 -11.81 10.72 -2.47
N PRO A 4 -10.79 10.07 -3.06
CA PRO A 4 -10.99 8.84 -3.83
C PRO A 4 -11.37 7.66 -2.96
N ARG A 5 -11.66 6.53 -3.59
CA ARG A 5 -12.04 5.32 -2.87
C ARG A 5 -11.50 4.07 -3.58
N ALA A 6 -10.69 3.30 -2.87
CA ALA A 6 -10.11 2.09 -3.42
C ALA A 6 -11.20 1.04 -3.70
N LEU A 7 -11.21 0.52 -4.92
CA LEU A 7 -12.20 -0.48 -5.31
C LEU A 7 -11.56 -1.86 -5.39
N SER A 8 -10.49 -1.98 -6.16
CA SER A 8 -9.79 -3.26 -6.31
C SER A 8 -8.37 -3.17 -5.76
N ARG A 9 -8.24 -3.37 -4.45
CA ARG A 9 -6.95 -3.32 -3.79
C ARG A 9 -6.68 -4.59 -2.98
N ASN A 10 -5.47 -5.11 -3.10
CA ASN A 10 -5.09 -6.33 -2.38
C ASN A 10 -4.22 -5.99 -1.16
N GLN A 11 -3.69 -7.04 -0.53
CA GLN A 11 -2.84 -6.86 0.64
C GLN A 11 -1.40 -7.27 0.34
N PRO A 12 -0.46 -6.74 1.14
CA PRO A 12 0.97 -7.05 0.97
C PRO A 12 1.30 -8.48 1.36
N GLN A 13 2.26 -9.07 0.65
CA GLN A 13 2.68 -10.43 0.93
C GLN A 13 3.28 -10.56 2.32
N TYR A 14 3.24 -11.76 2.88
CA TYR A 14 3.77 -12.00 4.22
C TYR A 14 4.97 -12.93 4.15
N PRO A 15 6.12 -12.38 3.71
CA PRO A 15 7.37 -13.14 3.59
C PRO A 15 7.96 -13.50 4.94
N ALA A 16 8.38 -14.75 5.10
CA ALA A 16 8.96 -15.22 6.34
C ALA A 16 10.17 -14.36 6.75
N ARG A 17 10.79 -13.73 5.75
CA ARG A 17 11.96 -12.89 6.00
C ARG A 17 11.66 -11.85 7.08
N ALA A 18 10.40 -11.42 7.13
CA ALA A 18 9.99 -10.42 8.11
C ALA A 18 9.34 -11.09 9.32
N GLN A 19 8.58 -12.15 9.08
CA GLN A 19 7.90 -12.87 10.14
C GLN A 19 8.91 -13.43 11.14
N ALA A 20 9.98 -14.03 10.62
CA ALA A 20 11.01 -14.60 11.47
C ALA A 20 11.60 -13.55 12.42
N LEU A 21 11.54 -12.29 12.00
CA LEU A 21 12.05 -11.20 12.81
C LEU A 21 10.95 -10.57 13.64
N ARG A 22 9.71 -10.74 13.20
CA ARG A 22 8.56 -10.18 13.91
C ARG A 22 8.66 -8.67 13.99
N ILE A 23 8.83 -8.02 12.85
CA ILE A 23 8.93 -6.56 12.80
C ILE A 23 7.57 -5.92 12.56
N GLU A 24 7.18 -5.04 13.48
CA GLU A 24 5.90 -4.35 13.38
C GLU A 24 6.10 -2.86 13.11
N GLY A 25 5.80 -2.44 11.88
CA GLY A 25 5.95 -1.04 11.52
C GLY A 25 4.93 -0.60 10.50
N ARG A 26 5.28 0.42 9.71
CA ARG A 26 4.38 0.95 8.70
C ARG A 26 5.15 1.43 7.48
N VAL A 27 4.43 1.74 6.40
CA VAL A 27 5.06 2.22 5.18
C VAL A 27 4.24 3.33 4.54
N LYS A 28 4.77 4.55 4.59
CA LYS A 28 4.10 5.71 4.02
C LYS A 28 4.44 5.87 2.55
N VAL A 29 3.50 5.52 1.68
CA VAL A 29 3.71 5.62 0.24
C VAL A 29 2.77 6.66 -0.37
N LYS A 30 3.23 7.30 -1.45
CA LYS A 30 2.43 8.31 -2.13
C LYS A 30 2.28 7.99 -3.61
N PHE A 31 1.04 7.79 -4.05
CA PHE A 31 0.77 7.48 -5.44
C PHE A 31 -0.31 8.39 -6.02
N ASP A 32 -0.48 8.36 -7.33
CA ASP A 32 -1.47 9.20 -7.99
C ASP A 32 -2.47 8.34 -8.76
N VAL A 33 -3.76 8.57 -8.51
CA VAL A 33 -4.82 7.83 -9.17
C VAL A 33 -5.36 8.59 -10.38
N THR A 34 -5.65 7.86 -11.45
CA THR A 34 -6.18 8.48 -12.67
C THR A 34 -7.70 8.33 -12.73
N SER A 35 -8.32 9.10 -13.63
CA SER A 35 -9.77 9.05 -13.79
C SER A 35 -10.23 7.64 -14.10
N ALA A 36 -9.35 6.84 -14.69
CA ALA A 36 -9.68 5.47 -15.02
C ALA A 36 -9.68 4.57 -13.80
N GLY A 37 -8.90 4.97 -12.78
CA GLY A 37 -8.83 4.21 -11.56
C GLY A 37 -7.55 3.39 -11.47
N ARG A 38 -6.55 3.78 -12.25
CA ARG A 38 -5.27 3.08 -12.26
C ARG A 38 -4.28 3.74 -11.30
N VAL A 39 -3.42 2.93 -10.70
CA VAL A 39 -2.42 3.44 -9.77
C VAL A 39 -1.05 3.55 -10.44
N GLU A 40 -0.55 4.77 -10.53
CA GLU A 40 0.75 5.02 -11.14
C GLU A 40 1.52 6.08 -10.38
N ASN A 41 2.74 6.37 -10.83
CA ASN A 41 3.59 7.38 -10.19
C ASN A 41 3.72 7.09 -8.69
N VAL A 42 3.73 5.81 -8.34
CA VAL A 42 3.87 5.41 -6.95
C VAL A 42 5.29 5.62 -6.44
N GLN A 43 5.43 6.39 -5.38
CA GLN A 43 6.74 6.67 -4.79
C GLN A 43 6.71 6.56 -3.28
N ILE A 44 7.71 5.92 -2.71
CA ILE A 44 7.79 5.74 -1.26
C ILE A 44 8.37 6.99 -0.60
N LEU A 45 7.86 7.30 0.60
CA LEU A 45 8.31 8.46 1.34
C LEU A 45 9.00 8.04 2.64
N SER A 46 8.41 7.05 3.32
CA SER A 46 8.95 6.56 4.58
C SER A 46 8.65 5.07 4.76
N ALA A 47 9.69 4.26 4.70
CA ALA A 47 9.54 2.81 4.86
C ALA A 47 10.68 2.22 5.69
N GLN A 48 10.36 1.88 6.93
CA GLN A 48 11.36 1.31 7.84
C GLN A 48 10.78 0.13 8.61
N PRO A 49 11.59 -0.94 8.74
CA PRO A 49 12.95 -0.99 8.19
C PRO A 49 12.95 -1.05 6.66
N ALA A 50 13.87 -0.32 6.04
CA ALA A 50 13.98 -0.30 4.59
C ALA A 50 14.39 -1.67 4.05
N ASN A 51 13.92 -1.98 2.85
CA ASN A 51 14.24 -3.26 2.23
C ASN A 51 13.72 -4.42 3.08
N MET A 52 12.43 -4.36 3.42
CA MET A 52 11.82 -5.42 4.23
C MET A 52 10.34 -5.57 3.88
N PHE A 53 9.63 -4.44 3.83
CA PHE A 53 8.21 -4.45 3.52
C PHE A 53 7.94 -3.69 2.22
N GLU A 54 8.80 -2.74 1.91
CA GLU A 54 8.65 -1.94 0.70
C GLU A 54 8.60 -2.83 -0.54
N ARG A 55 9.19 -4.01 -0.44
CA ARG A 55 9.22 -4.96 -1.55
C ARG A 55 7.86 -5.64 -1.70
N GLU A 56 7.11 -5.71 -0.60
CA GLU A 56 5.80 -6.35 -0.61
C GLU A 56 4.69 -5.30 -0.63
N VAL A 57 5.01 -4.12 -1.17
CA VAL A 57 4.04 -3.03 -1.25
C VAL A 57 3.76 -2.68 -2.70
N LYS A 58 4.80 -2.31 -3.43
CA LYS A 58 4.67 -1.93 -4.84
C LYS A 58 4.01 -3.06 -5.64
N ASN A 59 4.30 -4.30 -5.26
CA ASN A 59 3.74 -5.45 -5.94
C ASN A 59 2.23 -5.56 -5.68
N ALA A 60 1.78 -4.94 -4.60
CA ALA A 60 0.37 -4.95 -4.25
C ALA A 60 -0.34 -3.70 -4.76
N MET A 61 0.38 -2.58 -4.76
CA MET A 61 -0.18 -1.32 -5.23
C MET A 61 -0.22 -1.27 -6.75
N ARG A 62 0.68 -2.02 -7.38
CA ARG A 62 0.75 -2.06 -8.84
C ARG A 62 -0.50 -2.70 -9.43
N LYS A 63 -1.28 -3.35 -8.58
CA LYS A 63 -2.51 -4.02 -9.02
C LYS A 63 -3.74 -3.29 -8.47
N TRP A 64 -3.52 -2.38 -7.54
CA TRP A 64 -4.61 -1.62 -6.94
C TRP A 64 -5.49 -1.00 -8.02
N ARG A 65 -6.66 -0.51 -7.61
CA ARG A 65 -7.59 0.10 -8.54
C ARG A 65 -8.63 0.94 -7.80
N TYR A 66 -8.49 2.27 -7.90
CA TYR A 66 -9.41 3.18 -7.23
C TYR A 66 -10.62 3.47 -8.10
N GLU A 67 -11.56 4.26 -7.57
CA GLU A 67 -12.76 4.61 -8.31
C GLU A 67 -12.42 5.33 -9.61
N ALA A 68 -13.45 5.71 -10.36
CA ALA A 68 -13.26 6.40 -11.62
C ALA A 68 -13.74 7.85 -11.54
N GLY A 69 -12.98 8.76 -12.14
CA GLY A 69 -13.36 10.16 -12.11
C GLY A 69 -13.05 10.82 -10.78
N LYS A 70 -12.10 10.23 -10.04
CA LYS A 70 -11.71 10.77 -8.74
C LYS A 70 -10.22 10.56 -8.49
N PRO A 71 -9.39 11.28 -9.26
CA PRO A 71 -7.94 11.20 -9.14
C PRO A 71 -7.42 11.81 -7.83
N GLY A 72 -6.36 11.21 -7.29
CA GLY A 72 -5.80 11.70 -6.05
C GLY A 72 -4.65 12.67 -6.27
N SER A 73 -3.73 12.30 -7.15
CA SER A 73 -2.58 13.14 -7.46
C SER A 73 -1.71 13.32 -6.21
N GLY A 74 -1.36 12.22 -5.57
CA GLY A 74 -0.53 12.29 -4.38
C GLY A 74 -1.28 11.88 -3.12
N LEU A 75 -1.64 10.61 -3.03
CA LEU A 75 -2.37 10.10 -1.87
C LEU A 75 -1.41 9.71 -0.75
N VAL A 76 -1.96 9.17 0.33
CA VAL A 76 -1.15 8.75 1.48
C VAL A 76 -1.80 7.58 2.19
N VAL A 77 -1.19 6.40 2.04
CA VAL A 77 -1.70 5.19 2.68
C VAL A 77 -0.62 4.51 3.51
N ASN A 78 -0.89 4.34 4.80
CA ASN A 78 0.06 3.71 5.70
C ASN A 78 -0.15 2.19 5.74
N ILE A 79 0.81 1.46 5.19
CA ILE A 79 0.74 0.00 5.15
C ILE A 79 0.98 -0.59 6.54
N ILE A 80 -0.04 -0.55 7.38
CA ILE A 80 0.06 -1.09 8.74
C ILE A 80 0.20 -2.60 8.71
N PHE A 81 1.19 -3.11 9.46
CA PHE A 81 1.43 -4.54 9.52
C PHE A 81 0.94 -5.12 10.84
N ARG A 82 0.91 -6.44 10.94
CA ARG A 82 0.47 -7.11 12.16
C ARG A 82 1.01 -8.53 12.23
N LEU A 83 1.28 -9.00 13.44
CA LEU A 83 1.82 -10.35 13.64
C LEU A 83 0.71 -11.39 13.52
N ASN A 84 -0.52 -10.98 13.82
CA ASN A 84 -1.66 -11.88 13.74
C ASN A 84 -1.80 -12.47 12.33
N GLY A 85 -1.34 -11.74 11.34
CA GLY A 85 -1.41 -12.20 9.97
C GLY A 85 -2.42 -11.42 9.15
N THR A 86 -2.32 -10.10 9.19
CA THR A 86 -3.23 -9.23 8.45
C THR A 86 -2.57 -7.90 8.09
N ALA A 87 -3.31 -7.02 7.44
CA ALA A 87 -2.80 -5.72 7.06
C ALA A 87 -3.77 -4.61 7.43
N GLN A 88 -3.41 -3.37 7.10
CA GLN A 88 -4.25 -2.22 7.40
C GLN A 88 -5.64 -2.40 6.82
N ILE A 89 -5.74 -3.19 5.75
CA ILE A 89 -7.02 -3.44 5.10
C ILE A 89 -7.94 -4.28 5.99
N GLU A 90 -9.14 -3.76 6.23
CA GLU A 90 -10.12 -4.46 7.07
C GLU A 90 -9.50 -4.83 8.41
N SER A 1 -19.88 11.42 0.49
CA SER A 1 -18.45 11.11 0.47
C SER A 1 -17.69 12.11 -0.39
N THR A 2 -16.36 12.00 -0.39
CA THR A 2 -15.52 12.90 -1.18
C THR A 2 -14.22 12.21 -1.59
N GLY A 3 -13.50 12.82 -2.51
CA GLY A 3 -12.24 12.26 -2.97
C GLY A 3 -12.43 10.91 -3.64
N PRO A 4 -11.32 10.18 -3.83
CA PRO A 4 -11.33 8.86 -4.47
C PRO A 4 -11.99 7.81 -3.58
N ARG A 5 -12.26 6.64 -4.16
CA ARG A 5 -12.89 5.55 -3.43
C ARG A 5 -12.36 4.19 -3.91
N ALA A 6 -11.57 3.55 -3.06
CA ALA A 6 -10.99 2.25 -3.40
C ALA A 6 -12.09 1.20 -3.59
N LEU A 7 -12.05 0.51 -4.72
CA LEU A 7 -13.04 -0.52 -5.02
C LEU A 7 -12.53 -1.89 -4.61
N SER A 8 -11.21 -2.05 -4.57
CA SER A 8 -10.60 -3.32 -4.20
C SER A 8 -9.10 -3.16 -3.99
N ARG A 9 -8.69 -3.13 -2.73
CA ARG A 9 -7.28 -2.97 -2.38
C ARG A 9 -6.70 -4.28 -1.85
N ASN A 10 -5.61 -4.72 -2.46
CA ASN A 10 -4.96 -5.97 -2.04
C ASN A 10 -3.86 -5.69 -1.02
N GLN A 11 -4.11 -6.08 0.23
CA GLN A 11 -3.14 -5.87 1.30
C GLN A 11 -1.77 -6.42 0.91
N PRO A 12 -0.72 -5.88 1.55
CA PRO A 12 0.66 -6.31 1.28
C PRO A 12 0.94 -7.72 1.77
N GLN A 13 1.96 -8.35 1.20
CA GLN A 13 2.33 -9.71 1.58
C GLN A 13 3.75 -9.74 2.15
N TYR A 14 4.11 -10.88 2.73
CA TYR A 14 5.44 -11.05 3.32
C TYR A 14 5.95 -12.47 3.13
N PRO A 15 7.29 -12.62 3.11
CA PRO A 15 7.94 -13.93 2.93
C PRO A 15 7.74 -14.84 4.14
N ALA A 16 8.32 -16.03 4.07
CA ALA A 16 8.21 -16.99 5.16
C ALA A 16 9.38 -16.83 6.15
N ARG A 17 10.51 -16.35 5.64
CA ARG A 17 11.69 -16.15 6.48
C ARG A 17 11.46 -15.03 7.49
N ALA A 18 10.85 -13.94 7.03
CA ALA A 18 10.56 -12.80 7.89
C ALA A 18 9.79 -13.23 9.13
N GLN A 19 8.99 -14.27 8.99
CA GLN A 19 8.19 -14.79 10.09
C GLN A 19 9.07 -15.09 11.31
N ALA A 20 10.23 -15.68 11.05
CA ALA A 20 11.17 -16.01 12.12
C ALA A 20 11.71 -14.76 12.80
N LEU A 21 11.94 -13.71 12.01
CA LEU A 21 12.45 -12.46 12.53
C LEU A 21 11.37 -11.69 13.29
N ARG A 22 10.12 -11.92 12.90
CA ARG A 22 8.99 -11.25 13.54
C ARG A 22 9.08 -9.74 13.36
N ILE A 23 9.31 -9.31 12.13
CA ILE A 23 9.41 -7.88 11.83
C ILE A 23 8.06 -7.31 11.40
N GLU A 24 7.74 -6.13 11.90
CA GLU A 24 6.47 -5.47 11.57
C GLU A 24 6.46 -4.03 12.09
N GLY A 25 5.78 -3.16 11.34
CA GLY A 25 5.71 -1.77 11.74
C GLY A 25 4.76 -0.97 10.86
N ARG A 26 5.32 -0.10 10.02
CA ARG A 26 4.52 0.73 9.13
C ARG A 26 5.40 1.42 8.10
N VAL A 27 4.84 1.63 6.91
CA VAL A 27 5.58 2.28 5.82
C VAL A 27 4.70 3.29 5.09
N LYS A 28 5.23 4.50 4.91
CA LYS A 28 4.49 5.55 4.22
C LYS A 28 4.75 5.51 2.72
N VAL A 29 3.70 5.72 1.93
CA VAL A 29 3.82 5.71 0.48
C VAL A 29 2.88 6.74 -0.15
N LYS A 30 3.27 7.25 -1.30
CA LYS A 30 2.46 8.23 -2.02
C LYS A 30 2.31 7.86 -3.49
N PHE A 31 1.07 7.62 -3.91
CA PHE A 31 0.80 7.26 -5.29
C PHE A 31 -0.21 8.22 -5.93
N ASP A 32 -0.60 7.93 -7.16
CA ASP A 32 -1.56 8.78 -7.87
C ASP A 32 -2.57 7.93 -8.63
N VAL A 33 -3.85 8.21 -8.42
CA VAL A 33 -4.92 7.47 -9.09
C VAL A 33 -5.31 8.14 -10.41
N THR A 34 -5.59 7.32 -11.41
CA THR A 34 -5.97 7.82 -12.73
C THR A 34 -7.47 8.05 -12.81
N SER A 35 -7.94 8.40 -14.00
CA SER A 35 -9.37 8.65 -14.21
C SER A 35 -10.09 7.38 -14.66
N ALA A 36 -9.41 6.25 -14.52
CA ALA A 36 -9.98 4.96 -14.91
C ALA A 36 -10.08 4.03 -13.71
N GLY A 37 -9.20 4.21 -12.73
CA GLY A 37 -9.20 3.37 -11.55
C GLY A 37 -7.97 2.51 -11.43
N ARG A 38 -6.91 2.90 -12.15
CA ARG A 38 -5.66 2.15 -12.13
C ARG A 38 -4.57 2.95 -11.43
N VAL A 39 -4.21 2.52 -10.22
CA VAL A 39 -3.18 3.20 -9.44
C VAL A 39 -1.84 3.18 -10.18
N GLU A 40 -1.12 4.30 -10.14
CA GLU A 40 0.17 4.40 -10.80
C GLU A 40 1.02 5.49 -10.14
N ASN A 41 2.22 5.71 -10.69
CA ASN A 41 3.13 6.71 -10.17
C ASN A 41 3.38 6.49 -8.68
N VAL A 42 3.39 5.22 -8.26
CA VAL A 42 3.62 4.88 -6.86
C VAL A 42 5.05 5.21 -6.44
N GLN A 43 5.17 6.02 -5.40
CA GLN A 43 6.48 6.42 -4.90
C GLN A 43 6.51 6.40 -3.37
N ILE A 44 7.47 5.66 -2.81
CA ILE A 44 7.60 5.55 -1.37
C ILE A 44 7.98 6.89 -0.75
N LEU A 45 7.53 7.12 0.48
CA LEU A 45 7.82 8.36 1.18
C LEU A 45 8.82 8.11 2.32
N SER A 46 8.53 7.11 3.15
CA SER A 46 9.39 6.78 4.28
C SER A 46 9.17 5.35 4.73
N ALA A 47 10.26 4.63 4.96
CA ALA A 47 10.18 3.24 5.40
C ALA A 47 11.40 2.85 6.23
N GLN A 48 11.16 2.23 7.37
CA GLN A 48 12.25 1.81 8.26
C GLN A 48 11.86 0.56 9.03
N PRO A 49 12.48 -0.57 8.68
CA PRO A 49 13.49 -0.62 7.62
C PRO A 49 12.87 -0.42 6.23
N ALA A 50 13.62 0.26 5.36
CA ALA A 50 13.14 0.52 4.00
C ALA A 50 13.54 -0.61 3.06
N ASN A 51 14.27 -1.59 3.58
CA ASN A 51 14.71 -2.73 2.79
C ASN A 51 13.94 -3.98 3.17
N MET A 52 12.75 -3.80 3.72
CA MET A 52 11.91 -4.92 4.12
C MET A 52 10.52 -4.82 3.49
N PHE A 53 9.70 -3.92 4.01
CA PHE A 53 8.35 -3.72 3.50
C PHE A 53 8.27 -2.47 2.63
N GLU A 54 9.15 -2.41 1.63
CA GLU A 54 9.17 -1.26 0.72
C GLU A 54 9.08 -1.72 -0.73
N ARG A 55 9.73 -2.83 -1.04
CA ARG A 55 9.72 -3.38 -2.39
C ARG A 55 8.43 -4.14 -2.66
N GLU A 56 7.71 -4.48 -1.59
CA GLU A 56 6.46 -5.22 -1.71
C GLU A 56 5.27 -4.27 -1.70
N VAL A 57 5.52 -3.03 -1.31
CA VAL A 57 4.47 -2.02 -1.26
C VAL A 57 4.03 -1.60 -2.66
N LYS A 58 5.00 -1.17 -3.47
CA LYS A 58 4.73 -0.75 -4.83
C LYS A 58 4.17 -1.89 -5.66
N ASN A 59 4.47 -3.12 -5.25
CA ASN A 59 3.99 -4.30 -5.96
C ASN A 59 2.49 -4.50 -5.73
N ALA A 60 2.00 -4.02 -4.58
CA ALA A 60 0.58 -4.14 -4.26
C ALA A 60 -0.21 -2.95 -4.78
N MET A 61 0.42 -1.79 -4.79
CA MET A 61 -0.22 -0.57 -5.27
C MET A 61 -0.60 -0.70 -6.74
N ARG A 62 0.27 -1.33 -7.51
CA ARG A 62 0.02 -1.53 -8.94
C ARG A 62 -1.19 -2.42 -9.16
N LYS A 63 -1.61 -3.12 -8.12
CA LYS A 63 -2.75 -4.02 -8.20
C LYS A 63 -4.01 -3.35 -7.61
N TRP A 64 -3.80 -2.38 -6.74
CA TRP A 64 -4.90 -1.66 -6.11
C TRP A 64 -5.88 -1.15 -7.16
N ARG A 65 -7.17 -1.34 -6.90
CA ARG A 65 -8.22 -0.91 -7.81
C ARG A 65 -9.07 0.19 -7.18
N TYR A 66 -8.96 1.40 -7.74
CA TYR A 66 -9.72 2.53 -7.23
C TYR A 66 -10.80 2.95 -8.21
N GLU A 67 -11.68 3.85 -7.78
CA GLU A 67 -12.77 4.33 -8.63
C GLU A 67 -12.22 5.10 -9.82
N ALA A 68 -13.13 5.52 -10.71
CA ALA A 68 -12.73 6.27 -11.89
C ALA A 68 -13.16 7.72 -11.79
N GLY A 69 -12.58 8.57 -12.63
CA GLY A 69 -12.91 9.98 -12.61
C GLY A 69 -12.66 10.62 -11.26
N LYS A 70 -11.78 10.01 -10.48
CA LYS A 70 -11.45 10.53 -9.15
C LYS A 70 -9.98 10.30 -8.83
N PRO A 71 -9.10 11.01 -9.55
CA PRO A 71 -7.65 10.91 -9.35
C PRO A 71 -7.20 11.50 -8.03
N GLY A 72 -6.13 10.94 -7.46
CA GLY A 72 -5.62 11.43 -6.20
C GLY A 72 -4.50 12.45 -6.38
N SER A 73 -3.55 12.13 -7.26
CA SER A 73 -2.43 13.02 -7.52
C SER A 73 -1.58 13.21 -6.26
N GLY A 74 -1.26 12.10 -5.60
CA GLY A 74 -0.46 12.16 -4.39
C GLY A 74 -1.25 11.79 -3.16
N LEU A 75 -1.60 10.51 -3.05
CA LEU A 75 -2.36 10.02 -1.90
C LEU A 75 -1.44 9.69 -0.73
N VAL A 76 -2.02 9.21 0.36
CA VAL A 76 -1.25 8.85 1.55
C VAL A 76 -1.89 7.68 2.27
N VAL A 77 -1.24 6.52 2.20
CA VAL A 77 -1.73 5.31 2.86
C VAL A 77 -0.66 4.68 3.73
N ASN A 78 -0.96 4.52 5.02
CA ASN A 78 -0.03 3.93 5.96
C ASN A 78 -0.09 2.40 5.90
N ILE A 79 1.00 1.78 5.44
CA ILE A 79 1.07 0.34 5.33
C ILE A 79 1.23 -0.31 6.71
N ILE A 80 0.13 -0.34 7.47
CA ILE A 80 0.15 -0.94 8.80
C ILE A 80 0.40 -2.44 8.73
N PHE A 81 1.37 -2.90 9.51
CA PHE A 81 1.71 -4.32 9.54
C PHE A 81 1.46 -4.91 10.92
N ARG A 82 1.12 -6.19 10.96
CA ARG A 82 0.85 -6.88 12.22
C ARG A 82 1.28 -8.34 12.16
N LEU A 83 1.66 -8.89 13.30
CA LEU A 83 2.10 -10.28 13.37
C LEU A 83 0.91 -11.23 13.28
N ASN A 84 -0.25 -10.75 13.70
CA ASN A 84 -1.46 -11.56 13.67
C ASN A 84 -1.72 -12.11 12.27
N GLY A 85 -1.26 -11.38 11.25
CA GLY A 85 -1.44 -11.82 9.89
C GLY A 85 -2.50 -11.01 9.17
N THR A 86 -2.44 -9.68 9.32
CA THR A 86 -3.42 -8.81 8.68
C THR A 86 -2.79 -7.44 8.38
N ALA A 87 -3.50 -6.64 7.59
CA ALA A 87 -3.03 -5.32 7.23
C ALA A 87 -4.08 -4.25 7.53
N GLN A 88 -3.77 -3.01 7.17
CA GLN A 88 -4.68 -1.90 7.41
C GLN A 88 -6.08 -2.21 6.87
N ILE A 89 -6.13 -3.02 5.82
CA ILE A 89 -7.40 -3.40 5.21
C ILE A 89 -8.37 -3.94 6.25
N GLU A 90 -9.55 -3.33 6.32
CA GLU A 90 -10.57 -3.75 7.28
C GLU A 90 -11.20 -5.07 6.86
N SER A 1 -17.28 9.16 1.19
CA SER A 1 -16.11 10.03 1.23
C SER A 1 -15.96 10.80 -0.08
N THR A 2 -15.94 12.13 0.01
CA THR A 2 -15.80 12.98 -1.16
C THR A 2 -14.57 12.57 -1.98
N GLY A 3 -13.48 12.24 -1.28
CA GLY A 3 -12.26 11.85 -1.95
C GLY A 3 -12.45 10.60 -2.80
N PRO A 4 -11.33 10.00 -3.22
CA PRO A 4 -11.35 8.78 -4.05
C PRO A 4 -11.83 7.56 -3.27
N ARG A 5 -12.26 6.54 -4.01
CA ARG A 5 -12.76 5.31 -3.39
C ARG A 5 -12.16 4.08 -4.08
N ALA A 6 -11.27 3.39 -3.36
CA ALA A 6 -10.63 2.20 -3.90
C ALA A 6 -11.66 1.13 -4.25
N LEU A 7 -11.62 0.65 -5.48
CA LEU A 7 -12.55 -0.37 -5.94
C LEU A 7 -11.93 -1.77 -5.83
N SER A 8 -10.81 -1.96 -6.52
CA SER A 8 -10.12 -3.25 -6.49
C SER A 8 -8.73 -3.11 -5.88
N ARG A 9 -8.64 -3.37 -4.59
CA ARG A 9 -7.37 -3.28 -3.88
C ARG A 9 -7.14 -4.51 -2.99
N ASN A 10 -5.96 -5.10 -3.09
CA ASN A 10 -5.62 -6.28 -2.30
C ASN A 10 -4.57 -5.94 -1.25
N GLN A 11 -4.82 -6.36 -0.02
CA GLN A 11 -3.90 -6.12 1.08
C GLN A 11 -2.48 -6.56 0.71
N PRO A 12 -1.49 -5.97 1.39
CA PRO A 12 -0.07 -6.29 1.15
C PRO A 12 0.30 -7.69 1.63
N GLN A 13 1.50 -8.14 1.27
CA GLN A 13 1.96 -9.46 1.67
C GLN A 13 3.25 -9.36 2.47
N TYR A 14 3.66 -10.47 3.08
CA TYR A 14 4.87 -10.51 3.87
C TYR A 14 5.59 -11.85 3.73
N PRO A 15 6.91 -11.84 3.94
CA PRO A 15 7.73 -13.05 3.83
C PRO A 15 7.47 -14.04 4.95
N ALA A 16 8.29 -15.07 5.05
CA ALA A 16 8.14 -16.10 6.07
C ALA A 16 9.23 -15.96 7.14
N ARG A 17 10.41 -15.53 6.71
CA ARG A 17 11.54 -15.37 7.62
C ARG A 17 11.25 -14.27 8.64
N ALA A 18 10.55 -13.22 8.21
CA ALA A 18 10.21 -12.11 9.08
C ALA A 18 9.48 -12.59 10.33
N GLN A 19 8.81 -13.74 10.22
CA GLN A 19 8.08 -14.30 11.34
C GLN A 19 8.96 -14.42 12.56
N ALA A 20 10.19 -14.88 12.36
CA ALA A 20 11.15 -15.04 13.46
C ALA A 20 11.89 -13.73 13.73
N LEU A 21 11.99 -12.89 12.71
CA LEU A 21 12.67 -11.61 12.85
C LEU A 21 11.95 -10.70 13.84
N ARG A 22 10.65 -10.92 13.98
CA ARG A 22 9.84 -10.12 14.90
C ARG A 22 9.83 -8.65 14.47
N ILE A 23 9.38 -8.40 13.25
CA ILE A 23 9.31 -7.05 12.72
C ILE A 23 7.94 -6.75 12.14
N GLU A 24 7.31 -5.68 12.62
CA GLU A 24 5.99 -5.29 12.14
C GLU A 24 6.10 -4.38 10.93
N GLY A 25 5.51 -4.80 9.81
CA GLY A 25 5.54 -3.99 8.61
C GLY A 25 4.90 -2.63 8.78
N ARG A 26 5.44 -1.63 8.11
CA ARG A 26 4.90 -0.27 8.19
C ARG A 26 5.63 0.66 7.22
N VAL A 27 4.95 1.01 6.13
CA VAL A 27 5.53 1.90 5.13
C VAL A 27 4.51 2.94 4.67
N LYS A 28 4.98 4.15 4.41
CA LYS A 28 4.12 5.24 3.96
C LYS A 28 4.40 5.59 2.51
N VAL A 29 3.56 5.12 1.60
CA VAL A 29 3.72 5.39 0.18
C VAL A 29 2.68 6.39 -0.31
N LYS A 30 3.04 7.16 -1.34
CA LYS A 30 2.13 8.15 -1.90
C LYS A 30 2.03 7.99 -3.41
N PHE A 31 0.83 7.68 -3.90
CA PHE A 31 0.61 7.50 -5.34
C PHE A 31 -0.48 8.44 -5.83
N ASP A 32 -0.69 8.46 -7.14
CA ASP A 32 -1.70 9.31 -7.75
C ASP A 32 -2.67 8.49 -8.60
N VAL A 33 -3.96 8.75 -8.41
CA VAL A 33 -4.99 8.03 -9.16
C VAL A 33 -5.44 8.83 -10.38
N THR A 34 -5.61 8.14 -11.51
CA THR A 34 -6.04 8.79 -12.74
C THR A 34 -7.55 8.76 -12.88
N SER A 35 -8.06 9.49 -13.87
CA SER A 35 -9.50 9.55 -14.10
C SER A 35 -10.07 8.16 -14.36
N ALA A 36 -9.22 7.26 -14.85
CA ALA A 36 -9.64 5.89 -15.14
C ALA A 36 -9.64 5.05 -13.88
N GLY A 37 -8.85 5.44 -12.89
CA GLY A 37 -8.78 4.71 -11.64
C GLY A 37 -7.60 3.76 -11.59
N ARG A 38 -6.60 4.00 -12.43
CA ARG A 38 -5.42 3.16 -12.48
C ARG A 38 -4.27 3.78 -11.68
N VAL A 39 -3.95 3.18 -10.56
CA VAL A 39 -2.87 3.67 -9.70
C VAL A 39 -1.59 3.86 -10.50
N GLU A 40 -1.01 5.06 -10.40
CA GLU A 40 0.22 5.37 -11.11
C GLU A 40 1.05 6.39 -10.33
N ASN A 41 2.26 6.67 -10.83
CA ASN A 41 3.16 7.62 -10.18
C ASN A 41 3.34 7.27 -8.71
N VAL A 42 3.31 5.98 -8.40
CA VAL A 42 3.48 5.52 -7.02
C VAL A 42 4.95 5.55 -6.62
N GLN A 43 5.24 6.26 -5.53
CA GLN A 43 6.60 6.36 -5.03
C GLN A 43 6.64 6.30 -3.50
N ILE A 44 7.56 5.52 -2.98
CA ILE A 44 7.70 5.37 -1.53
C ILE A 44 8.28 6.64 -0.90
N LEU A 45 7.85 6.93 0.32
CA LEU A 45 8.33 8.11 1.04
C LEU A 45 9.06 7.72 2.32
N SER A 46 8.43 6.90 3.14
CA SER A 46 9.01 6.45 4.38
C SER A 46 8.80 4.95 4.58
N ALA A 47 9.88 4.18 4.40
CA ALA A 47 9.81 2.73 4.55
C ALA A 47 10.89 2.23 5.49
N GLN A 48 10.51 1.99 6.75
CA GLN A 48 11.44 1.51 7.75
C GLN A 48 10.84 0.35 8.55
N PRO A 49 11.68 -0.67 8.82
CA PRO A 49 13.07 -0.70 8.39
C PRO A 49 13.21 -0.86 6.88
N ALA A 50 14.16 -0.13 6.29
CA ALA A 50 14.39 -0.20 4.85
C ALA A 50 14.78 -1.61 4.42
N ASN A 51 14.43 -1.97 3.19
CA ASN A 51 14.74 -3.28 2.66
C ASN A 51 14.20 -4.38 3.58
N MET A 52 12.90 -4.31 3.86
CA MET A 52 12.26 -5.31 4.73
C MET A 52 10.79 -5.49 4.35
N PHE A 53 10.11 -4.37 4.11
CA PHE A 53 8.70 -4.41 3.74
C PHE A 53 8.37 -3.33 2.72
N GLU A 54 9.25 -3.18 1.72
CA GLU A 54 9.06 -2.18 0.68
C GLU A 54 8.91 -2.84 -0.68
N ARG A 55 9.53 -4.00 -0.85
CA ARG A 55 9.46 -4.73 -2.11
C ARG A 55 8.12 -5.41 -2.27
N GLU A 56 7.44 -5.65 -1.15
CA GLU A 56 6.13 -6.30 -1.17
C GLU A 56 5.01 -5.28 -1.04
N VAL A 57 5.29 -4.06 -1.47
CA VAL A 57 4.31 -2.98 -1.41
C VAL A 57 3.81 -2.60 -2.80
N LYS A 58 4.74 -2.16 -3.65
CA LYS A 58 4.40 -1.77 -5.01
C LYS A 58 3.74 -2.92 -5.76
N ASN A 59 4.04 -4.14 -5.33
CA ASN A 59 3.47 -5.33 -5.97
C ASN A 59 1.95 -5.34 -5.83
N ALA A 60 1.45 -4.82 -4.72
CA ALA A 60 0.02 -4.77 -4.47
C ALA A 60 -0.59 -3.47 -5.00
N MET A 61 0.24 -2.43 -5.08
CA MET A 61 -0.22 -1.13 -5.57
C MET A 61 -0.44 -1.17 -7.08
N ARG A 62 0.43 -1.88 -7.79
CA ARG A 62 0.33 -1.99 -9.24
C ARG A 62 -0.98 -2.68 -9.64
N LYS A 63 -1.59 -3.36 -8.68
CA LYS A 63 -2.85 -4.06 -8.94
C LYS A 63 -4.04 -3.23 -8.45
N TRP A 64 -3.79 -2.35 -7.48
CA TRP A 64 -4.84 -1.50 -6.94
C TRP A 64 -5.58 -0.77 -8.05
N ARG A 65 -6.86 -0.49 -7.80
CA ARG A 65 -7.68 0.21 -8.79
C ARG A 65 -8.78 1.03 -8.10
N TYR A 66 -8.70 2.35 -8.26
CA TYR A 66 -9.68 3.25 -7.65
C TYR A 66 -10.82 3.54 -8.62
N GLU A 67 -11.78 4.34 -8.16
CA GLU A 67 -12.93 4.69 -8.98
C GLU A 67 -12.51 5.56 -10.17
N ALA A 68 -13.48 5.93 -11.00
CA ALA A 68 -13.20 6.76 -12.17
C ALA A 68 -13.74 8.18 -11.97
N GLY A 69 -12.92 9.16 -12.34
CA GLY A 69 -13.33 10.56 -12.20
C GLY A 69 -13.09 11.08 -10.80
N LYS A 70 -12.19 10.44 -10.06
CA LYS A 70 -11.88 10.85 -8.71
C LYS A 70 -10.40 10.63 -8.39
N PRO A 71 -9.53 11.41 -9.03
CA PRO A 71 -8.08 11.30 -8.84
C PRO A 71 -7.65 11.79 -7.46
N GLY A 72 -6.57 11.20 -6.94
CA GLY A 72 -6.07 11.58 -5.64
C GLY A 72 -5.00 12.66 -5.71
N SER A 73 -4.10 12.52 -6.68
CA SER A 73 -3.02 13.49 -6.85
C SER A 73 -2.11 13.51 -5.63
N GLY A 74 -1.96 12.35 -4.99
CA GLY A 74 -1.12 12.26 -3.81
C GLY A 74 -1.83 11.63 -2.64
N LEU A 75 -1.93 10.30 -2.66
CA LEU A 75 -2.59 9.56 -1.59
C LEU A 75 -1.60 9.17 -0.50
N VAL A 76 -2.10 8.55 0.56
CA VAL A 76 -1.26 8.12 1.66
C VAL A 76 -1.81 6.86 2.33
N VAL A 77 -1.12 5.74 2.13
CA VAL A 77 -1.54 4.48 2.72
C VAL A 77 -0.42 3.84 3.53
N ASN A 78 -0.69 3.59 4.81
CA ASN A 78 0.29 2.99 5.71
C ASN A 78 0.21 1.47 5.67
N ILE A 79 1.25 0.83 5.15
CA ILE A 79 1.28 -0.62 5.06
C ILE A 79 1.56 -1.24 6.43
N ILE A 80 0.57 -1.16 7.32
CA ILE A 80 0.71 -1.73 8.65
C ILE A 80 0.50 -3.23 8.63
N PHE A 81 1.29 -3.95 9.42
CA PHE A 81 1.20 -5.40 9.51
C PHE A 81 1.05 -5.86 10.95
N ARG A 82 -0.05 -6.56 11.23
CA ARG A 82 -0.32 -7.06 12.58
C ARG A 82 0.24 -8.46 12.77
N LEU A 83 0.92 -8.68 13.88
CA LEU A 83 1.51 -9.98 14.18
C LEU A 83 0.44 -11.07 14.19
N ASN A 84 -0.80 -10.68 14.46
CA ASN A 84 -1.91 -11.62 14.49
C ASN A 84 -2.11 -12.28 13.13
N GLY A 85 -1.93 -11.50 12.07
CA GLY A 85 -2.08 -12.02 10.74
C GLY A 85 -3.01 -11.17 9.89
N THR A 86 -2.78 -9.87 9.89
CA THR A 86 -3.60 -8.93 9.12
C THR A 86 -2.81 -7.70 8.71
N ALA A 87 -3.48 -6.77 8.04
CA ALA A 87 -2.84 -5.54 7.60
C ALA A 87 -3.74 -4.33 7.84
N GLN A 88 -3.32 -3.18 7.34
CA GLN A 88 -4.08 -1.95 7.49
C GLN A 88 -5.52 -2.14 7.01
N ILE A 89 -5.70 -3.02 6.04
CA ILE A 89 -7.02 -3.30 5.49
C ILE A 89 -7.97 -3.82 6.56
N GLU A 90 -8.86 -2.97 7.03
CA GLU A 90 -9.82 -3.35 8.06
C GLU A 90 -11.08 -3.95 7.43
N SER A 1 -16.00 10.33 6.02
CA SER A 1 -14.97 9.75 5.16
C SER A 1 -14.49 10.77 4.12
N THR A 2 -13.23 10.66 3.73
CA THR A 2 -12.65 11.57 2.76
C THR A 2 -11.70 10.83 1.82
N GLY A 3 -11.52 11.36 0.62
CA GLY A 3 -10.65 10.74 -0.36
C GLY A 3 -11.39 9.91 -1.38
N PRO A 4 -10.64 9.25 -2.27
CA PRO A 4 -11.23 8.40 -3.32
C PRO A 4 -11.86 7.13 -2.75
N ARG A 5 -12.24 6.23 -3.64
CA ARG A 5 -12.86 4.97 -3.23
C ARG A 5 -12.26 3.79 -4.00
N ALA A 6 -11.32 3.09 -3.35
CA ALA A 6 -10.66 1.95 -3.98
C ALA A 6 -11.66 0.83 -4.25
N LEU A 7 -11.72 0.38 -5.49
CA LEU A 7 -12.63 -0.68 -5.89
C LEU A 7 -11.96 -2.04 -5.76
N SER A 8 -10.84 -2.23 -6.45
CA SER A 8 -10.11 -3.49 -6.41
C SER A 8 -8.73 -3.29 -5.79
N ARG A 9 -8.62 -3.57 -4.50
CA ARG A 9 -7.36 -3.42 -3.78
C ARG A 9 -7.12 -4.62 -2.87
N ASN A 10 -5.93 -5.22 -2.98
CA ASN A 10 -5.57 -6.37 -2.17
C ASN A 10 -4.56 -5.97 -1.09
N GLN A 11 -4.41 -6.83 -0.09
CA GLN A 11 -3.48 -6.57 1.00
C GLN A 11 -2.06 -6.92 0.59
N PRO A 12 -1.07 -6.37 1.32
CA PRO A 12 0.35 -6.60 1.05
C PRO A 12 0.77 -8.02 1.39
N GLN A 13 2.07 -8.29 1.26
CA GLN A 13 2.59 -9.62 1.55
C GLN A 13 3.90 -9.53 2.34
N TYR A 14 4.45 -10.68 2.70
CA TYR A 14 5.70 -10.72 3.46
C TYR A 14 6.54 -11.92 3.05
N PRO A 15 7.87 -11.81 3.23
CA PRO A 15 8.81 -12.87 2.89
C PRO A 15 8.68 -14.08 3.82
N ALA A 16 9.62 -15.02 3.69
CA ALA A 16 9.62 -16.22 4.53
C ALA A 16 10.80 -16.22 5.48
N ARG A 17 11.30 -15.03 5.81
CA ARG A 17 12.44 -14.90 6.71
C ARG A 17 12.08 -14.00 7.90
N ALA A 18 11.35 -12.94 7.62
CA ALA A 18 10.95 -12.00 8.67
C ALA A 18 10.17 -12.71 9.77
N GLN A 19 9.54 -13.83 9.42
CA GLN A 19 8.75 -14.59 10.38
C GLN A 19 9.60 -14.96 11.60
N ALA A 20 10.91 -15.05 11.41
CA ALA A 20 11.83 -15.38 12.50
C ALA A 20 12.34 -14.12 13.19
N LEU A 21 12.37 -13.02 12.44
CA LEU A 21 12.84 -11.74 12.99
C LEU A 21 11.76 -11.08 13.83
N ARG A 22 10.50 -11.32 13.47
CA ARG A 22 9.38 -10.74 14.20
C ARG A 22 9.45 -9.21 14.20
N ILE A 23 9.52 -8.63 13.01
CA ILE A 23 9.60 -7.18 12.88
C ILE A 23 8.25 -6.60 12.50
N GLU A 24 7.81 -5.59 13.25
CA GLU A 24 6.53 -4.94 12.99
C GLU A 24 6.70 -3.43 12.83
N GLY A 25 6.13 -2.89 11.76
CA GLY A 25 6.24 -1.46 11.52
C GLY A 25 5.20 -0.97 10.53
N ARG A 26 5.52 0.10 9.81
CA ARG A 26 4.60 0.68 8.85
C ARG A 26 5.36 1.25 7.64
N VAL A 27 4.62 1.53 6.57
CA VAL A 27 5.22 2.08 5.36
C VAL A 27 4.31 3.12 4.71
N LYS A 28 4.81 4.36 4.66
CA LYS A 28 4.04 5.46 4.07
C LYS A 28 4.36 5.60 2.59
N VAL A 29 3.43 5.16 1.75
CA VAL A 29 3.61 5.24 0.30
C VAL A 29 2.66 6.27 -0.31
N LYS A 30 3.08 6.87 -1.42
CA LYS A 30 2.27 7.88 -2.10
C LYS A 30 2.11 7.52 -3.58
N PHE A 31 0.87 7.29 -3.99
CA PHE A 31 0.58 6.95 -5.38
C PHE A 31 -0.38 7.96 -6.00
N ASP A 32 -0.65 7.80 -7.30
CA ASP A 32 -1.56 8.69 -8.00
C ASP A 32 -2.61 7.90 -8.77
N VAL A 33 -3.87 8.26 -8.57
CA VAL A 33 -4.98 7.59 -9.24
C VAL A 33 -5.46 8.39 -10.44
N THR A 34 -5.62 7.70 -11.58
CA THR A 34 -6.07 8.35 -12.81
C THR A 34 -7.60 8.43 -12.84
N SER A 35 -8.11 9.29 -13.73
CA SER A 35 -9.55 9.47 -13.86
C SER A 35 -10.23 8.16 -14.27
N ALA A 36 -9.44 7.25 -14.82
CA ALA A 36 -9.96 5.95 -15.26
C ALA A 36 -9.99 4.97 -14.09
N GLY A 37 -9.18 5.22 -13.08
CA GLY A 37 -9.12 4.35 -11.92
C GLY A 37 -7.90 3.44 -11.93
N ARG A 38 -6.90 3.80 -12.74
CA ARG A 38 -5.69 3.02 -12.84
C ARG A 38 -4.54 3.68 -12.07
N VAL A 39 -4.29 3.19 -10.86
CA VAL A 39 -3.22 3.74 -10.03
C VAL A 39 -1.88 3.71 -10.76
N GLU A 40 -1.05 4.71 -10.50
CA GLU A 40 0.26 4.79 -11.13
C GLU A 40 1.15 5.80 -10.41
N ASN A 41 2.36 5.98 -10.92
CA ASN A 41 3.31 6.92 -10.32
C ASN A 41 3.53 6.59 -8.84
N VAL A 42 3.49 5.31 -8.52
CA VAL A 42 3.68 4.87 -7.14
C VAL A 42 5.11 5.13 -6.67
N GLN A 43 5.25 5.86 -5.57
CA GLN A 43 6.56 6.19 -5.03
C GLN A 43 6.54 6.15 -3.50
N ILE A 44 7.55 5.52 -2.93
CA ILE A 44 7.66 5.41 -1.47
C ILE A 44 8.21 6.69 -0.86
N LEU A 45 7.78 7.00 0.36
CA LEU A 45 8.23 8.19 1.05
C LEU A 45 8.96 7.82 2.34
N SER A 46 8.33 6.97 3.15
CA SER A 46 8.93 6.53 4.42
C SER A 46 8.68 5.04 4.64
N ALA A 47 9.76 4.28 4.69
CA ALA A 47 9.67 2.84 4.91
C ALA A 47 10.84 2.33 5.74
N GLN A 48 10.58 2.07 7.01
CA GLN A 48 11.62 1.59 7.93
C GLN A 48 11.10 0.44 8.78
N PRO A 49 11.93 -0.59 8.97
CA PRO A 49 13.28 -0.63 8.39
C PRO A 49 13.26 -0.80 6.88
N ALA A 50 14.13 -0.09 6.19
CA ALA A 50 14.21 -0.16 4.74
C ALA A 50 14.57 -1.57 4.28
N ASN A 51 14.12 -1.93 3.08
CA ASN A 51 14.38 -3.26 2.53
C ASN A 51 13.87 -4.35 3.46
N MET A 52 12.59 -4.24 3.84
CA MET A 52 11.97 -5.22 4.71
C MET A 52 10.48 -5.34 4.45
N PHE A 53 9.81 -4.18 4.34
CA PHE A 53 8.38 -4.16 4.09
C PHE A 53 8.05 -3.16 2.97
N GLU A 54 9.02 -2.94 2.09
CA GLU A 54 8.83 -2.01 0.97
C GLU A 54 8.72 -2.76 -0.36
N ARG A 55 9.33 -3.95 -0.40
CA ARG A 55 9.29 -4.77 -1.60
C ARG A 55 7.92 -5.40 -1.81
N GLU A 56 7.16 -5.49 -0.73
CA GLU A 56 5.82 -6.08 -0.79
C GLU A 56 4.75 -4.99 -0.76
N VAL A 57 5.10 -3.81 -1.27
CA VAL A 57 4.18 -2.68 -1.32
C VAL A 57 3.73 -2.39 -2.74
N LYS A 58 4.68 -2.05 -3.59
CA LYS A 58 4.38 -1.74 -4.99
C LYS A 58 3.75 -2.94 -5.69
N ASN A 59 4.06 -4.14 -5.20
CA ASN A 59 3.53 -5.37 -5.77
C ASN A 59 2.01 -5.41 -5.62
N ALA A 60 1.50 -4.75 -4.60
CA ALA A 60 0.07 -4.72 -4.34
C ALA A 60 -0.55 -3.43 -4.88
N MET A 61 0.26 -2.39 -5.00
CA MET A 61 -0.21 -1.10 -5.50
C MET A 61 -0.45 -1.16 -7.00
N ARG A 62 0.44 -1.86 -7.71
CA ARG A 62 0.32 -1.98 -9.16
C ARG A 62 -0.96 -2.71 -9.54
N LYS A 63 -1.55 -3.40 -8.57
CA LYS A 63 -2.79 -4.15 -8.80
C LYS A 63 -4.00 -3.33 -8.34
N TRP A 64 -3.78 -2.42 -7.41
CA TRP A 64 -4.84 -1.59 -6.88
C TRP A 64 -5.59 -0.88 -8.01
N ARG A 65 -6.88 -0.66 -7.82
CA ARG A 65 -7.70 0.01 -8.82
C ARG A 65 -8.85 0.78 -8.17
N TYR A 66 -8.85 2.09 -8.36
CA TYR A 66 -9.90 2.94 -7.79
C TYR A 66 -11.01 3.19 -8.81
N GLU A 67 -12.00 3.99 -8.39
CA GLU A 67 -13.12 4.32 -9.27
C GLU A 67 -12.67 5.20 -10.44
N ALA A 68 -13.64 5.68 -11.21
CA ALA A 68 -13.34 6.54 -12.34
C ALA A 68 -13.99 7.91 -12.18
N GLY A 69 -13.16 8.96 -12.17
CA GLY A 69 -13.66 10.30 -12.03
C GLY A 69 -13.26 10.94 -10.71
N LYS A 70 -12.29 10.33 -10.04
CA LYS A 70 -11.80 10.83 -8.76
C LYS A 70 -10.31 10.56 -8.60
N PRO A 71 -9.48 11.26 -9.38
CA PRO A 71 -8.02 11.11 -9.34
C PRO A 71 -7.43 11.65 -8.05
N GLY A 72 -6.37 11.00 -7.57
CA GLY A 72 -5.72 11.43 -6.35
C GLY A 72 -4.58 12.40 -6.62
N SER A 73 -3.67 12.02 -7.50
CA SER A 73 -2.52 12.85 -7.83
C SER A 73 -1.63 13.06 -6.62
N GLY A 74 -1.44 12.00 -5.83
CA GLY A 74 -0.61 12.09 -4.65
C GLY A 74 -1.37 11.71 -3.39
N LEU A 75 -1.50 10.42 -3.15
CA LEU A 75 -2.21 9.93 -1.97
C LEU A 75 -1.23 9.59 -0.85
N VAL A 76 -1.77 9.14 0.29
CA VAL A 76 -0.94 8.77 1.43
C VAL A 76 -1.60 7.68 2.25
N VAL A 77 -0.94 6.52 2.32
CA VAL A 77 -1.46 5.39 3.08
C VAL A 77 -0.37 4.75 3.93
N ASN A 78 -0.76 4.24 5.10
CA ASN A 78 0.19 3.60 6.00
C ASN A 78 0.01 2.08 5.99
N ILE A 79 0.95 1.39 5.37
CA ILE A 79 0.90 -0.07 5.29
C ILE A 79 1.17 -0.70 6.65
N ILE A 80 0.14 -0.78 7.48
CA ILE A 80 0.26 -1.36 8.80
C ILE A 80 0.41 -2.88 8.73
N PHE A 81 1.37 -3.42 9.47
CA PHE A 81 1.62 -4.86 9.49
C PHE A 81 1.33 -5.44 10.86
N ARG A 82 0.46 -6.44 10.90
CA ARG A 82 0.10 -7.10 12.15
C ARG A 82 0.36 -8.59 12.09
N LEU A 83 1.15 -9.09 13.04
CA LEU A 83 1.49 -10.50 13.10
C LEU A 83 0.24 -11.37 13.09
N ASN A 84 -0.85 -10.81 13.61
CA ASN A 84 -2.13 -11.53 13.66
C ASN A 84 -2.52 -12.04 12.28
N GLY A 85 -2.12 -11.32 11.25
CA GLY A 85 -2.44 -11.71 9.89
C GLY A 85 -3.43 -10.77 9.23
N THR A 86 -3.23 -9.48 9.42
CA THR A 86 -4.11 -8.47 8.84
C THR A 86 -3.36 -7.17 8.57
N ALA A 87 -3.87 -6.38 7.63
CA ALA A 87 -3.25 -5.12 7.27
C ALA A 87 -4.14 -3.94 7.66
N GLN A 88 -3.78 -2.75 7.20
CA GLN A 88 -4.54 -1.54 7.50
C GLN A 88 -5.96 -1.66 6.95
N ILE A 89 -6.10 -2.32 5.81
CA ILE A 89 -7.40 -2.49 5.18
C ILE A 89 -8.34 -3.28 6.08
N GLU A 90 -9.39 -2.60 6.57
CA GLU A 90 -10.37 -3.24 7.45
C GLU A 90 -11.45 -3.94 6.63
N SER A 1 -15.62 7.74 4.82
CA SER A 1 -14.27 8.26 4.69
C SER A 1 -14.11 9.08 3.41
N THR A 2 -13.61 10.29 3.54
CA THR A 2 -13.40 11.17 2.40
C THR A 2 -12.33 10.61 1.47
N GLY A 3 -12.25 11.18 0.26
CA GLY A 3 -11.25 10.73 -0.70
C GLY A 3 -11.87 9.96 -1.85
N PRO A 4 -11.02 9.29 -2.65
CA PRO A 4 -11.47 8.50 -3.80
C PRO A 4 -12.23 7.25 -3.39
N ARG A 5 -12.51 6.39 -4.36
CA ARG A 5 -13.23 5.15 -4.10
C ARG A 5 -12.49 3.95 -4.67
N ALA A 6 -11.95 3.11 -3.78
CA ALA A 6 -11.22 1.93 -4.19
C ALA A 6 -12.16 0.84 -4.67
N LEU A 7 -11.89 0.31 -5.86
CA LEU A 7 -12.73 -0.74 -6.43
C LEU A 7 -12.11 -2.12 -6.18
N SER A 8 -10.85 -2.28 -6.57
CA SER A 8 -10.15 -3.54 -6.40
C SER A 8 -8.77 -3.31 -5.80
N ARG A 9 -8.66 -3.48 -4.48
CA ARG A 9 -7.39 -3.29 -3.78
C ARG A 9 -7.14 -4.43 -2.81
N ASN A 10 -5.95 -5.01 -2.88
CA ASN A 10 -5.58 -6.12 -2.00
C ASN A 10 -4.67 -5.64 -0.88
N GLN A 11 -4.14 -6.58 -0.11
CA GLN A 11 -3.25 -6.25 1.01
C GLN A 11 -1.83 -6.73 0.73
N PRO A 12 -0.86 -6.11 1.41
CA PRO A 12 0.56 -6.46 1.26
C PRO A 12 0.89 -7.83 1.85
N GLN A 13 1.91 -8.46 1.31
CA GLN A 13 2.33 -9.78 1.79
C GLN A 13 3.70 -9.71 2.46
N TYR A 14 4.15 -10.84 2.99
CA TYR A 14 5.44 -10.91 3.66
C TYR A 14 6.11 -12.25 3.41
N PRO A 15 7.46 -12.26 3.48
CA PRO A 15 8.25 -13.48 3.27
C PRO A 15 8.08 -14.49 4.39
N ALA A 16 8.83 -15.58 4.32
CA ALA A 16 8.78 -16.62 5.34
C ALA A 16 10.03 -16.61 6.21
N ARG A 17 10.68 -15.46 6.28
CA ARG A 17 11.89 -15.33 7.08
C ARG A 17 11.74 -14.25 8.15
N ALA A 18 11.04 -13.17 7.79
CA ALA A 18 10.81 -12.06 8.71
C ALA A 18 10.13 -12.55 9.99
N GLN A 19 9.41 -13.66 9.88
CA GLN A 19 8.71 -14.23 11.04
C GLN A 19 9.67 -14.49 12.19
N ALA A 20 10.87 -14.97 11.85
CA ALA A 20 11.88 -15.26 12.86
C ALA A 20 12.31 -13.99 13.59
N LEU A 21 12.58 -12.94 12.83
CA LEU A 21 13.00 -11.67 13.40
C LEU A 21 11.85 -10.99 14.15
N ARG A 22 10.62 -11.25 13.69
CA ARG A 22 9.44 -10.68 14.32
C ARG A 22 9.48 -9.15 14.26
N ILE A 23 9.68 -8.61 13.06
CA ILE A 23 9.73 -7.17 12.87
C ILE A 23 8.34 -6.58 12.63
N GLU A 24 8.08 -5.44 13.25
CA GLU A 24 6.79 -4.78 13.10
C GLU A 24 6.96 -3.29 12.84
N GLY A 25 6.20 -2.76 11.89
CA GLY A 25 6.28 -1.35 11.57
C GLY A 25 5.22 -0.92 10.57
N ARG A 26 5.54 0.08 9.77
CA ARG A 26 4.60 0.59 8.77
C ARG A 26 5.34 1.32 7.65
N VAL A 27 4.67 1.48 6.51
CA VAL A 27 5.26 2.15 5.37
C VAL A 27 4.32 3.21 4.81
N LYS A 28 4.87 4.38 4.49
CA LYS A 28 4.08 5.48 3.94
C LYS A 28 4.37 5.68 2.46
N VAL A 29 3.47 5.20 1.62
CA VAL A 29 3.64 5.32 0.18
C VAL A 29 2.71 6.40 -0.39
N LYS A 30 3.16 7.04 -1.46
CA LYS A 30 2.37 8.10 -2.10
C LYS A 30 2.19 7.81 -3.59
N PHE A 31 0.94 7.64 -4.02
CA PHE A 31 0.64 7.36 -5.41
C PHE A 31 -0.42 8.33 -5.94
N ASP A 32 -0.59 8.35 -7.26
CA ASP A 32 -1.57 9.23 -7.89
C ASP A 32 -2.59 8.41 -8.68
N VAL A 33 -3.86 8.69 -8.45
CA VAL A 33 -4.94 7.99 -9.14
C VAL A 33 -5.45 8.81 -10.33
N THR A 34 -5.80 8.11 -11.42
CA THR A 34 -6.29 8.77 -12.61
C THR A 34 -7.81 8.83 -12.61
N SER A 35 -8.39 9.34 -13.70
CA SER A 35 -9.84 9.46 -13.82
C SER A 35 -10.43 8.24 -14.50
N ALA A 36 -9.65 7.16 -14.55
CA ALA A 36 -10.10 5.92 -15.18
C ALA A 36 -10.12 4.77 -14.18
N GLY A 37 -9.23 4.84 -13.19
CA GLY A 37 -9.16 3.80 -12.19
C GLY A 37 -7.81 3.09 -12.17
N ARG A 38 -6.80 3.75 -12.72
CA ARG A 38 -5.46 3.18 -12.78
C ARG A 38 -4.53 3.89 -11.80
N VAL A 39 -3.74 3.12 -11.06
CA VAL A 39 -2.81 3.68 -10.09
C VAL A 39 -1.41 3.80 -10.68
N GLU A 40 -0.84 5.00 -10.58
CA GLU A 40 0.50 5.26 -11.11
C GLU A 40 1.24 6.26 -10.23
N ASN A 41 2.49 6.53 -10.59
CA ASN A 41 3.33 7.46 -9.84
C ASN A 41 3.44 7.03 -8.37
N VAL A 42 3.57 5.72 -8.16
CA VAL A 42 3.69 5.18 -6.82
C VAL A 42 5.13 5.31 -6.30
N GLN A 43 5.32 6.26 -5.38
CA GLN A 43 6.64 6.50 -4.81
C GLN A 43 6.59 6.41 -3.28
N ILE A 44 7.59 5.76 -2.69
CA ILE A 44 7.66 5.62 -1.25
C ILE A 44 8.17 6.90 -0.59
N LEU A 45 7.69 7.16 0.62
CA LEU A 45 8.10 8.35 1.36
C LEU A 45 8.84 7.97 2.63
N SER A 46 8.19 7.17 3.47
CA SER A 46 8.79 6.73 4.73
C SER A 46 8.61 5.22 4.92
N ALA A 47 9.70 4.48 4.75
CA ALA A 47 9.67 3.04 4.90
C ALA A 47 10.84 2.54 5.75
N GLN A 48 10.55 2.21 7.01
CA GLN A 48 11.57 1.72 7.91
C GLN A 48 11.06 0.54 8.73
N PRO A 49 11.93 -0.46 8.92
CA PRO A 49 13.29 -0.45 8.37
C PRO A 49 13.31 -0.58 6.85
N ALA A 50 14.19 0.18 6.21
CA ALA A 50 14.30 0.15 4.76
C ALA A 50 14.69 -1.25 4.27
N ASN A 51 14.27 -1.57 3.05
CA ASN A 51 14.56 -2.88 2.47
C ASN A 51 14.05 -4.00 3.36
N MET A 52 12.77 -3.93 3.70
CA MET A 52 12.15 -4.94 4.55
C MET A 52 10.65 -5.05 4.26
N PHE A 53 9.99 -3.91 4.11
CA PHE A 53 8.56 -3.89 3.83
C PHE A 53 8.25 -2.92 2.69
N GLU A 54 9.12 -2.90 1.68
CA GLU A 54 8.94 -2.03 0.53
C GLU A 54 8.74 -2.84 -0.74
N ARG A 55 9.27 -4.05 -0.76
CA ARG A 55 9.15 -4.93 -1.92
C ARG A 55 7.75 -5.53 -2.01
N GLU A 56 7.06 -5.57 -0.88
CA GLU A 56 5.71 -6.11 -0.83
C GLU A 56 4.66 -5.00 -0.78
N VAL A 57 5.03 -3.83 -1.31
CA VAL A 57 4.14 -2.67 -1.34
C VAL A 57 3.72 -2.33 -2.76
N LYS A 58 4.71 -2.02 -3.60
CA LYS A 58 4.45 -1.66 -4.98
C LYS A 58 3.77 -2.82 -5.71
N ASN A 59 4.01 -4.04 -5.24
CA ASN A 59 3.42 -5.23 -5.86
C ASN A 59 1.92 -5.25 -5.67
N ALA A 60 1.45 -4.59 -4.60
CA ALA A 60 0.01 -4.54 -4.31
C ALA A 60 -0.62 -3.31 -4.94
N MET A 61 0.17 -2.25 -5.10
CA MET A 61 -0.32 -1.02 -5.69
C MET A 61 -0.55 -1.19 -7.19
N ARG A 62 0.35 -1.91 -7.84
CA ARG A 62 0.24 -2.15 -9.28
C ARG A 62 -1.03 -2.93 -9.61
N LYS A 63 -1.62 -3.55 -8.59
CA LYS A 63 -2.84 -4.33 -8.77
C LYS A 63 -4.06 -3.51 -8.36
N TRP A 64 -3.85 -2.54 -7.49
CA TRP A 64 -4.94 -1.69 -7.00
C TRP A 64 -5.72 -1.10 -8.17
N ARG A 65 -6.99 -0.78 -7.93
CA ARG A 65 -7.85 -0.21 -8.96
C ARG A 65 -8.93 0.67 -8.34
N TYR A 66 -8.79 1.98 -8.54
CA TYR A 66 -9.76 2.93 -8.00
C TYR A 66 -10.88 3.22 -9.00
N GLU A 67 -11.84 4.04 -8.60
CA GLU A 67 -12.95 4.38 -9.46
C GLU A 67 -12.48 5.18 -10.68
N ALA A 68 -13.43 5.59 -11.51
CA ALA A 68 -13.11 6.38 -12.71
C ALA A 68 -13.72 7.76 -12.63
N GLY A 69 -12.86 8.77 -12.48
CA GLY A 69 -13.34 10.14 -12.40
C GLY A 69 -13.11 10.75 -11.04
N LYS A 70 -12.07 10.30 -10.35
CA LYS A 70 -11.76 10.80 -9.02
C LYS A 70 -10.27 10.61 -8.70
N PRO A 71 -9.41 11.40 -9.35
CA PRO A 71 -7.96 11.33 -9.15
C PRO A 71 -7.55 11.84 -7.77
N GLY A 72 -6.49 11.25 -7.22
CA GLY A 72 -6.00 11.66 -5.92
C GLY A 72 -4.92 12.71 -6.01
N SER A 73 -3.98 12.50 -6.92
CA SER A 73 -2.88 13.45 -7.09
C SER A 73 -2.01 13.51 -5.84
N GLY A 74 -1.69 12.35 -5.28
CA GLY A 74 -0.87 12.29 -4.09
C GLY A 74 -1.63 11.74 -2.89
N LEU A 75 -1.84 10.42 -2.90
CA LEU A 75 -2.55 9.77 -1.81
C LEU A 75 -1.58 9.29 -0.73
N VAL A 76 -2.14 8.77 0.36
CA VAL A 76 -1.32 8.29 1.47
C VAL A 76 -2.01 7.13 2.20
N VAL A 77 -1.39 5.95 2.14
CA VAL A 77 -1.94 4.77 2.80
C VAL A 77 -0.93 4.15 3.75
N ASN A 78 -1.19 4.28 5.05
CA ASN A 78 -0.30 3.74 6.07
C ASN A 78 -0.33 2.21 6.04
N ILE A 79 0.76 1.61 5.58
CA ILE A 79 0.86 0.16 5.52
C ILE A 79 1.09 -0.44 6.90
N ILE A 80 0.06 -0.43 7.73
CA ILE A 80 0.14 -0.98 9.07
C ILE A 80 0.38 -2.48 9.04
N PHE A 81 1.32 -2.94 9.84
CA PHE A 81 1.64 -4.37 9.91
C PHE A 81 1.26 -4.95 11.27
N ARG A 82 0.82 -6.20 11.26
CA ARG A 82 0.41 -6.88 12.49
C ARG A 82 0.76 -8.36 12.44
N LEU A 83 1.52 -8.81 13.44
CA LEU A 83 1.93 -10.21 13.51
C LEU A 83 0.71 -11.14 13.46
N ASN A 84 -0.43 -10.63 13.90
CA ASN A 84 -1.66 -11.40 13.91
C ASN A 84 -1.92 -12.02 12.54
N GLY A 85 -1.48 -11.34 11.49
CA GLY A 85 -1.68 -11.83 10.14
C GLY A 85 -2.71 -11.03 9.37
N THR A 86 -2.71 -9.71 9.60
CA THR A 86 -3.65 -8.83 8.92
C THR A 86 -3.05 -7.45 8.70
N ALA A 87 -3.66 -6.67 7.81
CA ALA A 87 -3.18 -5.34 7.51
C ALA A 87 -4.24 -4.29 7.85
N GLN A 88 -3.96 -3.04 7.50
CA GLN A 88 -4.88 -1.94 7.78
C GLN A 88 -6.25 -2.20 7.14
N ILE A 89 -6.26 -3.03 6.09
CA ILE A 89 -7.49 -3.35 5.40
C ILE A 89 -8.56 -3.84 6.37
N GLU A 90 -9.73 -3.21 6.30
CA GLU A 90 -10.84 -3.58 7.17
C GLU A 90 -11.68 -4.69 6.56
N SER A 1 -18.75 12.30 -1.39
CA SER A 1 -18.07 13.02 -2.47
C SER A 1 -16.96 13.91 -1.92
N THR A 2 -16.10 13.32 -1.09
CA THR A 2 -14.99 14.06 -0.49
C THR A 2 -13.66 13.67 -1.12
N GLY A 3 -13.53 12.38 -1.46
CA GLY A 3 -12.30 11.90 -2.07
C GLY A 3 -12.51 10.64 -2.89
N PRO A 4 -11.41 10.04 -3.34
CA PRO A 4 -11.46 8.81 -4.14
C PRO A 4 -11.91 7.60 -3.32
N ARG A 5 -12.14 6.49 -4.01
CA ARG A 5 -12.58 5.26 -3.35
C ARG A 5 -11.97 4.04 -4.01
N ALA A 6 -11.23 3.25 -3.23
CA ALA A 6 -10.58 2.05 -3.73
C ALA A 6 -11.61 0.97 -4.06
N LEU A 7 -11.51 0.42 -5.27
CA LEU A 7 -12.44 -0.63 -5.71
C LEU A 7 -11.77 -2.00 -5.65
N SER A 8 -10.67 -2.15 -6.37
CA SER A 8 -9.95 -3.41 -6.40
C SER A 8 -8.57 -3.26 -5.76
N ARG A 9 -8.52 -3.45 -4.45
CA ARG A 9 -7.27 -3.33 -3.71
C ARG A 9 -7.03 -4.56 -2.84
N ASN A 10 -5.82 -5.11 -2.91
CA ASN A 10 -5.47 -6.29 -2.12
C ASN A 10 -4.49 -5.94 -1.01
N GLN A 11 -4.61 -6.64 0.11
CA GLN A 11 -3.73 -6.39 1.25
C GLN A 11 -2.28 -6.74 0.91
N PRO A 12 -1.33 -6.10 1.62
CA PRO A 12 0.10 -6.33 1.40
C PRO A 12 0.54 -7.71 1.86
N GLN A 13 1.32 -8.38 1.02
CA GLN A 13 1.82 -9.71 1.34
C GLN A 13 3.15 -9.63 2.08
N TYR A 14 3.65 -10.79 2.50
CA TYR A 14 4.92 -10.86 3.23
C TYR A 14 5.69 -12.12 2.86
N PRO A 15 7.02 -12.06 2.99
CA PRO A 15 7.90 -13.19 2.69
C PRO A 15 7.76 -14.33 3.70
N ALA A 16 8.63 -15.32 3.59
CA ALA A 16 8.59 -16.47 4.48
C ALA A 16 9.87 -16.55 5.32
N ARG A 17 10.52 -15.41 5.52
CA ARG A 17 11.75 -15.36 6.29
C ARG A 17 11.63 -14.35 7.43
N ALA A 18 10.94 -13.25 7.17
CA ALA A 18 10.74 -12.20 8.18
C ALA A 18 10.03 -12.76 9.40
N GLN A 19 9.27 -13.83 9.21
CA GLN A 19 8.53 -14.45 10.30
C GLN A 19 9.46 -14.77 11.47
N ALA A 20 10.67 -15.21 11.16
CA ALA A 20 11.66 -15.55 12.18
C ALA A 20 12.32 -14.30 12.74
N LEU A 21 12.34 -13.24 11.94
CA LEU A 21 12.93 -11.97 12.36
C LEU A 21 12.01 -11.22 13.32
N ARG A 22 10.72 -11.49 13.20
CA ARG A 22 9.73 -10.84 14.06
C ARG A 22 9.70 -9.33 13.81
N ILE A 23 9.59 -8.94 12.55
CA ILE A 23 9.55 -7.53 12.18
C ILE A 23 8.16 -7.10 11.75
N GLU A 24 7.78 -5.87 12.10
CA GLU A 24 6.47 -5.34 11.75
C GLU A 24 6.36 -3.87 12.10
N GLY A 25 5.86 -3.07 11.16
CA GLY A 25 5.72 -1.65 11.39
C GLY A 25 4.73 -1.00 10.43
N ARG A 26 5.11 0.15 9.89
CA ARG A 26 4.26 0.88 8.96
C ARG A 26 5.06 1.41 7.78
N VAL A 27 4.38 1.70 6.67
CA VAL A 27 5.03 2.22 5.48
C VAL A 27 4.17 3.28 4.80
N LYS A 28 4.65 4.51 4.79
CA LYS A 28 3.94 5.62 4.17
C LYS A 28 4.30 5.74 2.69
N VAL A 29 3.32 5.50 1.82
CA VAL A 29 3.54 5.60 0.39
C VAL A 29 2.62 6.64 -0.24
N LYS A 30 3.07 7.24 -1.34
CA LYS A 30 2.29 8.25 -2.04
C LYS A 30 2.17 7.91 -3.52
N PHE A 31 0.94 7.69 -3.98
CA PHE A 31 0.69 7.36 -5.37
C PHE A 31 -0.37 8.28 -5.97
N ASP A 32 -0.55 8.19 -7.27
CA ASP A 32 -1.53 9.01 -7.98
C ASP A 32 -2.54 8.15 -8.73
N VAL A 33 -3.82 8.45 -8.56
CA VAL A 33 -4.87 7.69 -9.24
C VAL A 33 -5.32 8.39 -10.50
N THR A 34 -5.42 7.64 -11.59
CA THR A 34 -5.84 8.19 -12.87
C THR A 34 -7.36 8.19 -13.01
N SER A 35 -7.87 8.94 -13.98
CA SER A 35 -9.30 9.03 -14.21
C SER A 35 -9.90 7.64 -14.43
N ALA A 36 -9.08 6.72 -14.91
CA ALA A 36 -9.53 5.35 -15.16
C ALA A 36 -9.58 4.54 -13.88
N GLY A 37 -8.77 4.95 -12.90
CA GLY A 37 -8.74 4.24 -11.63
C GLY A 37 -7.52 3.34 -11.49
N ARG A 38 -6.50 3.60 -12.32
CA ARG A 38 -5.28 2.81 -12.28
C ARG A 38 -4.20 3.49 -11.45
N VAL A 39 -3.64 2.75 -10.49
CA VAL A 39 -2.60 3.30 -9.63
C VAL A 39 -1.27 3.36 -10.35
N GLU A 40 -0.68 4.56 -10.38
CA GLU A 40 0.60 4.77 -11.05
C GLU A 40 1.42 5.85 -10.34
N ASN A 41 2.61 6.11 -10.85
CA ASN A 41 3.49 7.11 -10.27
C ASN A 41 3.67 6.87 -8.78
N VAL A 42 3.66 5.60 -8.37
CA VAL A 42 3.83 5.23 -6.98
C VAL A 42 5.21 5.64 -6.46
N GLN A 43 5.21 6.43 -5.39
CA GLN A 43 6.46 6.90 -4.80
C GLN A 43 6.46 6.71 -3.29
N ILE A 44 7.52 6.10 -2.76
CA ILE A 44 7.63 5.86 -1.33
C ILE A 44 8.18 7.08 -0.61
N LEU A 45 7.69 7.31 0.60
CA LEU A 45 8.13 8.45 1.41
C LEU A 45 8.78 7.98 2.70
N SER A 46 8.14 7.03 3.38
CA SER A 46 8.66 6.50 4.63
C SER A 46 8.48 4.99 4.71
N ALA A 47 9.53 4.28 5.07
CA ALA A 47 9.48 2.82 5.17
C ALA A 47 10.68 2.29 5.96
N GLN A 48 10.42 1.84 7.18
CA GLN A 48 11.48 1.30 8.03
C GLN A 48 11.01 0.06 8.77
N PRO A 49 11.87 -0.95 8.86
CA PRO A 49 13.22 -0.89 8.27
C PRO A 49 13.19 -0.92 6.74
N ALA A 50 14.04 -0.11 6.13
CA ALA A 50 14.11 -0.03 4.67
C ALA A 50 14.51 -1.37 4.07
N ASN A 51 14.03 -1.64 2.86
CA ASN A 51 14.35 -2.89 2.18
C ASN A 51 13.88 -4.09 3.00
N MET A 52 12.61 -4.07 3.38
CA MET A 52 12.03 -5.16 4.16
C MET A 52 10.53 -5.30 3.88
N PHE A 53 9.82 -4.18 3.91
CA PHE A 53 8.39 -4.18 3.66
C PHE A 53 8.05 -3.35 2.42
N GLU A 54 8.86 -2.33 2.17
CA GLU A 54 8.64 -1.46 1.02
C GLU A 54 8.53 -2.27 -0.27
N ARG A 55 9.44 -3.22 -0.44
CA ARG A 55 9.44 -4.07 -1.63
C ARG A 55 8.16 -4.90 -1.71
N GLU A 56 7.50 -5.07 -0.57
CA GLU A 56 6.27 -5.84 -0.52
C GLU A 56 5.06 -4.92 -0.46
N VAL A 57 5.21 -3.71 -0.99
CA VAL A 57 4.12 -2.73 -1.00
C VAL A 57 3.75 -2.34 -2.42
N LYS A 58 4.76 -1.97 -3.22
CA LYS A 58 4.53 -1.58 -4.60
C LYS A 58 3.88 -2.71 -5.39
N ASN A 59 4.11 -3.94 -4.95
CA ASN A 59 3.55 -5.11 -5.62
C ASN A 59 2.03 -5.12 -5.51
N ALA A 60 1.52 -4.58 -4.40
CA ALA A 60 0.08 -4.53 -4.17
C ALA A 60 -0.53 -3.27 -4.76
N MET A 61 0.27 -2.19 -4.80
CA MET A 61 -0.19 -0.93 -5.34
C MET A 61 -0.39 -1.01 -6.85
N ARG A 62 0.52 -1.70 -7.52
CA ARG A 62 0.45 -1.86 -8.97
C ARG A 62 -0.83 -2.61 -9.37
N LYS A 63 -1.43 -3.28 -8.41
CA LYS A 63 -2.65 -4.04 -8.65
C LYS A 63 -3.88 -3.27 -8.19
N TRP A 64 -3.68 -2.36 -7.25
CA TRP A 64 -4.76 -1.54 -6.73
C TRP A 64 -5.54 -0.87 -7.85
N ARG A 65 -6.82 -0.63 -7.63
CA ARG A 65 -7.67 0.00 -8.63
C ARG A 65 -8.75 0.86 -7.97
N TYR A 66 -8.61 2.18 -8.09
CA TYR A 66 -9.57 3.10 -7.50
C TYR A 66 -10.72 3.38 -8.46
N GLU A 67 -11.71 4.14 -8.00
CA GLU A 67 -12.86 4.48 -8.81
C GLU A 67 -12.43 5.22 -10.08
N ALA A 68 -13.40 5.57 -10.91
CA ALA A 68 -13.11 6.28 -12.15
C ALA A 68 -13.64 7.72 -12.10
N GLY A 69 -12.76 8.67 -12.38
CA GLY A 69 -13.14 10.07 -12.34
C GLY A 69 -12.89 10.72 -11.00
N LYS A 70 -11.95 10.16 -10.25
CA LYS A 70 -11.61 10.68 -8.93
C LYS A 70 -10.12 10.49 -8.63
N PRO A 71 -9.27 11.22 -9.37
CA PRO A 71 -7.81 11.14 -9.20
C PRO A 71 -7.34 11.75 -7.89
N GLY A 72 -6.31 11.15 -7.29
CA GLY A 72 -5.78 11.65 -6.04
C GLY A 72 -4.69 12.67 -6.23
N SER A 73 -3.77 12.39 -7.16
CA SER A 73 -2.66 13.28 -7.43
C SER A 73 -1.77 13.44 -6.20
N GLY A 74 -1.40 12.31 -5.60
CA GLY A 74 -0.55 12.34 -4.42
C GLY A 74 -1.29 11.93 -3.17
N LEU A 75 -1.72 10.68 -3.12
CA LEU A 75 -2.45 10.15 -1.96
C LEU A 75 -1.48 9.80 -0.83
N VAL A 76 -2.04 9.31 0.28
CA VAL A 76 -1.23 8.93 1.44
C VAL A 76 -1.88 7.79 2.20
N VAL A 77 -1.18 6.67 2.29
CA VAL A 77 -1.69 5.51 3.01
C VAL A 77 -0.63 4.91 3.92
N ASN A 78 -1.06 4.42 5.08
CA ASN A 78 -0.14 3.82 6.04
C ASN A 78 -0.27 2.30 6.05
N ILE A 79 0.64 1.63 5.36
CA ILE A 79 0.63 0.17 5.29
C ILE A 79 1.00 -0.45 6.64
N ILE A 80 0.01 -0.58 7.51
CA ILE A 80 0.24 -1.16 8.83
C ILE A 80 0.48 -2.66 8.74
N PHE A 81 1.43 -3.15 9.52
CA PHE A 81 1.76 -4.57 9.53
C PHE A 81 1.53 -5.18 10.91
N ARG A 82 1.32 -6.49 10.95
CA ARG A 82 1.09 -7.19 12.21
C ARG A 82 1.48 -8.66 12.09
N LEU A 83 1.83 -9.26 13.23
CA LEU A 83 2.23 -10.66 13.26
C LEU A 83 1.02 -11.58 13.40
N ASN A 84 -0.05 -11.05 13.99
CA ASN A 84 -1.27 -11.81 14.19
C ASN A 84 -1.74 -12.44 12.88
N GLY A 85 -1.43 -11.77 11.77
CA GLY A 85 -1.83 -12.28 10.47
C GLY A 85 -2.89 -11.42 9.81
N THR A 86 -2.78 -10.10 9.99
CA THR A 86 -3.73 -9.17 9.41
C THR A 86 -3.08 -7.83 9.10
N ALA A 87 -3.72 -7.04 8.25
CA ALA A 87 -3.20 -5.73 7.88
C ALA A 87 -4.22 -4.63 8.16
N GLN A 88 -3.90 -3.41 7.77
CA GLN A 88 -4.79 -2.27 7.98
C GLN A 88 -6.16 -2.56 7.39
N ILE A 89 -6.20 -3.32 6.30
CA ILE A 89 -7.46 -3.66 5.66
C ILE A 89 -8.47 -4.23 6.66
N GLU A 90 -9.73 -3.84 6.51
CA GLU A 90 -10.78 -4.31 7.40
C GLU A 90 -11.65 -5.36 6.71
N SER A 1 -17.86 9.77 2.69
CA SER A 1 -16.41 9.86 2.80
C SER A 1 -15.84 10.66 1.64
N THR A 2 -14.92 11.58 1.96
CA THR A 2 -14.29 12.42 0.95
C THR A 2 -13.11 11.70 0.30
N GLY A 3 -12.61 12.27 -0.79
CA GLY A 3 -11.49 11.68 -1.49
C GLY A 3 -11.90 10.48 -2.33
N PRO A 4 -10.92 9.82 -2.95
CA PRO A 4 -11.16 8.66 -3.81
C PRO A 4 -11.59 7.43 -3.00
N ARG A 5 -11.86 6.33 -3.70
CA ARG A 5 -12.29 5.10 -3.04
C ARG A 5 -11.67 3.89 -3.73
N ALA A 6 -10.90 3.11 -2.97
CA ALA A 6 -10.26 1.92 -3.49
C ALA A 6 -11.28 0.83 -3.81
N LEU A 7 -11.23 0.31 -5.03
CA LEU A 7 -12.15 -0.74 -5.46
C LEU A 7 -11.48 -2.11 -5.42
N SER A 8 -10.39 -2.25 -6.15
CA SER A 8 -9.66 -3.52 -6.19
C SER A 8 -8.24 -3.34 -5.64
N ARG A 9 -8.10 -3.48 -4.34
CA ARG A 9 -6.80 -3.34 -3.68
C ARG A 9 -6.47 -4.58 -2.85
N ASN A 10 -5.28 -5.13 -3.07
CA ASN A 10 -4.84 -6.30 -2.33
C ASN A 10 -3.98 -5.93 -1.14
N GLN A 11 -3.87 -6.84 -0.17
CA GLN A 11 -3.07 -6.59 1.02
C GLN A 11 -1.60 -6.91 0.78
N PRO A 12 -0.72 -6.25 1.54
CA PRO A 12 0.73 -6.46 1.41
C PRO A 12 1.17 -7.83 1.92
N GLN A 13 1.74 -8.63 1.03
CA GLN A 13 2.20 -9.96 1.39
C GLN A 13 3.51 -9.90 2.18
N TYR A 14 3.98 -11.05 2.63
CA TYR A 14 5.22 -11.12 3.39
C TYR A 14 5.97 -12.41 3.09
N PRO A 15 7.30 -12.37 3.28
CA PRO A 15 8.16 -13.53 3.03
C PRO A 15 7.95 -14.65 4.05
N ALA A 16 8.82 -15.65 4.01
CA ALA A 16 8.73 -16.77 4.95
C ALA A 16 9.91 -16.78 5.90
N ARG A 17 10.52 -15.61 6.11
CA ARG A 17 11.66 -15.49 7.01
C ARG A 17 11.38 -14.49 8.12
N ALA A 18 10.64 -13.43 7.79
CA ALA A 18 10.29 -12.41 8.76
C ALA A 18 9.50 -12.99 9.92
N GLN A 19 8.84 -14.11 9.68
CA GLN A 19 8.04 -14.77 10.71
C GLN A 19 8.86 -15.00 11.98
N ALA A 20 10.17 -15.16 11.80
CA ALA A 20 11.06 -15.38 12.94
C ALA A 20 11.62 -14.06 13.44
N LEU A 21 11.73 -13.08 12.55
CA LEU A 21 12.26 -11.77 12.91
C LEU A 21 11.24 -10.97 13.71
N ARG A 22 9.97 -11.23 13.46
CA ARG A 22 8.89 -10.53 14.16
C ARG A 22 8.97 -9.02 13.91
N ILE A 23 9.13 -8.64 12.66
CA ILE A 23 9.22 -7.23 12.29
C ILE A 23 7.84 -6.59 12.23
N GLU A 24 7.71 -5.42 12.85
CA GLU A 24 6.44 -4.70 12.87
C GLU A 24 6.67 -3.19 12.80
N GLY A 25 5.84 -2.51 12.02
CA GLY A 25 5.96 -1.07 11.88
C GLY A 25 4.94 -0.49 10.93
N ARG A 26 5.41 0.31 9.98
CA ARG A 26 4.52 0.94 9.00
C ARG A 26 5.32 1.59 7.88
N VAL A 27 4.63 1.97 6.81
CA VAL A 27 5.28 2.60 5.67
C VAL A 27 4.40 3.69 5.07
N LYS A 28 5.03 4.77 4.63
CA LYS A 28 4.31 5.89 4.04
C LYS A 28 4.56 5.97 2.53
N VAL A 29 3.54 5.59 1.75
CA VAL A 29 3.65 5.61 0.30
C VAL A 29 2.79 6.71 -0.30
N LYS A 30 3.20 7.23 -1.44
CA LYS A 30 2.47 8.29 -2.12
C LYS A 30 2.31 7.98 -3.61
N PHE A 31 1.06 7.87 -4.05
CA PHE A 31 0.77 7.57 -5.45
C PHE A 31 -0.31 8.52 -6.00
N ASP A 32 -0.69 8.31 -7.25
CA ASP A 32 -1.70 9.13 -7.88
C ASP A 32 -2.71 8.27 -8.65
N VAL A 33 -3.99 8.51 -8.41
CA VAL A 33 -5.05 7.75 -9.06
C VAL A 33 -5.48 8.43 -10.36
N THR A 34 -5.77 7.63 -11.38
CA THR A 34 -6.19 8.16 -12.67
C THR A 34 -7.71 8.11 -12.81
N SER A 35 -8.23 8.81 -13.80
CA SER A 35 -9.67 8.86 -14.04
C SER A 35 -10.22 7.45 -14.29
N ALA A 36 -9.37 6.56 -14.78
CA ALA A 36 -9.76 5.19 -15.05
C ALA A 36 -9.74 4.34 -13.78
N GLY A 37 -8.92 4.76 -12.82
CA GLY A 37 -8.82 4.03 -11.57
C GLY A 37 -7.55 3.20 -11.49
N ARG A 38 -6.56 3.54 -12.31
CA ARG A 38 -5.30 2.82 -12.33
C ARG A 38 -4.25 3.53 -11.48
N VAL A 39 -3.61 2.79 -10.59
CA VAL A 39 -2.58 3.35 -9.71
C VAL A 39 -1.28 3.56 -10.47
N GLU A 40 -0.86 4.82 -10.59
CA GLU A 40 0.37 5.16 -11.29
C GLU A 40 1.17 6.18 -10.50
N ASN A 41 2.38 6.48 -10.99
CA ASN A 41 3.25 7.45 -10.33
C ASN A 41 3.42 7.11 -8.85
N VAL A 42 3.41 5.81 -8.54
CA VAL A 42 3.56 5.35 -7.17
C VAL A 42 5.01 5.53 -6.69
N GLN A 43 5.17 6.27 -5.59
CA GLN A 43 6.49 6.51 -5.03
C GLN A 43 6.45 6.54 -3.51
N ILE A 44 7.39 5.86 -2.87
CA ILE A 44 7.45 5.82 -1.41
C ILE A 44 7.99 7.13 -0.85
N LEU A 45 7.50 7.50 0.34
CA LEU A 45 7.92 8.73 0.99
C LEU A 45 8.95 8.44 2.08
N SER A 46 8.69 7.40 2.88
CA SER A 46 9.58 7.03 3.96
C SER A 46 9.27 5.62 4.46
N ALA A 47 10.29 4.76 4.50
CA ALA A 47 10.13 3.39 4.96
C ALA A 47 11.40 2.87 5.60
N GLN A 48 11.27 2.26 6.78
CA GLN A 48 12.41 1.73 7.49
C GLN A 48 12.01 0.52 8.34
N PRO A 49 12.49 -0.67 7.94
CA PRO A 49 13.35 -0.83 6.77
C PRO A 49 12.61 -0.58 5.46
N ALA A 50 13.30 -0.03 4.47
CA ALA A 50 12.71 0.25 3.17
C ALA A 50 13.01 -0.86 2.18
N ASN A 51 13.67 -1.91 2.66
CA ASN A 51 14.01 -3.05 1.80
C ASN A 51 13.34 -4.32 2.30
N MET A 52 12.24 -4.16 3.04
CA MET A 52 11.49 -5.28 3.56
C MET A 52 10.04 -5.27 3.07
N PHE A 53 9.25 -4.37 3.64
CA PHE A 53 7.84 -4.24 3.27
C PHE A 53 7.71 -3.51 1.93
N GLU A 54 8.63 -2.59 1.66
CA GLU A 54 8.60 -1.83 0.42
C GLU A 54 8.59 -2.75 -0.79
N ARG A 55 9.12 -3.96 -0.61
CA ARG A 55 9.17 -4.94 -1.68
C ARG A 55 7.80 -5.54 -1.95
N GLU A 56 6.96 -5.56 -0.91
CA GLU A 56 5.61 -6.10 -1.03
C GLU A 56 4.60 -5.00 -1.29
N VAL A 57 4.93 -3.78 -0.87
CA VAL A 57 4.05 -2.64 -1.06
C VAL A 57 3.78 -2.39 -2.54
N LYS A 58 4.84 -2.12 -3.29
CA LYS A 58 4.73 -1.87 -4.72
C LYS A 58 4.05 -3.04 -5.43
N ASN A 59 4.32 -4.25 -4.95
CA ASN A 59 3.74 -5.45 -5.54
C ASN A 59 2.23 -5.49 -5.34
N ALA A 60 1.77 -4.78 -4.31
CA ALA A 60 0.34 -4.72 -4.00
C ALA A 60 -0.31 -3.50 -4.65
N MET A 61 0.39 -2.37 -4.60
CA MET A 61 -0.11 -1.13 -5.19
C MET A 61 -0.14 -1.21 -6.70
N ARG A 62 0.80 -1.97 -7.27
CA ARG A 62 0.89 -2.13 -8.72
C ARG A 62 -0.34 -2.84 -9.26
N LYS A 63 -1.12 -3.45 -8.36
CA LYS A 63 -2.32 -4.18 -8.75
C LYS A 63 -3.56 -3.45 -8.26
N TRP A 64 -3.37 -2.50 -7.34
CA TRP A 64 -4.48 -1.74 -6.79
C TRP A 64 -5.36 -1.17 -7.90
N ARG A 65 -6.54 -0.69 -7.52
CA ARG A 65 -7.48 -0.13 -8.49
C ARG A 65 -8.54 0.71 -7.79
N TYR A 66 -8.48 2.02 -7.98
CA TYR A 66 -9.43 2.93 -7.36
C TYR A 66 -10.63 3.17 -8.28
N GLU A 67 -11.56 3.99 -7.81
CA GLU A 67 -12.76 4.31 -8.59
C GLU A 67 -12.39 5.07 -9.87
N ALA A 68 -13.40 5.40 -10.66
CA ALA A 68 -13.19 6.13 -11.90
C ALA A 68 -13.72 7.56 -11.80
N GLY A 69 -12.87 8.53 -12.14
CA GLY A 69 -13.27 9.92 -12.07
C GLY A 69 -13.00 10.54 -10.72
N LYS A 70 -12.01 10.01 -10.01
CA LYS A 70 -11.66 10.52 -8.69
C LYS A 70 -10.16 10.39 -8.44
N PRO A 71 -9.36 11.18 -9.18
CA PRO A 71 -7.91 11.17 -9.05
C PRO A 71 -7.44 11.77 -7.73
N GLY A 72 -6.35 11.22 -7.20
CA GLY A 72 -5.82 11.70 -5.94
C GLY A 72 -4.68 12.68 -6.14
N SER A 73 -3.77 12.35 -7.05
CA SER A 73 -2.62 13.21 -7.33
C SER A 73 -1.75 13.37 -6.09
N GLY A 74 -1.41 12.25 -5.47
CA GLY A 74 -0.57 12.28 -4.28
C GLY A 74 -1.33 11.85 -3.04
N LEU A 75 -1.63 10.56 -2.95
CA LEU A 75 -2.35 10.02 -1.80
C LEU A 75 -1.40 9.69 -0.67
N VAL A 76 -1.95 9.26 0.47
CA VAL A 76 -1.15 8.91 1.63
C VAL A 76 -1.83 7.82 2.46
N VAL A 77 -1.30 6.61 2.39
CA VAL A 77 -1.86 5.49 3.14
C VAL A 77 -0.79 4.80 3.98
N ASN A 78 -1.02 4.74 5.29
CA ASN A 78 -0.08 4.11 6.20
C ASN A 78 -0.25 2.59 6.20
N ILE A 79 0.67 1.91 5.53
CA ILE A 79 0.63 0.45 5.44
C ILE A 79 0.89 -0.18 6.81
N ILE A 80 -0.18 -0.37 7.58
CA ILE A 80 -0.05 -0.97 8.91
C ILE A 80 0.14 -2.49 8.81
N PHE A 81 1.08 -3.01 9.59
CA PHE A 81 1.36 -4.45 9.58
C PHE A 81 0.96 -5.07 10.92
N ARG A 82 0.86 -6.40 10.94
CA ARG A 82 0.48 -7.11 12.15
C ARG A 82 1.07 -8.53 12.14
N LEU A 83 1.41 -9.02 13.33
CA LEU A 83 1.99 -10.36 13.46
C LEU A 83 0.90 -11.43 13.38
N ASN A 84 -0.32 -11.05 13.74
CA ASN A 84 -1.45 -11.98 13.72
C ASN A 84 -1.69 -12.49 12.30
N GLY A 85 -1.31 -11.68 11.30
CA GLY A 85 -1.49 -12.07 9.92
C GLY A 85 -2.54 -11.22 9.22
N THR A 86 -2.48 -9.91 9.42
CA THR A 86 -3.43 -9.00 8.81
C THR A 86 -2.81 -7.63 8.59
N ALA A 87 -3.42 -6.84 7.71
CA ALA A 87 -2.92 -5.50 7.41
C ALA A 87 -3.99 -4.44 7.70
N GLN A 88 -3.67 -3.19 7.37
CA GLN A 88 -4.59 -2.09 7.59
C GLN A 88 -5.94 -2.35 6.90
N ILE A 89 -5.89 -3.16 5.84
CA ILE A 89 -7.09 -3.49 5.09
C ILE A 89 -8.11 -4.22 5.97
N GLU A 90 -9.18 -3.51 6.34
CA GLU A 90 -10.21 -4.09 7.19
C GLU A 90 -10.73 -5.40 6.60
N SER A 1 -18.54 14.42 -0.74
CA SER A 1 -17.29 14.61 -1.45
C SER A 1 -16.11 14.58 -0.48
N THR A 2 -15.56 13.38 -0.26
CA THR A 2 -14.43 13.20 0.64
C THR A 2 -13.16 12.84 -0.12
N GLY A 3 -13.33 12.15 -1.25
CA GLY A 3 -12.20 11.75 -2.06
C GLY A 3 -12.46 10.48 -2.84
N PRO A 4 -11.40 9.89 -3.40
CA PRO A 4 -11.49 8.65 -4.18
C PRO A 4 -11.84 7.44 -3.33
N ARG A 5 -12.01 6.30 -3.98
CA ARG A 5 -12.34 5.07 -3.27
C ARG A 5 -11.74 3.86 -3.98
N ALA A 6 -10.94 3.10 -3.23
CA ALA A 6 -10.28 1.91 -3.79
C ALA A 6 -11.28 0.77 -3.97
N LEU A 7 -11.50 0.36 -5.21
CA LEU A 7 -12.43 -0.71 -5.51
C LEU A 7 -11.74 -2.07 -5.42
N SER A 8 -10.71 -2.26 -6.22
CA SER A 8 -9.96 -3.52 -6.23
C SER A 8 -8.58 -3.33 -5.62
N ARG A 9 -8.48 -3.57 -4.31
CA ARG A 9 -7.22 -3.43 -3.60
C ARG A 9 -6.98 -4.61 -2.67
N ASN A 10 -5.83 -5.25 -2.82
CA ASN A 10 -5.48 -6.40 -1.98
C ASN A 10 -4.48 -6.01 -0.90
N GLN A 11 -4.29 -6.89 0.08
CA GLN A 11 -3.36 -6.64 1.17
C GLN A 11 -1.92 -6.90 0.73
N PRO A 12 -0.96 -6.33 1.48
CA PRO A 12 0.47 -6.50 1.20
C PRO A 12 0.96 -7.91 1.47
N GLN A 13 2.26 -8.11 1.39
CA GLN A 13 2.86 -9.41 1.62
C GLN A 13 4.07 -9.30 2.54
N TYR A 14 4.70 -10.44 2.83
CA TYR A 14 5.87 -10.47 3.70
C TYR A 14 6.87 -11.54 3.24
N PRO A 15 8.15 -11.34 3.57
CA PRO A 15 9.21 -12.28 3.22
C PRO A 15 9.12 -13.59 4.00
N ALA A 16 9.98 -14.53 3.67
CA ALA A 16 10.00 -15.82 4.35
C ALA A 16 11.24 -15.97 5.22
N ARG A 17 11.85 -14.84 5.57
CA ARG A 17 13.06 -14.85 6.40
C ARG A 17 12.87 -13.97 7.63
N ALA A 18 12.17 -12.86 7.46
CA ALA A 18 11.91 -11.93 8.55
C ALA A 18 11.04 -12.57 9.61
N GLN A 19 10.28 -13.59 9.22
CA GLN A 19 9.39 -14.28 10.15
C GLN A 19 10.14 -14.72 11.40
N ALA A 20 11.27 -15.38 11.21
CA ALA A 20 12.09 -15.84 12.32
C ALA A 20 12.48 -14.70 13.24
N LEU A 21 12.51 -13.49 12.69
CA LEU A 21 12.86 -12.31 13.46
C LEU A 21 11.61 -11.65 14.06
N ARG A 22 10.46 -11.92 13.45
CA ARG A 22 9.20 -11.35 13.92
C ARG A 22 9.25 -9.83 13.93
N ILE A 23 9.66 -9.25 12.80
CA ILE A 23 9.75 -7.80 12.68
C ILE A 23 8.40 -7.19 12.34
N GLU A 24 8.15 -5.99 12.85
CA GLU A 24 6.89 -5.29 12.59
C GLU A 24 7.13 -3.83 12.30
N GLY A 25 6.10 -3.13 11.82
CA GLY A 25 6.21 -1.73 11.51
C GLY A 25 5.17 -1.27 10.51
N ARG A 26 5.40 -0.10 9.92
CA ARG A 26 4.47 0.45 8.93
C ARG A 26 5.23 1.08 7.76
N VAL A 27 4.49 1.56 6.77
CA VAL A 27 5.09 2.18 5.60
C VAL A 27 4.18 3.26 5.02
N LYS A 28 4.80 4.37 4.63
CA LYS A 28 4.05 5.49 4.06
C LYS A 28 4.35 5.65 2.58
N VAL A 29 3.43 5.19 1.74
CA VAL A 29 3.59 5.28 0.29
C VAL A 29 2.64 6.31 -0.31
N LYS A 30 3.06 6.94 -1.39
CA LYS A 30 2.24 7.94 -2.07
C LYS A 30 2.13 7.64 -3.55
N PHE A 31 0.90 7.39 -4.01
CA PHE A 31 0.66 7.08 -5.42
C PHE A 31 -0.36 8.06 -6.02
N ASP A 32 -0.51 8.00 -7.34
CA ASP A 32 -1.45 8.88 -8.02
C ASP A 32 -2.47 8.05 -8.82
N VAL A 33 -3.74 8.43 -8.72
CA VAL A 33 -4.80 7.73 -9.44
C VAL A 33 -5.33 8.57 -10.59
N THR A 34 -5.50 7.93 -11.75
CA THR A 34 -6.01 8.62 -12.92
C THR A 34 -7.52 8.74 -12.89
N SER A 35 -8.09 9.32 -13.94
CA SER A 35 -9.54 9.49 -14.02
C SER A 35 -10.22 8.20 -14.45
N ALA A 36 -9.42 7.19 -14.78
CA ALA A 36 -9.95 5.90 -15.19
C ALA A 36 -10.01 4.92 -14.02
N GLY A 37 -9.16 5.15 -13.02
CA GLY A 37 -9.13 4.28 -11.86
C GLY A 37 -7.87 3.45 -11.78
N ARG A 38 -6.82 3.92 -12.45
CA ARG A 38 -5.54 3.21 -12.45
C ARG A 38 -4.52 3.93 -11.58
N VAL A 39 -3.62 3.15 -10.98
CA VAL A 39 -2.58 3.72 -10.12
C VAL A 39 -1.28 3.90 -10.88
N GLU A 40 -0.60 5.02 -10.60
CA GLU A 40 0.66 5.32 -11.26
C GLU A 40 1.51 6.28 -10.42
N ASN A 41 2.72 6.55 -10.88
CA ASN A 41 3.62 7.45 -10.17
C ASN A 41 3.77 7.03 -8.70
N VAL A 42 3.70 5.73 -8.46
CA VAL A 42 3.83 5.20 -7.10
C VAL A 42 5.26 5.33 -6.59
N GLN A 43 5.41 6.00 -5.46
CA GLN A 43 6.73 6.19 -4.87
C GLN A 43 6.68 6.05 -3.35
N ILE A 44 7.67 5.38 -2.79
CA ILE A 44 7.73 5.17 -1.34
C ILE A 44 8.42 6.34 -0.64
N LEU A 45 7.63 7.14 0.06
CA LEU A 45 8.16 8.29 0.78
C LEU A 45 9.01 7.86 1.97
N SER A 46 8.42 7.08 2.87
CA SER A 46 9.13 6.59 4.04
C SER A 46 8.69 5.17 4.39
N ALA A 47 9.66 4.28 4.54
CA ALA A 47 9.37 2.89 4.88
C ALA A 47 10.37 2.36 5.90
N GLN A 48 9.87 1.96 7.07
CA GLN A 48 10.72 1.43 8.12
C GLN A 48 10.04 0.28 8.84
N PRO A 49 10.81 -0.79 9.13
CA PRO A 49 12.23 -0.85 8.76
C PRO A 49 12.43 -0.98 7.26
N ALA A 50 13.44 -0.28 6.74
CA ALA A 50 13.74 -0.32 5.32
C ALA A 50 14.20 -1.70 4.89
N ASN A 51 13.89 -2.06 3.64
CA ASN A 51 14.27 -3.37 3.11
C ASN A 51 13.67 -4.48 3.95
N MET A 52 12.35 -4.48 4.08
CA MET A 52 11.66 -5.50 4.87
C MET A 52 10.28 -5.79 4.27
N PHE A 53 9.41 -4.78 4.27
CA PHE A 53 8.07 -4.93 3.74
C PHE A 53 7.85 -4.01 2.54
N GLU A 54 8.73 -3.03 2.39
CA GLU A 54 8.64 -2.08 1.29
C GLU A 54 8.65 -2.80 -0.06
N ARG A 55 9.23 -4.00 -0.07
CA ARG A 55 9.31 -4.79 -1.29
C ARG A 55 8.00 -5.54 -1.54
N GLU A 56 7.23 -5.74 -0.48
CA GLU A 56 5.95 -6.44 -0.58
C GLU A 56 4.80 -5.46 -0.56
N VAL A 57 5.05 -4.24 -0.98
CA VAL A 57 4.02 -3.20 -1.00
C VAL A 57 3.70 -2.78 -2.43
N LYS A 58 4.72 -2.40 -3.18
CA LYS A 58 4.55 -1.98 -4.57
C LYS A 58 3.86 -3.07 -5.38
N ASN A 59 4.12 -4.31 -5.04
CA ASN A 59 3.53 -5.45 -5.73
C ASN A 59 2.00 -5.45 -5.56
N ALA A 60 1.55 -4.92 -4.44
CA ALA A 60 0.11 -4.85 -4.16
C ALA A 60 -0.50 -3.58 -4.72
N MET A 61 0.32 -2.54 -4.86
CA MET A 61 -0.15 -1.27 -5.38
C MET A 61 -0.36 -1.34 -6.89
N ARG A 62 0.51 -2.08 -7.57
CA ARG A 62 0.43 -2.24 -9.01
C ARG A 62 -0.88 -2.91 -9.41
N LYS A 63 -1.53 -3.55 -8.44
CA LYS A 63 -2.79 -4.25 -8.68
C LYS A 63 -3.97 -3.41 -8.20
N TRP A 64 -3.70 -2.51 -7.26
CA TRP A 64 -4.75 -1.65 -6.71
C TRP A 64 -5.52 -0.94 -7.82
N ARG A 65 -6.80 -0.69 -7.58
CA ARG A 65 -7.64 -0.02 -8.57
C ARG A 65 -8.70 0.83 -7.89
N TYR A 66 -8.70 2.13 -8.19
CA TYR A 66 -9.66 3.05 -7.60
C TYR A 66 -10.81 3.32 -8.56
N GLU A 67 -11.82 4.04 -8.08
CA GLU A 67 -12.98 4.37 -8.89
C GLU A 67 -12.58 5.14 -10.14
N ALA A 68 -13.56 5.52 -10.94
CA ALA A 68 -13.31 6.27 -12.17
C ALA A 68 -13.89 7.68 -12.08
N GLY A 69 -13.03 8.67 -12.32
CA GLY A 69 -13.48 10.06 -12.26
C GLY A 69 -13.16 10.71 -10.93
N LYS A 70 -12.14 10.20 -10.25
CA LYS A 70 -11.74 10.74 -8.95
C LYS A 70 -10.24 10.56 -8.72
N PRO A 71 -9.44 11.34 -9.45
CA PRO A 71 -7.97 11.28 -9.35
C PRO A 71 -7.47 11.83 -8.02
N GLY A 72 -6.36 11.26 -7.53
CA GLY A 72 -5.79 11.71 -6.27
C GLY A 72 -4.62 12.64 -6.47
N SER A 73 -3.71 12.27 -7.36
CA SER A 73 -2.53 13.07 -7.63
C SER A 73 -1.64 13.19 -6.38
N GLY A 74 -1.59 12.11 -5.61
CA GLY A 74 -0.78 12.11 -4.40
C GLY A 74 -1.56 11.65 -3.20
N LEU A 75 -1.70 10.33 -3.06
CA LEU A 75 -2.43 9.76 -1.93
C LEU A 75 -1.47 9.36 -0.81
N VAL A 76 -2.03 8.85 0.29
CA VAL A 76 -1.22 8.43 1.43
C VAL A 76 -1.90 7.28 2.18
N VAL A 77 -1.28 6.11 2.11
CA VAL A 77 -1.82 4.93 2.79
C VAL A 77 -0.77 4.28 3.69
N ASN A 78 -1.09 4.17 4.97
CA ASN A 78 -0.17 3.57 5.93
C ASN A 78 -0.27 2.05 5.90
N ILE A 79 0.71 1.40 5.27
CA ILE A 79 0.73 -0.05 5.18
C ILE A 79 1.09 -0.68 6.51
N ILE A 80 0.13 -0.71 7.43
CA ILE A 80 0.36 -1.30 8.75
C ILE A 80 0.50 -2.81 8.66
N PHE A 81 1.32 -3.38 9.54
CA PHE A 81 1.56 -4.81 9.57
C PHE A 81 1.30 -5.38 10.96
N ARG A 82 0.86 -6.63 11.00
CA ARG A 82 0.57 -7.30 12.26
C ARG A 82 0.91 -8.79 12.19
N LEU A 83 1.67 -9.26 13.16
CA LEU A 83 2.07 -10.67 13.21
C LEU A 83 0.85 -11.58 13.13
N ASN A 84 -0.29 -11.08 13.61
CA ASN A 84 -1.53 -11.86 13.59
C ASN A 84 -1.82 -12.38 12.18
N GLY A 85 -1.47 -11.58 11.17
CA GLY A 85 -1.69 -11.98 9.80
C GLY A 85 -2.76 -11.13 9.13
N THR A 86 -2.68 -9.82 9.31
CA THR A 86 -3.64 -8.91 8.71
C THR A 86 -3.00 -7.55 8.43
N ALA A 87 -3.70 -6.73 7.64
CA ALA A 87 -3.20 -5.41 7.29
C ALA A 87 -4.11 -4.32 7.83
N GLN A 88 -3.85 -3.07 7.45
CA GLN A 88 -4.65 -1.94 7.89
C GLN A 88 -6.08 -2.06 7.40
N ILE A 89 -6.28 -2.82 6.32
CA ILE A 89 -7.59 -3.02 5.74
C ILE A 89 -8.58 -3.57 6.77
N GLU A 90 -9.78 -3.01 6.79
CA GLU A 90 -10.81 -3.45 7.73
C GLU A 90 -11.08 -4.94 7.58
N SER A 1 -17.35 9.57 2.05
CA SER A 1 -16.21 10.42 2.40
C SER A 1 -15.82 11.29 1.22
N THR A 2 -14.92 12.25 1.47
CA THR A 2 -14.46 13.16 0.44
C THR A 2 -13.20 12.62 -0.25
N GLY A 3 -13.16 12.74 -1.57
CA GLY A 3 -12.01 12.25 -2.33
C GLY A 3 -12.33 11.00 -3.10
N PRO A 4 -11.27 10.33 -3.59
CA PRO A 4 -11.41 9.08 -4.37
C PRO A 4 -11.89 7.92 -3.51
N ARG A 5 -12.15 6.79 -4.17
CA ARG A 5 -12.62 5.59 -3.47
C ARG A 5 -12.05 4.33 -4.10
N ALA A 6 -11.34 3.55 -3.31
CA ALA A 6 -10.73 2.31 -3.79
C ALA A 6 -11.80 1.26 -4.10
N LEU A 7 -11.73 0.69 -5.29
CA LEU A 7 -12.69 -0.33 -5.71
C LEU A 7 -12.08 -1.72 -5.65
N SER A 8 -10.89 -1.85 -6.22
CA SER A 8 -10.19 -3.14 -6.23
C SER A 8 -8.79 -3.00 -5.63
N ARG A 9 -8.68 -3.25 -4.33
CA ARG A 9 -7.40 -3.16 -3.64
C ARG A 9 -7.20 -4.35 -2.72
N ASN A 10 -6.04 -5.00 -2.83
CA ASN A 10 -5.73 -6.15 -2.01
C ASN A 10 -4.81 -5.77 -0.86
N GLN A 11 -4.34 -6.76 -0.11
CA GLN A 11 -3.45 -6.51 1.02
C GLN A 11 -2.03 -6.97 0.71
N PRO A 12 -1.05 -6.34 1.38
CA PRO A 12 0.37 -6.67 1.20
C PRO A 12 0.73 -8.04 1.75
N GLN A 13 1.75 -8.66 1.16
CA GLN A 13 2.20 -9.97 1.60
C GLN A 13 3.56 -9.88 2.29
N TYR A 14 3.94 -10.96 2.97
CA TYR A 14 5.22 -11.01 3.67
C TYR A 14 5.83 -12.41 3.60
N PRO A 15 7.16 -12.48 3.70
CA PRO A 15 7.89 -13.74 3.64
C PRO A 15 7.67 -14.60 4.89
N ALA A 16 8.25 -15.78 4.91
CA ALA A 16 8.11 -16.69 6.04
C ALA A 16 9.36 -16.67 6.92
N ARG A 17 10.10 -15.57 6.87
CA ARG A 17 11.30 -15.42 7.66
C ARG A 17 11.19 -14.24 8.63
N ALA A 18 10.57 -13.17 8.16
CA ALA A 18 10.39 -11.98 8.99
C ALA A 18 9.73 -12.33 10.31
N GLN A 19 8.93 -13.38 10.31
CA GLN A 19 8.24 -13.82 11.53
C GLN A 19 9.23 -14.03 12.67
N ALA A 20 10.28 -14.80 12.40
CA ALA A 20 11.30 -15.08 13.41
C ALA A 20 12.22 -13.89 13.60
N LEU A 21 12.31 -13.05 12.57
CA LEU A 21 13.17 -11.86 12.64
C LEU A 21 12.59 -10.82 13.58
N ARG A 22 11.29 -10.92 13.85
CA ARG A 22 10.61 -9.98 14.74
C ARG A 22 10.66 -8.57 14.19
N ILE A 23 10.11 -8.39 12.99
CA ILE A 23 10.09 -7.08 12.34
C ILE A 23 8.71 -6.76 11.78
N GLU A 24 8.16 -5.63 12.18
CA GLU A 24 6.83 -5.21 11.72
C GLU A 24 6.50 -3.81 12.22
N GLY A 25 5.89 -3.01 11.36
CA GLY A 25 5.53 -1.66 11.73
C GLY A 25 4.52 -1.04 10.77
N ARG A 26 5.00 -0.16 9.91
CA ARG A 26 4.13 0.50 8.93
C ARG A 26 4.95 1.21 7.86
N VAL A 27 4.47 1.17 6.63
CA VAL A 27 5.15 1.81 5.51
C VAL A 27 4.30 2.90 4.89
N LYS A 28 4.95 4.00 4.50
CA LYS A 28 4.24 5.13 3.89
C LYS A 28 4.54 5.21 2.40
N VAL A 29 3.49 5.25 1.59
CA VAL A 29 3.64 5.33 0.14
C VAL A 29 2.71 6.38 -0.45
N LYS A 30 3.12 6.97 -1.57
CA LYS A 30 2.34 7.99 -2.23
C LYS A 30 2.18 7.68 -3.73
N PHE A 31 0.95 7.48 -4.16
CA PHE A 31 0.67 7.18 -5.56
C PHE A 31 -0.35 8.16 -6.14
N ASP A 32 -0.42 8.22 -7.46
CA ASP A 32 -1.36 9.11 -8.13
C ASP A 32 -2.40 8.32 -8.92
N VAL A 33 -3.68 8.59 -8.64
CA VAL A 33 -4.76 7.90 -9.31
C VAL A 33 -5.18 8.63 -10.58
N THR A 34 -5.43 7.87 -11.64
CA THR A 34 -5.83 8.44 -12.92
C THR A 34 -7.35 8.47 -13.06
N SER A 35 -7.84 9.21 -14.05
CA SER A 35 -9.28 9.33 -14.29
C SER A 35 -9.90 7.95 -14.49
N ALA A 36 -9.09 7.01 -14.95
CA ALA A 36 -9.57 5.64 -15.19
C ALA A 36 -9.60 4.84 -13.90
N GLY A 37 -8.78 5.25 -12.93
CA GLY A 37 -8.73 4.55 -11.66
C GLY A 37 -7.55 3.62 -11.54
N ARG A 38 -6.54 3.85 -12.38
CA ARG A 38 -5.34 3.01 -12.37
C ARG A 38 -4.22 3.68 -11.59
N VAL A 39 -3.75 2.99 -10.54
CA VAL A 39 -2.68 3.52 -9.70
C VAL A 39 -1.38 3.62 -10.48
N GLU A 40 -0.76 4.80 -10.43
CA GLU A 40 0.51 5.02 -11.14
C GLU A 40 1.38 6.01 -10.39
N ASN A 41 2.62 6.17 -10.84
CA ASN A 41 3.55 7.09 -10.21
C ASN A 41 3.68 6.80 -8.71
N VAL A 42 3.74 5.51 -8.38
CA VAL A 42 3.87 5.10 -6.98
C VAL A 42 5.28 5.33 -6.47
N GLN A 43 5.40 6.08 -5.37
CA GLN A 43 6.69 6.38 -4.78
C GLN A 43 6.63 6.26 -3.26
N ILE A 44 7.68 5.69 -2.67
CA ILE A 44 7.74 5.51 -1.23
C ILE A 44 8.15 6.80 -0.53
N LEU A 45 7.66 6.99 0.69
CA LEU A 45 7.96 8.19 1.46
C LEU A 45 8.74 7.84 2.72
N SER A 46 8.21 6.90 3.50
CA SER A 46 8.85 6.48 4.74
C SER A 46 8.65 4.99 4.97
N ALA A 47 9.73 4.22 4.88
CA ALA A 47 9.68 2.79 5.08
C ALA A 47 10.86 2.30 5.92
N GLN A 48 10.58 1.89 7.15
CA GLN A 48 11.60 1.41 8.05
C GLN A 48 11.13 0.18 8.83
N PRO A 49 12.01 -0.81 8.98
CA PRO A 49 13.37 -0.75 8.44
C PRO A 49 13.39 -0.83 6.91
N ALA A 50 14.25 -0.02 6.30
CA ALA A 50 14.36 -0.01 4.83
C ALA A 50 14.79 -1.37 4.30
N ASN A 51 14.38 -1.67 3.08
CA ASN A 51 14.70 -2.95 2.45
C ASN A 51 14.21 -4.12 3.30
N MET A 52 12.93 -4.07 3.65
CA MET A 52 12.33 -5.13 4.46
C MET A 52 10.84 -5.26 4.16
N PHE A 53 10.16 -4.13 4.02
CA PHE A 53 8.74 -4.12 3.73
C PHE A 53 8.41 -3.11 2.64
N GLU A 54 9.29 -3.00 1.65
CA GLU A 54 9.10 -2.08 0.54
C GLU A 54 8.91 -2.82 -0.77
N ARG A 55 9.46 -4.03 -0.84
CA ARG A 55 9.34 -4.84 -2.04
C ARG A 55 7.94 -5.43 -2.17
N GLU A 56 7.23 -5.52 -1.05
CA GLU A 56 5.88 -6.05 -1.05
C GLU A 56 4.85 -4.94 -0.96
N VAL A 57 5.22 -3.76 -1.45
CA VAL A 57 4.32 -2.61 -1.43
C VAL A 57 3.80 -2.28 -2.82
N LYS A 58 4.73 -1.99 -3.72
CA LYS A 58 4.38 -1.66 -5.10
C LYS A 58 3.71 -2.84 -5.79
N ASN A 59 4.02 -4.05 -5.32
CA ASN A 59 3.46 -5.26 -5.89
C ASN A 59 1.93 -5.28 -5.72
N ALA A 60 1.45 -4.59 -4.70
CA ALA A 60 0.01 -4.53 -4.43
C ALA A 60 -0.60 -3.28 -5.04
N MET A 61 0.18 -2.20 -5.09
CA MET A 61 -0.29 -0.94 -5.64
C MET A 61 -0.55 -1.07 -7.14
N ARG A 62 0.33 -1.79 -7.83
CA ARG A 62 0.20 -1.99 -9.26
C ARG A 62 -1.09 -2.72 -9.60
N LYS A 63 -1.68 -3.36 -8.60
CA LYS A 63 -2.92 -4.10 -8.78
C LYS A 63 -4.13 -3.28 -8.31
N TRP A 64 -3.86 -2.35 -7.40
CA TRP A 64 -4.93 -1.50 -6.86
C TRP A 64 -5.71 -0.83 -7.99
N ARG A 65 -6.95 -0.45 -7.69
CA ARG A 65 -7.81 0.20 -8.68
C ARG A 65 -8.87 1.05 -8.00
N TYR A 66 -8.75 2.37 -8.16
CA TYR A 66 -9.69 3.31 -7.57
C TYR A 66 -10.83 3.63 -8.53
N GLU A 67 -11.81 4.39 -8.05
CA GLU A 67 -12.96 4.76 -8.87
C GLU A 67 -12.50 5.50 -10.13
N ALA A 68 -13.46 5.88 -10.96
CA ALA A 68 -13.15 6.59 -12.20
C ALA A 68 -13.67 8.03 -12.14
N GLY A 69 -12.76 8.98 -12.37
CA GLY A 69 -13.14 10.38 -12.34
C GLY A 69 -12.82 11.04 -11.01
N LYS A 70 -11.78 10.54 -10.35
CA LYS A 70 -11.37 11.09 -9.06
C LYS A 70 -9.88 10.86 -8.82
N PRO A 71 -9.04 11.61 -9.54
CA PRO A 71 -7.58 11.49 -9.43
C PRO A 71 -7.06 12.04 -8.09
N GLY A 72 -6.02 11.40 -7.58
CA GLY A 72 -5.45 11.83 -6.31
C GLY A 72 -4.24 12.73 -6.49
N SER A 73 -3.35 12.34 -7.41
CA SER A 73 -2.14 13.12 -7.67
C SER A 73 -1.25 13.18 -6.43
N GLY A 74 -1.36 12.16 -5.59
CA GLY A 74 -0.56 12.12 -4.37
C GLY A 74 -1.35 11.66 -3.17
N LEU A 75 -1.60 10.36 -3.08
CA LEU A 75 -2.37 9.80 -1.96
C LEU A 75 -1.44 9.37 -0.83
N VAL A 76 -2.03 8.87 0.24
CA VAL A 76 -1.25 8.42 1.39
C VAL A 76 -1.96 7.28 2.13
N VAL A 77 -1.34 6.10 2.12
CA VAL A 77 -1.91 4.93 2.78
C VAL A 77 -0.89 4.28 3.71
N ASN A 78 -1.26 4.17 4.98
CA ASN A 78 -0.38 3.56 5.98
C ASN A 78 -0.44 2.03 5.90
N ILE A 79 0.58 1.45 5.28
CA ILE A 79 0.65 0.00 5.13
C ILE A 79 0.96 -0.67 6.47
N ILE A 80 -0.07 -0.84 7.30
CA ILE A 80 0.09 -1.47 8.60
C ILE A 80 0.47 -2.94 8.46
N PHE A 81 1.39 -3.38 9.30
CA PHE A 81 1.84 -4.78 9.27
C PHE A 81 1.59 -5.46 10.61
N ARG A 82 1.16 -6.72 10.54
CA ARG A 82 0.88 -7.48 11.75
C ARG A 82 1.43 -8.90 11.64
N LEU A 83 1.79 -9.48 12.78
CA LEU A 83 2.34 -10.84 12.80
C LEU A 83 1.21 -11.87 12.83
N ASN A 84 0.06 -11.48 13.35
CA ASN A 84 -1.09 -12.37 13.43
C ASN A 84 -1.48 -12.88 12.05
N GLY A 85 -1.17 -12.09 11.02
CA GLY A 85 -1.49 -12.48 9.66
C GLY A 85 -2.62 -11.65 9.08
N THR A 86 -2.57 -10.35 9.30
CA THR A 86 -3.60 -9.45 8.79
C THR A 86 -3.04 -8.06 8.52
N ALA A 87 -3.76 -7.28 7.71
CA ALA A 87 -3.33 -5.93 7.37
C ALA A 87 -4.40 -4.90 7.69
N GLN A 88 -4.14 -3.65 7.36
CA GLN A 88 -5.10 -2.57 7.62
C GLN A 88 -6.47 -2.93 7.06
N ILE A 89 -6.50 -3.72 6.00
CA ILE A 89 -7.74 -4.13 5.37
C ILE A 89 -8.71 -4.71 6.40
N GLU A 90 -9.92 -4.17 6.46
CA GLU A 90 -10.92 -4.64 7.39
C GLU A 90 -11.14 -6.14 7.26
N SER A 1 -17.44 10.48 4.35
CA SER A 1 -16.81 9.73 3.27
C SER A 1 -16.19 10.68 2.24
N THR A 2 -15.08 11.29 2.62
CA THR A 2 -14.38 12.22 1.74
C THR A 2 -13.12 11.59 1.17
N GLY A 3 -13.05 11.54 -0.16
CA GLY A 3 -11.89 10.96 -0.82
C GLY A 3 -12.27 9.96 -1.89
N PRO A 4 -11.27 9.30 -2.48
CA PRO A 4 -11.48 8.30 -3.53
C PRO A 4 -12.12 7.03 -2.99
N ARG A 5 -12.39 6.09 -3.89
CA ARG A 5 -13.00 4.82 -3.51
C ARG A 5 -12.32 3.65 -4.21
N ALA A 6 -11.64 2.81 -3.44
CA ALA A 6 -10.95 1.65 -3.98
C ALA A 6 -11.94 0.62 -4.52
N LEU A 7 -11.75 0.20 -5.77
CA LEU A 7 -12.62 -0.78 -6.40
C LEU A 7 -12.03 -2.18 -6.29
N SER A 8 -10.71 -2.26 -6.27
CA SER A 8 -10.02 -3.54 -6.17
C SER A 8 -8.58 -3.35 -5.74
N ARG A 9 -8.30 -3.62 -4.47
CA ARG A 9 -6.96 -3.48 -3.93
C ARG A 9 -6.58 -4.70 -3.07
N ASN A 10 -5.48 -5.34 -3.43
CA ASN A 10 -5.01 -6.52 -2.71
C ASN A 10 -4.04 -6.12 -1.60
N GLN A 11 -4.33 -6.55 -0.38
CA GLN A 11 -3.48 -6.25 0.77
C GLN A 11 -2.04 -6.71 0.52
N PRO A 12 -1.09 -6.08 1.22
CA PRO A 12 0.33 -6.41 1.10
C PRO A 12 0.66 -7.78 1.69
N GLN A 13 1.83 -8.29 1.35
CA GLN A 13 2.27 -9.60 1.85
C GLN A 13 3.63 -9.49 2.53
N TYR A 14 4.11 -10.62 3.06
CA TYR A 14 5.39 -10.64 3.75
C TYR A 14 6.10 -11.98 3.52
N PRO A 15 7.44 -11.96 3.61
CA PRO A 15 8.26 -13.16 3.42
C PRO A 15 8.10 -14.16 4.56
N ALA A 16 8.91 -15.22 4.53
CA ALA A 16 8.86 -16.25 5.56
C ALA A 16 9.97 -16.05 6.59
N ARG A 17 11.07 -15.42 6.17
CA ARG A 17 12.19 -15.17 7.06
C ARG A 17 11.85 -14.10 8.09
N ALA A 18 11.05 -13.13 7.68
CA ALA A 18 10.65 -12.04 8.57
C ALA A 18 9.93 -12.58 9.80
N GLN A 19 9.34 -13.76 9.66
CA GLN A 19 8.61 -14.38 10.77
C GLN A 19 9.55 -14.70 11.92
N ALA A 20 10.83 -14.89 11.61
CA ALA A 20 11.83 -15.20 12.62
C ALA A 20 12.33 -13.92 13.30
N LEU A 21 12.25 -12.80 12.59
CA LEU A 21 12.69 -11.52 13.13
C LEU A 21 11.55 -10.81 13.85
N ARG A 22 10.32 -11.10 13.44
CA ARG A 22 9.14 -10.49 14.04
C ARG A 22 9.21 -8.97 13.94
N ILE A 23 9.53 -8.47 12.76
CA ILE A 23 9.62 -7.04 12.53
C ILE A 23 8.24 -6.42 12.32
N GLU A 24 7.97 -5.33 13.03
CA GLU A 24 6.70 -4.65 12.93
C GLU A 24 6.89 -3.14 12.75
N GLY A 25 6.01 -2.52 11.97
CA GLY A 25 6.10 -1.09 11.73
C GLY A 25 5.04 -0.60 10.77
N ARG A 26 5.45 0.14 9.76
CA ARG A 26 4.53 0.68 8.77
C ARG A 26 5.28 1.23 7.56
N VAL A 27 4.56 1.43 6.46
CA VAL A 27 5.15 1.95 5.24
C VAL A 27 4.30 3.09 4.65
N LYS A 28 4.87 4.28 4.60
CA LYS A 28 4.17 5.44 4.07
C LYS A 28 4.47 5.61 2.59
N VAL A 29 3.48 5.31 1.75
CA VAL A 29 3.64 5.44 0.30
C VAL A 29 2.72 6.52 -0.26
N LYS A 30 3.14 7.12 -1.36
CA LYS A 30 2.35 8.18 -2.00
C LYS A 30 2.21 7.92 -3.50
N PHE A 31 0.97 7.78 -3.96
CA PHE A 31 0.70 7.53 -5.37
C PHE A 31 -0.38 8.47 -5.89
N ASP A 32 -0.66 8.37 -7.19
CA ASP A 32 -1.68 9.21 -7.81
C ASP A 32 -2.66 8.36 -8.62
N VAL A 33 -3.95 8.58 -8.38
CA VAL A 33 -4.99 7.84 -9.09
C VAL A 33 -5.41 8.56 -10.36
N THR A 34 -5.68 7.79 -11.41
CA THR A 34 -6.09 8.36 -12.69
C THR A 34 -7.61 8.39 -12.82
N SER A 35 -8.11 9.14 -13.80
CA SER A 35 -9.54 9.26 -14.02
C SER A 35 -10.18 7.89 -14.22
N ALA A 36 -9.38 6.94 -14.67
CA ALA A 36 -9.87 5.58 -14.90
C ALA A 36 -9.79 4.75 -13.63
N GLY A 37 -8.90 5.13 -12.73
CA GLY A 37 -8.75 4.40 -11.48
C GLY A 37 -7.47 3.57 -11.44
N ARG A 38 -6.52 3.91 -12.30
CA ARG A 38 -5.26 3.19 -12.36
C ARG A 38 -4.21 3.85 -11.46
N VAL A 39 -3.62 3.05 -10.57
CA VAL A 39 -2.61 3.56 -9.65
C VAL A 39 -1.26 3.69 -10.34
N GLU A 40 -0.71 4.91 -10.35
CA GLU A 40 0.57 5.16 -10.99
C GLU A 40 1.39 6.17 -10.17
N ASN A 41 2.60 6.43 -10.62
CA ASN A 41 3.48 7.38 -9.92
C ASN A 41 3.59 7.03 -8.45
N VAL A 42 3.56 5.74 -8.14
CA VAL A 42 3.67 5.28 -6.76
C VAL A 42 5.08 5.42 -6.24
N GLN A 43 5.30 6.40 -5.37
CA GLN A 43 6.62 6.64 -4.79
C GLN A 43 6.61 6.41 -3.28
N ILE A 44 7.64 5.74 -2.78
CA ILE A 44 7.74 5.45 -1.36
C ILE A 44 8.40 6.60 -0.62
N LEU A 45 7.75 7.08 0.43
CA LEU A 45 8.28 8.18 1.23
C LEU A 45 8.96 7.66 2.50
N SER A 46 8.31 6.71 3.16
CA SER A 46 8.85 6.13 4.38
C SER A 46 8.65 4.61 4.40
N ALA A 47 9.69 3.89 4.81
CA ALA A 47 9.63 2.44 4.87
C ALA A 47 10.84 1.87 5.61
N GLN A 48 10.62 1.49 6.86
CA GLN A 48 11.70 0.92 7.68
C GLN A 48 11.20 -0.30 8.45
N PRO A 49 12.06 -1.34 8.52
CA PRO A 49 13.38 -1.31 7.88
C PRO A 49 13.30 -1.34 6.37
N ALA A 50 14.16 -0.56 5.71
CA ALA A 50 14.18 -0.51 4.26
C ALA A 50 14.50 -1.87 3.66
N ASN A 51 13.99 -2.12 2.46
CA ASN A 51 14.22 -3.39 1.78
C ASN A 51 13.81 -4.57 2.67
N MET A 52 12.58 -4.53 3.16
CA MET A 52 12.05 -5.59 4.00
C MET A 52 10.54 -5.73 3.84
N PHE A 53 9.84 -4.60 3.78
CA PHE A 53 8.39 -4.61 3.62
C PHE A 53 7.98 -3.83 2.37
N GLU A 54 8.72 -2.75 2.09
CA GLU A 54 8.43 -1.92 0.92
C GLU A 54 8.42 -2.77 -0.36
N ARG A 55 9.15 -3.87 -0.34
CA ARG A 55 9.22 -4.75 -1.50
C ARG A 55 7.87 -5.43 -1.75
N GLU A 56 7.07 -5.53 -0.70
CA GLU A 56 5.75 -6.16 -0.81
C GLU A 56 4.65 -5.11 -0.83
N VAL A 57 4.99 -3.91 -1.30
CA VAL A 57 4.04 -2.81 -1.37
C VAL A 57 3.69 -2.47 -2.82
N LYS A 58 4.72 -2.15 -3.59
CA LYS A 58 4.53 -1.82 -5.01
C LYS A 58 3.93 -2.99 -5.77
N ASN A 59 4.29 -4.20 -5.36
CA ASN A 59 3.79 -5.41 -6.01
C ASN A 59 2.28 -5.54 -5.83
N ALA A 60 1.75 -4.92 -4.77
CA ALA A 60 0.33 -4.97 -4.49
C ALA A 60 -0.38 -3.72 -5.02
N MET A 61 0.32 -2.59 -4.95
CA MET A 61 -0.25 -1.33 -5.41
C MET A 61 -0.24 -1.27 -6.94
N ARG A 62 0.67 -2.01 -7.56
CA ARG A 62 0.78 -2.03 -9.01
C ARG A 62 -0.45 -2.68 -9.64
N LYS A 63 -1.25 -3.34 -8.81
CA LYS A 63 -2.47 -4.00 -9.27
C LYS A 63 -3.71 -3.30 -8.74
N TRP A 64 -3.51 -2.39 -7.79
CA TRP A 64 -4.63 -1.64 -7.21
C TRP A 64 -5.48 -1.01 -8.29
N ARG A 65 -6.74 -0.75 -7.97
CA ARG A 65 -7.67 -0.14 -8.92
C ARG A 65 -8.72 0.69 -8.20
N TYR A 66 -8.56 2.01 -8.24
CA TYR A 66 -9.50 2.91 -7.59
C TYR A 66 -10.68 3.22 -8.50
N GLU A 67 -11.60 4.04 -8.00
CA GLU A 67 -12.77 4.42 -8.78
C GLU A 67 -12.38 5.27 -9.99
N ALA A 68 -13.35 5.57 -10.83
CA ALA A 68 -13.11 6.38 -12.03
C ALA A 68 -13.73 7.77 -11.89
N GLY A 69 -12.90 8.80 -11.96
CA GLY A 69 -13.38 10.16 -11.84
C GLY A 69 -13.06 10.77 -10.48
N LYS A 70 -11.99 10.30 -9.86
CA LYS A 70 -11.58 10.80 -8.55
C LYS A 70 -10.08 10.58 -8.34
N PRO A 71 -9.26 11.37 -9.04
CA PRO A 71 -7.79 11.28 -8.94
C PRO A 71 -7.28 11.79 -7.60
N GLY A 72 -6.23 11.15 -7.10
CA GLY A 72 -5.66 11.55 -5.82
C GLY A 72 -4.55 12.57 -5.98
N SER A 73 -3.66 12.34 -6.95
CA SER A 73 -2.55 13.25 -7.19
C SER A 73 -1.61 13.30 -5.99
N GLY A 74 -1.57 12.21 -5.23
CA GLY A 74 -0.72 12.15 -4.06
C GLY A 74 -1.46 11.68 -2.82
N LEU A 75 -1.82 10.40 -2.79
CA LEU A 75 -2.54 9.83 -1.66
C LEU A 75 -1.57 9.42 -0.55
N VAL A 76 -2.12 8.88 0.53
CA VAL A 76 -1.31 8.43 1.66
C VAL A 76 -1.97 7.27 2.39
N VAL A 77 -1.41 6.09 2.24
CA VAL A 77 -1.94 4.90 2.89
C VAL A 77 -0.92 4.28 3.85
N ASN A 78 -1.18 4.44 5.14
CA ASN A 78 -0.29 3.90 6.16
C ASN A 78 -0.43 2.39 6.27
N ILE A 79 0.45 1.68 5.58
CA ILE A 79 0.44 0.21 5.60
C ILE A 79 0.78 -0.32 6.99
N ILE A 80 -0.24 -0.50 7.82
CA ILE A 80 -0.04 -1.01 9.17
C ILE A 80 0.20 -2.52 9.16
N PHE A 81 1.25 -2.94 9.85
CA PHE A 81 1.59 -4.37 9.93
C PHE A 81 1.14 -4.96 11.25
N ARG A 82 0.66 -6.20 11.19
CA ARG A 82 0.19 -6.89 12.39
C ARG A 82 0.59 -8.36 12.36
N LEU A 83 1.38 -8.78 13.34
CA LEU A 83 1.83 -10.17 13.43
C LEU A 83 0.65 -11.13 13.41
N ASN A 84 -0.51 -10.65 13.88
CA ASN A 84 -1.72 -11.47 13.91
C ASN A 84 -2.03 -12.03 12.53
N GLY A 85 -1.67 -11.27 11.50
CA GLY A 85 -1.93 -11.72 10.13
C GLY A 85 -2.97 -10.86 9.44
N THR A 86 -2.86 -9.55 9.61
CA THR A 86 -3.80 -8.62 9.00
C THR A 86 -3.14 -7.27 8.71
N ALA A 87 -3.76 -6.49 7.85
CA ALA A 87 -3.24 -5.17 7.48
C ALA A 87 -4.23 -4.07 7.83
N GLN A 88 -3.90 -2.83 7.47
CA GLN A 88 -4.77 -1.70 7.73
C GLN A 88 -6.11 -1.86 7.04
N ILE A 89 -6.12 -2.60 5.94
CA ILE A 89 -7.34 -2.84 5.18
C ILE A 89 -8.47 -3.34 6.09
N GLU A 90 -9.65 -2.77 5.91
CA GLU A 90 -10.81 -3.15 6.70
C GLU A 90 -11.03 -4.67 6.66
N SER A 1 -19.14 9.73 1.97
CA SER A 1 -17.83 9.18 1.65
C SER A 1 -16.96 10.21 0.94
N THR A 2 -15.94 10.71 1.65
CA THR A 2 -15.03 11.71 1.09
C THR A 2 -13.81 11.04 0.46
N GLY A 3 -13.20 11.74 -0.48
CA GLY A 3 -12.03 11.20 -1.15
C GLY A 3 -12.38 10.11 -2.15
N PRO A 4 -11.35 9.44 -2.68
CA PRO A 4 -11.52 8.36 -3.67
C PRO A 4 -12.14 7.11 -3.05
N ARG A 5 -12.31 6.08 -3.85
CA ARG A 5 -12.89 4.83 -3.38
C ARG A 5 -12.22 3.63 -4.05
N ALA A 6 -11.49 2.85 -3.26
CA ALA A 6 -10.80 1.67 -3.76
C ALA A 6 -11.78 0.60 -4.20
N LEU A 7 -11.61 0.11 -5.43
CA LEU A 7 -12.49 -0.92 -5.97
C LEU A 7 -11.83 -2.30 -5.88
N SER A 8 -10.67 -2.43 -6.51
CA SER A 8 -9.93 -3.69 -6.52
C SER A 8 -8.55 -3.51 -5.90
N ARG A 9 -8.46 -3.70 -4.59
CA ARG A 9 -7.20 -3.57 -3.88
C ARG A 9 -6.88 -4.83 -3.07
N ASN A 10 -5.66 -5.32 -3.21
CA ASN A 10 -5.24 -6.52 -2.50
C ASN A 10 -4.21 -6.18 -1.43
N GLN A 11 -4.40 -6.71 -0.23
CA GLN A 11 -3.49 -6.47 0.88
C GLN A 11 -2.08 -6.96 0.55
N PRO A 12 -1.09 -6.44 1.27
CA PRO A 12 0.32 -6.81 1.07
C PRO A 12 0.61 -8.23 1.53
N GLN A 13 1.28 -9.00 0.68
CA GLN A 13 1.63 -10.38 1.00
C GLN A 13 2.79 -10.44 1.98
N TYR A 14 2.76 -11.42 2.87
CA TYR A 14 3.82 -11.57 3.87
C TYR A 14 4.95 -12.42 3.31
N PRO A 15 6.19 -12.09 3.72
CA PRO A 15 7.39 -12.81 3.28
C PRO A 15 7.48 -14.21 3.86
N ALA A 16 8.62 -14.86 3.67
CA ALA A 16 8.82 -16.21 4.18
C ALA A 16 10.02 -16.26 5.12
N ARG A 17 10.45 -15.09 5.59
CA ARG A 17 11.58 -15.01 6.50
C ARG A 17 11.25 -14.14 7.72
N ALA A 18 10.53 -13.05 7.46
CA ALA A 18 10.14 -12.14 8.53
C ALA A 18 9.06 -12.75 9.42
N GLN A 19 8.38 -13.77 8.89
CA GLN A 19 7.32 -14.44 9.63
C GLN A 19 7.82 -14.89 11.00
N ALA A 20 9.06 -15.35 11.06
CA ALA A 20 9.65 -15.79 12.32
C ALA A 20 10.37 -14.65 13.03
N LEU A 21 10.78 -13.65 12.26
CA LEU A 21 11.48 -12.50 12.82
C LEU A 21 10.53 -11.63 13.64
N ARG A 22 9.27 -11.56 13.21
CA ARG A 22 8.26 -10.78 13.92
C ARG A 22 8.65 -9.29 13.93
N ILE A 23 8.66 -8.67 12.76
CA ILE A 23 9.01 -7.26 12.64
C ILE A 23 7.84 -6.45 12.11
N GLU A 24 7.43 -5.44 12.87
CA GLU A 24 6.33 -4.57 12.47
C GLU A 24 6.74 -3.67 11.32
N GLY A 25 6.23 -3.97 10.13
CA GLY A 25 6.56 -3.16 8.96
C GLY A 25 5.57 -2.03 8.74
N ARG A 26 6.09 -0.81 8.66
CA ARG A 26 5.24 0.36 8.46
C ARG A 26 5.91 1.36 7.53
N VAL A 27 5.51 1.34 6.26
CA VAL A 27 6.06 2.24 5.26
C VAL A 27 5.01 3.21 4.73
N LYS A 28 5.43 4.43 4.45
CA LYS A 28 4.51 5.45 3.93
C LYS A 28 4.70 5.65 2.44
N VAL A 29 3.79 5.10 1.65
CA VAL A 29 3.85 5.22 0.19
C VAL A 29 2.87 6.27 -0.32
N LYS A 30 3.19 6.87 -1.46
CA LYS A 30 2.34 7.89 -2.06
C LYS A 30 2.18 7.64 -3.55
N PHE A 31 0.93 7.40 -3.97
CA PHE A 31 0.63 7.15 -5.37
C PHE A 31 -0.44 8.11 -5.88
N ASP A 32 -0.55 8.22 -7.20
CA ASP A 32 -1.53 9.10 -7.81
C ASP A 32 -2.56 8.30 -8.62
N VAL A 33 -3.83 8.45 -8.26
CA VAL A 33 -4.90 7.73 -8.95
C VAL A 33 -5.37 8.51 -10.17
N THR A 34 -5.73 7.78 -11.23
CA THR A 34 -6.20 8.40 -12.46
C THR A 34 -7.71 8.34 -12.55
N SER A 35 -8.28 9.10 -13.49
CA SER A 35 -9.72 9.16 -13.68
C SER A 35 -10.26 7.78 -14.07
N ALA A 36 -9.37 6.91 -14.55
CA ALA A 36 -9.74 5.57 -14.95
C ALA A 36 -9.66 4.59 -13.77
N GLY A 37 -8.84 4.95 -12.78
CA GLY A 37 -8.69 4.10 -11.62
C GLY A 37 -7.42 3.25 -11.68
N ARG A 38 -6.47 3.68 -12.51
CA ARG A 38 -5.21 2.96 -12.66
C ARG A 38 -4.11 3.62 -11.84
N VAL A 39 -3.81 3.05 -10.68
CA VAL A 39 -2.78 3.57 -9.80
C VAL A 39 -1.46 3.78 -10.56
N GLU A 40 -0.80 4.89 -10.28
CA GLU A 40 0.47 5.21 -10.94
C GLU A 40 1.32 6.11 -10.05
N ASN A 41 2.52 6.43 -10.54
CA ASN A 41 3.43 7.29 -9.79
C ASN A 41 3.66 6.75 -8.38
N VAL A 42 3.63 5.43 -8.25
CA VAL A 42 3.83 4.79 -6.96
C VAL A 42 5.26 4.94 -6.48
N GLN A 43 5.48 5.85 -5.54
CA GLN A 43 6.81 6.10 -4.99
C GLN A 43 6.77 6.17 -3.47
N ILE A 44 7.70 5.45 -2.83
CA ILE A 44 7.78 5.42 -1.37
C ILE A 44 8.27 6.75 -0.83
N LEU A 45 7.83 7.09 0.38
CA LEU A 45 8.23 8.33 1.02
C LEU A 45 9.16 8.07 2.20
N SER A 46 8.72 7.21 3.11
CA SER A 46 9.52 6.88 4.28
C SER A 46 9.44 5.38 4.58
N ALA A 47 10.58 4.71 4.49
CA ALA A 47 10.65 3.27 4.76
C ALA A 47 11.85 2.93 5.62
N GLN A 48 11.58 2.54 6.88
CA GLN A 48 12.64 2.19 7.80
C GLN A 48 12.15 1.13 8.80
N PRO A 49 12.69 -0.09 8.67
CA PRO A 49 13.68 -0.42 7.64
C PRO A 49 13.08 -0.42 6.24
N ALA A 50 13.87 -0.01 5.26
CA ALA A 50 13.42 0.04 3.87
C ALA A 50 13.76 -1.27 3.16
N ASN A 51 14.61 -2.07 3.76
CA ASN A 51 15.02 -3.35 3.17
C ASN A 51 14.36 -4.51 3.89
N MET A 52 13.10 -4.33 4.27
CA MET A 52 12.35 -5.36 4.97
C MET A 52 10.92 -5.45 4.43
N PHE A 53 10.22 -4.33 4.44
CA PHE A 53 8.84 -4.28 3.96
C PHE A 53 8.65 -3.13 2.97
N GLU A 54 9.43 -3.17 1.88
CA GLU A 54 9.35 -2.14 0.86
C GLU A 54 9.17 -2.76 -0.53
N ARG A 55 9.86 -3.87 -0.75
CA ARG A 55 9.79 -4.57 -2.04
C ARG A 55 8.43 -5.27 -2.19
N GLU A 56 7.76 -5.50 -1.06
CA GLU A 56 6.47 -6.17 -1.08
C GLU A 56 5.34 -5.16 -0.92
N VAL A 57 5.60 -3.92 -1.32
CA VAL A 57 4.59 -2.86 -1.23
C VAL A 57 4.06 -2.49 -2.60
N LYS A 58 4.96 -2.08 -3.50
CA LYS A 58 4.58 -1.70 -4.84
C LYS A 58 3.95 -2.87 -5.59
N ASN A 59 4.29 -4.08 -5.17
CA ASN A 59 3.76 -5.29 -5.79
C ASN A 59 2.24 -5.33 -5.69
N ALA A 60 1.72 -4.82 -4.59
CA ALA A 60 0.27 -4.80 -4.37
C ALA A 60 -0.35 -3.53 -4.94
N MET A 61 0.40 -2.43 -4.89
CA MET A 61 -0.08 -1.15 -5.41
C MET A 61 -0.34 -1.23 -6.90
N ARG A 62 0.56 -1.91 -7.62
CA ARG A 62 0.43 -2.06 -9.06
C ARG A 62 -0.81 -2.85 -9.42
N LYS A 63 -1.38 -3.54 -8.43
CA LYS A 63 -2.59 -4.33 -8.64
C LYS A 63 -3.82 -3.58 -8.17
N TRP A 64 -3.63 -2.62 -7.29
CA TRP A 64 -4.73 -1.82 -6.76
C TRP A 64 -5.51 -1.16 -7.90
N ARG A 65 -6.76 -0.79 -7.62
CA ARG A 65 -7.61 -0.16 -8.61
C ARG A 65 -8.71 0.67 -7.94
N TYR A 66 -8.61 1.99 -8.06
CA TYR A 66 -9.60 2.88 -7.46
C TYR A 66 -10.73 3.17 -8.44
N GLU A 67 -11.76 3.85 -7.96
CA GLU A 67 -12.91 4.19 -8.78
C GLU A 67 -12.49 5.03 -9.98
N ALA A 68 -13.46 5.39 -10.81
CA ALA A 68 -13.19 6.21 -12.00
C ALA A 68 -13.80 7.59 -11.87
N GLY A 69 -12.96 8.61 -11.93
CA GLY A 69 -13.44 9.98 -11.82
C GLY A 69 -13.14 10.59 -10.47
N LYS A 70 -12.14 10.06 -9.78
CA LYS A 70 -11.76 10.55 -8.47
C LYS A 70 -10.27 10.33 -8.22
N PRO A 71 -9.42 11.07 -8.97
CA PRO A 71 -7.97 10.97 -8.84
C PRO A 71 -7.46 11.54 -7.52
N GLY A 72 -6.33 11.02 -7.04
CA GLY A 72 -5.76 11.50 -5.80
C GLY A 72 -4.65 12.51 -6.02
N SER A 73 -3.77 12.23 -6.97
CA SER A 73 -2.66 13.12 -7.27
C SER A 73 -1.72 13.24 -6.07
N GLY A 74 -1.55 12.14 -5.34
CA GLY A 74 -0.68 12.15 -4.17
C GLY A 74 -1.38 11.65 -2.93
N LEU A 75 -1.65 10.35 -2.90
CA LEU A 75 -2.32 9.73 -1.75
C LEU A 75 -1.32 9.41 -0.64
N VAL A 76 -1.83 8.88 0.47
CA VAL A 76 -0.98 8.53 1.60
C VAL A 76 -1.54 7.34 2.37
N VAL A 77 -0.87 6.20 2.27
CA VAL A 77 -1.32 4.99 2.95
C VAL A 77 -0.15 4.31 3.66
N ASN A 78 -0.28 4.15 4.97
CA ASN A 78 0.77 3.51 5.77
C ASN A 78 0.62 2.00 5.75
N ILE A 79 1.55 1.33 5.08
CA ILE A 79 1.53 -0.13 4.99
C ILE A 79 1.84 -0.77 6.33
N ILE A 80 0.83 -0.89 7.18
CA ILE A 80 1.00 -1.48 8.49
C ILE A 80 0.94 -3.01 8.42
N PHE A 81 1.82 -3.67 9.17
CA PHE A 81 1.87 -5.13 9.17
C PHE A 81 1.69 -5.67 10.59
N ARG A 82 0.49 -5.47 11.14
CA ARG A 82 0.18 -5.93 12.49
C ARG A 82 0.45 -7.43 12.63
N LEU A 83 1.11 -7.81 13.72
CA LEU A 83 1.43 -9.20 13.96
C LEU A 83 0.17 -10.05 14.05
N ASN A 84 -0.94 -9.40 14.38
CA ASN A 84 -2.22 -10.09 14.51
C ASN A 84 -2.51 -10.92 13.25
N GLY A 85 -2.02 -10.43 12.11
CA GLY A 85 -2.23 -11.14 10.85
C GLY A 85 -3.07 -10.33 9.88
N THR A 86 -3.06 -9.01 10.04
CA THR A 86 -3.82 -8.13 9.17
C THR A 86 -3.03 -6.87 8.82
N ALA A 87 -3.38 -6.24 7.71
CA ALA A 87 -2.71 -5.02 7.28
C ALA A 87 -3.56 -3.78 7.59
N GLN A 88 -3.13 -2.64 7.07
CA GLN A 88 -3.84 -1.39 7.29
C GLN A 88 -5.25 -1.46 6.70
N ILE A 89 -5.42 -2.24 5.65
CA ILE A 89 -6.71 -2.40 5.00
C ILE A 89 -7.79 -2.76 6.01
N GLU A 90 -8.67 -1.80 6.29
CA GLU A 90 -9.76 -2.01 7.24
C GLU A 90 -11.11 -1.75 6.58
N SER A 1 -17.09 8.82 2.92
CA SER A 1 -15.91 9.67 3.04
C SER A 1 -15.61 10.38 1.73
N THR A 2 -15.25 11.65 1.82
CA THR A 2 -14.94 12.46 0.65
C THR A 2 -13.72 11.90 -0.08
N GLY A 3 -13.38 12.54 -1.21
CA GLY A 3 -12.23 12.09 -1.98
C GLY A 3 -12.55 10.89 -2.85
N PRO A 4 -11.49 10.24 -3.37
CA PRO A 4 -11.64 9.06 -4.22
C PRO A 4 -12.13 7.84 -3.45
N ARG A 5 -12.34 6.73 -4.16
CA ARG A 5 -12.82 5.50 -3.54
C ARG A 5 -12.22 4.28 -4.23
N ALA A 6 -11.49 3.48 -3.46
CA ALA A 6 -10.85 2.27 -3.99
C ALA A 6 -11.89 1.20 -4.30
N LEU A 7 -11.83 0.66 -5.52
CA LEU A 7 -12.76 -0.38 -5.94
C LEU A 7 -12.11 -1.75 -5.92
N SER A 8 -11.02 -1.90 -6.67
CA SER A 8 -10.29 -3.16 -6.73
C SER A 8 -8.93 -3.05 -6.04
N ARG A 9 -8.93 -3.21 -4.73
CA ARG A 9 -7.70 -3.13 -3.95
C ARG A 9 -7.49 -4.39 -3.12
N ASN A 10 -6.28 -4.94 -3.18
CA ASN A 10 -5.96 -6.14 -2.43
C ASN A 10 -4.98 -5.83 -1.29
N GLN A 11 -5.25 -6.41 -0.13
CA GLN A 11 -4.40 -6.20 1.04
C GLN A 11 -2.94 -6.47 0.71
N PRO A 12 -2.04 -5.83 1.45
CA PRO A 12 -0.59 -5.98 1.26
C PRO A 12 -0.10 -7.35 1.68
N GLN A 13 1.14 -7.68 1.31
CA GLN A 13 1.74 -8.96 1.65
C GLN A 13 2.97 -8.78 2.52
N TYR A 14 3.60 -9.88 2.89
CA TYR A 14 4.80 -9.84 3.72
C TYR A 14 5.75 -10.98 3.37
N PRO A 15 7.05 -10.78 3.63
CA PRO A 15 8.08 -11.78 3.36
C PRO A 15 7.99 -12.99 4.29
N ALA A 16 8.98 -13.87 4.22
CA ALA A 16 9.01 -15.06 5.05
C ALA A 16 10.05 -14.94 6.16
N ARG A 17 11.10 -14.17 5.89
CA ARG A 17 12.17 -13.97 6.85
C ARG A 17 11.68 -13.15 8.04
N ALA A 18 10.83 -12.16 7.77
CA ALA A 18 10.29 -11.31 8.82
C ALA A 18 9.53 -12.14 9.87
N GLN A 19 9.06 -13.32 9.45
CA GLN A 19 8.33 -14.19 10.35
C GLN A 19 9.21 -14.66 11.50
N ALA A 20 10.51 -14.80 11.23
CA ALA A 20 11.47 -15.25 12.24
C ALA A 20 12.15 -14.06 12.90
N LEU A 21 12.29 -12.97 12.16
CA LEU A 21 12.93 -11.76 12.67
C LEU A 21 11.99 -11.01 13.61
N ARG A 22 10.69 -11.20 13.42
CA ARG A 22 9.69 -10.54 14.25
C ARG A 22 9.80 -9.02 14.12
N ILE A 23 9.57 -8.52 12.91
CA ILE A 23 9.63 -7.09 12.66
C ILE A 23 8.24 -6.49 12.49
N GLU A 24 7.95 -5.45 13.26
CA GLU A 24 6.66 -4.79 13.21
C GLU A 24 6.82 -3.29 12.97
N GLY A 25 6.27 -2.80 11.87
CA GLY A 25 6.37 -1.39 11.55
C GLY A 25 5.33 -0.95 10.53
N ARG A 26 5.61 0.15 9.84
CA ARG A 26 4.70 0.67 8.84
C ARG A 26 5.47 1.25 7.65
N VAL A 27 4.75 1.57 6.58
CA VAL A 27 5.36 2.14 5.38
C VAL A 27 4.48 3.22 4.78
N LYS A 28 5.05 4.42 4.63
CA LYS A 28 4.32 5.54 4.05
C LYS A 28 4.62 5.69 2.57
N VAL A 29 3.65 5.32 1.74
CA VAL A 29 3.80 5.41 0.29
C VAL A 29 2.84 6.44 -0.30
N LYS A 30 3.24 7.03 -1.42
CA LYS A 30 2.43 8.04 -2.09
C LYS A 30 2.25 7.70 -3.57
N PHE A 31 1.00 7.50 -3.97
CA PHE A 31 0.69 7.18 -5.37
C PHE A 31 -0.31 8.18 -5.95
N ASP A 32 -0.53 8.08 -7.26
CA ASP A 32 -1.45 8.97 -7.94
C ASP A 32 -2.46 8.17 -8.77
N VAL A 33 -3.74 8.49 -8.59
CA VAL A 33 -4.80 7.80 -9.32
C VAL A 33 -5.15 8.54 -10.62
N THR A 34 -5.51 7.77 -11.64
CA THR A 34 -5.86 8.35 -12.93
C THR A 34 -7.37 8.46 -13.10
N SER A 35 -7.79 9.13 -14.16
CA SER A 35 -9.22 9.32 -14.44
C SER A 35 -9.90 7.97 -14.66
N ALA A 36 -9.12 6.98 -15.07
CA ALA A 36 -9.64 5.65 -15.33
C ALA A 36 -9.59 4.78 -14.07
N GLY A 37 -8.73 5.16 -13.14
CA GLY A 37 -8.60 4.42 -11.89
C GLY A 37 -7.36 3.55 -11.87
N ARG A 38 -6.41 3.84 -12.76
CA ARG A 38 -5.17 3.09 -12.83
C ARG A 38 -4.06 3.78 -12.04
N VAL A 39 -3.86 3.34 -10.80
CA VAL A 39 -2.82 3.91 -9.95
C VAL A 39 -1.47 3.94 -10.66
N GLU A 40 -0.76 5.06 -10.49
CA GLU A 40 0.55 5.22 -11.12
C GLU A 40 1.40 6.24 -10.38
N ASN A 41 2.64 6.40 -10.80
CA ASN A 41 3.55 7.36 -10.17
C ASN A 41 3.73 7.03 -8.70
N VAL A 42 3.68 5.74 -8.37
CA VAL A 42 3.85 5.29 -6.99
C VAL A 42 5.28 5.52 -6.52
N GLN A 43 5.42 6.25 -5.42
CA GLN A 43 6.73 6.55 -4.86
C GLN A 43 6.73 6.37 -3.34
N ILE A 44 7.79 5.75 -2.81
CA ILE A 44 7.90 5.52 -1.38
C ILE A 44 8.54 6.72 -0.68
N LEU A 45 7.89 7.20 0.38
CA LEU A 45 8.40 8.34 1.13
C LEU A 45 9.16 7.87 2.37
N SER A 46 8.63 6.85 3.04
CA SER A 46 9.26 6.31 4.24
C SER A 46 8.94 4.82 4.39
N ALA A 47 9.98 4.03 4.66
CA ALA A 47 9.81 2.60 4.83
C ALA A 47 10.98 2.00 5.62
N GLN A 48 10.67 1.52 6.82
CA GLN A 48 11.70 0.92 7.68
C GLN A 48 11.15 -0.29 8.43
N PRO A 49 11.96 -1.35 8.51
CA PRO A 49 13.30 -1.37 7.92
C PRO A 49 13.27 -1.40 6.40
N ALA A 50 14.16 -0.63 5.77
CA ALA A 50 14.24 -0.57 4.32
C ALA A 50 14.59 -1.93 3.73
N ASN A 51 14.10 -2.19 2.52
CA ASN A 51 14.36 -3.45 1.85
C ASN A 51 13.87 -4.63 2.68
N MET A 52 12.63 -4.54 3.15
CA MET A 52 12.03 -5.59 3.96
C MET A 52 10.53 -5.71 3.69
N PHE A 53 9.84 -4.57 3.72
CA PHE A 53 8.41 -4.53 3.48
C PHE A 53 8.08 -3.74 2.22
N GLU A 54 8.98 -2.84 1.85
CA GLU A 54 8.79 -2.02 0.66
C GLU A 54 8.48 -2.88 -0.56
N ARG A 55 9.29 -3.91 -0.76
CA ARG A 55 9.11 -4.81 -1.89
C ARG A 55 7.76 -5.52 -1.82
N GLU A 56 7.19 -5.55 -0.61
CA GLU A 56 5.90 -6.21 -0.41
C GLU A 56 4.78 -5.17 -0.33
N VAL A 57 4.99 -4.03 -0.95
CA VAL A 57 4.00 -2.95 -0.95
C VAL A 57 3.55 -2.62 -2.37
N LYS A 58 4.49 -2.18 -3.20
CA LYS A 58 4.20 -1.84 -4.58
C LYS A 58 3.52 -3.00 -5.30
N ASN A 59 3.80 -4.22 -4.85
CA ASN A 59 3.23 -5.42 -5.45
C ASN A 59 1.71 -5.37 -5.39
N ALA A 60 1.18 -4.80 -4.31
CA ALA A 60 -0.26 -4.70 -4.12
C ALA A 60 -0.80 -3.40 -4.74
N MET A 61 -0.02 -2.33 -4.63
CA MET A 61 -0.42 -1.05 -5.17
C MET A 61 -0.62 -1.13 -6.67
N ARG A 62 0.28 -1.84 -7.36
CA ARG A 62 0.20 -1.99 -8.80
C ARG A 62 -1.07 -2.74 -9.20
N LYS A 63 -1.70 -3.39 -8.22
CA LYS A 63 -2.94 -4.14 -8.48
C LYS A 63 -4.16 -3.32 -8.07
N TRP A 64 -3.96 -2.36 -7.18
CA TRP A 64 -5.04 -1.50 -6.71
C TRP A 64 -5.74 -0.83 -7.87
N ARG A 65 -6.99 -0.41 -7.65
CA ARG A 65 -7.77 0.25 -8.69
C ARG A 65 -8.87 1.11 -8.07
N TYR A 66 -8.77 2.43 -8.28
CA TYR A 66 -9.75 3.36 -7.74
C TYR A 66 -10.84 3.65 -8.76
N GLU A 67 -11.84 4.41 -8.34
CA GLU A 67 -12.96 4.77 -9.23
C GLU A 67 -12.45 5.48 -10.48
N ALA A 68 -13.38 5.87 -11.34
CA ALA A 68 -13.04 6.56 -12.58
C ALA A 68 -13.55 8.00 -12.56
N GLY A 69 -12.63 8.95 -12.48
CA GLY A 69 -13.02 10.35 -12.46
C GLY A 69 -12.75 11.01 -11.12
N LYS A 70 -11.79 10.47 -10.38
CA LYS A 70 -11.43 11.00 -9.08
C LYS A 70 -9.98 10.73 -8.75
N PRO A 71 -9.06 11.40 -9.47
CA PRO A 71 -7.62 11.24 -9.28
C PRO A 71 -7.16 11.83 -7.95
N GLY A 72 -6.14 11.21 -7.36
CA GLY A 72 -5.61 11.69 -6.09
C GLY A 72 -4.40 12.59 -6.28
N SER A 73 -3.50 12.19 -7.16
CA SER A 73 -2.29 12.95 -7.43
C SER A 73 -1.41 13.03 -6.19
N GLY A 74 -1.52 12.01 -5.33
CA GLY A 74 -0.72 11.98 -4.11
C GLY A 74 -1.53 11.51 -2.92
N LEU A 75 -1.64 10.20 -2.75
CA LEU A 75 -2.38 9.63 -1.64
C LEU A 75 -1.44 9.18 -0.52
N VAL A 76 -2.01 8.64 0.55
CA VAL A 76 -1.23 8.16 1.69
C VAL A 76 -1.92 6.99 2.38
N VAL A 77 -1.25 5.85 2.42
CA VAL A 77 -1.80 4.66 3.06
C VAL A 77 -0.77 4.01 3.98
N ASN A 78 -1.01 4.12 5.29
CA ASN A 78 -0.10 3.54 6.27
C ASN A 78 -0.14 2.01 6.21
N ILE A 79 0.94 1.41 5.72
CA ILE A 79 1.02 -0.04 5.62
C ILE A 79 1.25 -0.68 6.99
N ILE A 80 0.20 -0.69 7.81
CA ILE A 80 0.30 -1.27 9.14
C ILE A 80 0.60 -2.76 9.07
N PHE A 81 1.49 -3.22 9.94
CA PHE A 81 1.88 -4.62 9.97
C PHE A 81 1.51 -5.25 11.33
N ARG A 82 0.87 -6.41 11.27
CA ARG A 82 0.47 -7.11 12.50
C ARG A 82 0.90 -8.57 12.45
N LEU A 83 1.59 -9.02 13.49
CA LEU A 83 2.06 -10.39 13.57
C LEU A 83 0.90 -11.37 13.45
N ASN A 84 -0.29 -10.91 13.80
CA ASN A 84 -1.49 -11.75 13.73
C ASN A 84 -1.63 -12.39 12.35
N GLY A 85 -1.59 -11.56 11.31
CA GLY A 85 -1.71 -12.07 9.96
C GLY A 85 -2.71 -11.28 9.13
N THR A 86 -2.73 -9.96 9.33
CA THR A 86 -3.64 -9.10 8.60
C THR A 86 -3.02 -7.73 8.34
N ALA A 87 -3.75 -6.87 7.65
CA ALA A 87 -3.28 -5.52 7.34
C ALA A 87 -4.29 -4.46 7.76
N GLN A 88 -3.95 -3.21 7.52
CA GLN A 88 -4.83 -2.09 7.87
C GLN A 88 -6.18 -2.22 7.17
N ILE A 89 -6.19 -2.96 6.06
CA ILE A 89 -7.41 -3.14 5.28
C ILE A 89 -8.44 -3.93 6.08
N GLU A 90 -9.72 -3.59 5.89
CA GLU A 90 -10.80 -4.27 6.60
C GLU A 90 -11.72 -4.99 5.62
N SER A 1 -14.67 10.12 5.45
CA SER A 1 -13.32 10.60 5.18
C SER A 1 -13.13 10.89 3.69
N THR A 2 -12.75 12.12 3.39
CA THR A 2 -12.54 12.53 2.00
C THR A 2 -11.55 11.61 1.30
N GLY A 3 -11.56 11.64 -0.03
CA GLY A 3 -10.65 10.81 -0.79
C GLY A 3 -11.36 10.01 -1.87
N PRO A 4 -10.59 9.28 -2.69
CA PRO A 4 -11.13 8.47 -3.78
C PRO A 4 -11.88 7.25 -3.26
N ARG A 5 -12.25 6.35 -4.18
CA ARG A 5 -12.98 5.15 -3.82
C ARG A 5 -12.33 3.91 -4.46
N ALA A 6 -11.52 3.21 -3.67
CA ALA A 6 -10.85 2.01 -4.16
C ALA A 6 -11.85 0.91 -4.49
N LEU A 7 -11.75 0.37 -5.70
CA LEU A 7 -12.65 -0.69 -6.14
C LEU A 7 -12.01 -2.06 -5.97
N SER A 8 -10.86 -2.25 -6.63
CA SER A 8 -10.14 -3.52 -6.56
C SER A 8 -8.77 -3.32 -5.92
N ARG A 9 -8.70 -3.52 -4.61
CA ARG A 9 -7.45 -3.37 -3.88
C ARG A 9 -7.20 -4.57 -2.96
N ASN A 10 -5.99 -5.11 -3.03
CA ASN A 10 -5.63 -6.26 -2.21
C ASN A 10 -4.82 -5.82 -0.98
N GLN A 11 -4.35 -6.80 -0.21
CA GLN A 11 -3.57 -6.52 0.98
C GLN A 11 -2.11 -6.93 0.79
N PRO A 12 -1.21 -6.26 1.52
CA PRO A 12 0.23 -6.55 1.46
C PRO A 12 0.58 -7.90 2.06
N GLN A 13 1.52 -8.60 1.43
CA GLN A 13 1.95 -9.91 1.92
C GLN A 13 3.33 -9.83 2.55
N TYR A 14 3.80 -10.95 3.08
CA TYR A 14 5.11 -11.01 3.72
C TYR A 14 5.78 -12.36 3.47
N PRO A 15 7.12 -12.36 3.51
CA PRO A 15 7.91 -13.57 3.29
C PRO A 15 7.78 -14.57 4.43
N ALA A 16 8.55 -15.65 4.37
CA ALA A 16 8.52 -16.68 5.40
C ALA A 16 9.76 -16.62 6.28
N ARG A 17 10.38 -15.44 6.35
CA ARG A 17 11.58 -15.26 7.14
C ARG A 17 11.38 -14.14 8.16
N ALA A 18 10.66 -13.10 7.76
CA ALA A 18 10.39 -11.96 8.63
C ALA A 18 9.69 -12.40 9.91
N GLN A 19 8.99 -13.53 9.84
CA GLN A 19 8.27 -14.06 10.98
C GLN A 19 9.20 -14.22 12.19
N ALA A 20 10.42 -14.69 11.92
CA ALA A 20 11.40 -14.89 12.97
C ALA A 20 11.82 -13.57 13.60
N LEU A 21 12.07 -12.58 12.75
CA LEU A 21 12.48 -11.26 13.22
C LEU A 21 11.33 -10.56 13.95
N ARG A 22 10.11 -10.86 13.54
CA ARG A 22 8.93 -10.26 14.14
C ARG A 22 8.92 -8.75 13.95
N ILE A 23 9.27 -8.31 12.74
CA ILE A 23 9.30 -6.89 12.42
C ILE A 23 7.89 -6.32 12.34
N GLU A 24 7.65 -5.24 13.08
CA GLU A 24 6.34 -4.59 13.08
C GLU A 24 6.49 -3.07 12.98
N GLY A 25 5.92 -2.51 11.93
CA GLY A 25 5.99 -1.07 11.72
C GLY A 25 4.94 -0.57 10.75
N ARG A 26 5.36 0.27 9.80
CA ARG A 26 4.45 0.83 8.81
C ARG A 26 5.22 1.36 7.60
N VAL A 27 4.49 1.73 6.56
CA VAL A 27 5.10 2.25 5.34
C VAL A 27 4.23 3.32 4.70
N LYS A 28 4.78 4.53 4.57
CA LYS A 28 4.04 5.63 3.98
C LYS A 28 4.38 5.78 2.49
N VAL A 29 3.44 5.43 1.64
CA VAL A 29 3.64 5.53 0.19
C VAL A 29 2.71 6.56 -0.42
N LYS A 30 3.15 7.18 -1.51
CA LYS A 30 2.36 8.20 -2.20
C LYS A 30 2.21 7.86 -3.68
N PHE A 31 0.98 7.65 -4.11
CA PHE A 31 0.70 7.32 -5.50
C PHE A 31 -0.33 8.28 -6.09
N ASP A 32 -0.58 8.15 -7.39
CA ASP A 32 -1.54 9.00 -8.08
C ASP A 32 -2.55 8.17 -8.86
N VAL A 33 -3.83 8.48 -8.68
CA VAL A 33 -4.89 7.76 -9.36
C VAL A 33 -5.43 8.56 -10.54
N THR A 34 -5.50 7.92 -11.70
CA THR A 34 -6.00 8.58 -12.91
C THR A 34 -7.51 8.76 -12.86
N SER A 35 -8.07 9.37 -13.89
CA SER A 35 -9.50 9.61 -13.96
C SER A 35 -10.26 8.30 -14.22
N ALA A 36 -9.59 7.35 -14.85
CA ALA A 36 -10.20 6.06 -15.15
C ALA A 36 -10.24 5.17 -13.91
N GLY A 37 -9.27 5.35 -13.03
CA GLY A 37 -9.22 4.56 -11.81
C GLY A 37 -7.95 3.72 -11.72
N ARG A 38 -6.94 4.10 -12.51
CA ARG A 38 -5.68 3.37 -12.51
C ARG A 38 -4.65 4.07 -11.63
N VAL A 39 -3.76 3.28 -11.04
CA VAL A 39 -2.72 3.81 -10.16
C VAL A 39 -1.39 3.96 -10.90
N GLU A 40 -0.70 5.06 -10.64
CA GLU A 40 0.59 5.31 -11.27
C GLU A 40 1.40 6.33 -10.48
N ASN A 41 2.61 6.61 -10.94
CA ASN A 41 3.49 7.57 -10.28
C ASN A 41 3.65 7.22 -8.80
N VAL A 42 3.65 5.92 -8.50
CA VAL A 42 3.79 5.45 -7.13
C VAL A 42 5.22 5.66 -6.64
N GLN A 43 5.35 6.37 -5.52
CA GLN A 43 6.66 6.65 -4.94
C GLN A 43 6.63 6.50 -3.42
N ILE A 44 7.67 5.90 -2.86
CA ILE A 44 7.75 5.70 -1.42
C ILE A 44 8.35 6.92 -0.73
N LEU A 45 7.91 7.19 0.49
CA LEU A 45 8.41 8.33 1.26
C LEU A 45 9.03 7.86 2.57
N SER A 46 8.44 6.84 3.18
CA SER A 46 8.95 6.31 4.44
C SER A 46 8.66 4.82 4.54
N ALA A 47 9.71 4.03 4.77
CA ALA A 47 9.58 2.60 4.90
C ALA A 47 10.75 1.99 5.66
N GLN A 48 10.53 1.67 6.93
CA GLN A 48 11.58 1.10 7.76
C GLN A 48 11.05 -0.11 8.54
N PRO A 49 11.87 -1.16 8.62
CA PRO A 49 13.19 -1.19 7.99
C PRO A 49 13.12 -1.23 6.48
N ALA A 50 14.01 -0.49 5.82
CA ALA A 50 14.04 -0.44 4.37
C ALA A 50 14.44 -1.80 3.79
N ASN A 51 13.90 -2.10 2.61
CA ASN A 51 14.20 -3.37 1.94
C ASN A 51 13.69 -4.54 2.77
N MET A 52 12.49 -4.40 3.31
CA MET A 52 11.88 -5.46 4.12
C MET A 52 10.39 -5.58 3.82
N PHE A 53 9.70 -4.44 3.81
CA PHE A 53 8.26 -4.43 3.54
C PHE A 53 7.96 -3.65 2.26
N GLU A 54 8.83 -2.69 1.95
CA GLU A 54 8.65 -1.86 0.75
C GLU A 54 8.55 -2.74 -0.50
N ARG A 55 9.14 -3.93 -0.43
CA ARG A 55 9.13 -4.85 -1.55
C ARG A 55 7.77 -5.54 -1.68
N GLU A 56 7.05 -5.62 -0.56
CA GLU A 56 5.74 -6.25 -0.55
C GLU A 56 4.63 -5.21 -0.52
N VAL A 57 4.94 -4.02 -1.05
CA VAL A 57 3.96 -2.93 -1.09
C VAL A 57 3.61 -2.56 -2.53
N LYS A 58 4.63 -2.20 -3.30
CA LYS A 58 4.42 -1.82 -4.69
C LYS A 58 3.75 -2.95 -5.47
N ASN A 59 3.98 -4.19 -5.03
CA ASN A 59 3.40 -5.35 -5.69
C ASN A 59 1.89 -5.36 -5.54
N ALA A 60 1.41 -4.77 -4.44
CA ALA A 60 -0.03 -4.71 -4.18
C ALA A 60 -0.64 -3.44 -4.77
N MET A 61 0.17 -2.41 -4.89
CA MET A 61 -0.29 -1.13 -5.45
C MET A 61 -0.48 -1.24 -6.96
N ARG A 62 0.42 -1.94 -7.62
CA ARG A 62 0.36 -2.11 -9.07
C ARG A 62 -0.93 -2.86 -9.46
N LYS A 63 -1.54 -3.52 -8.49
CA LYS A 63 -2.77 -4.26 -8.74
C LYS A 63 -3.99 -3.46 -8.32
N TRP A 64 -3.79 -2.53 -7.38
CA TRP A 64 -4.88 -1.69 -6.89
C TRP A 64 -5.62 -1.03 -8.05
N ARG A 65 -6.89 -0.71 -7.82
CA ARG A 65 -7.71 -0.07 -8.85
C ARG A 65 -8.85 0.71 -8.21
N TYR A 66 -8.90 2.00 -8.51
CA TYR A 66 -9.94 2.87 -7.96
C TYR A 66 -11.06 3.07 -8.98
N GLU A 67 -12.07 3.86 -8.59
CA GLU A 67 -13.20 4.13 -9.47
C GLU A 67 -12.83 5.16 -10.53
N ALA A 68 -13.78 5.51 -11.38
CA ALA A 68 -13.55 6.47 -12.44
C ALA A 68 -14.16 7.83 -12.10
N GLY A 69 -13.31 8.84 -11.95
CA GLY A 69 -13.78 10.16 -11.62
C GLY A 69 -13.36 10.60 -10.22
N LYS A 70 -12.34 9.95 -9.69
CA LYS A 70 -11.85 10.27 -8.35
C LYS A 70 -10.34 10.11 -8.28
N PRO A 71 -9.62 11.00 -8.98
CA PRO A 71 -8.15 10.97 -9.01
C PRO A 71 -7.53 11.38 -7.66
N GLY A 72 -6.30 10.97 -7.43
CA GLY A 72 -5.62 11.30 -6.20
C GLY A 72 -4.52 12.32 -6.39
N SER A 73 -3.57 12.00 -7.26
CA SER A 73 -2.45 12.90 -7.53
C SER A 73 -1.60 13.10 -6.28
N GLY A 74 -1.32 12.00 -5.58
CA GLY A 74 -0.52 12.08 -4.37
C GLY A 74 -1.31 11.71 -3.13
N LEU A 75 -1.58 10.42 -2.97
CA LEU A 75 -2.33 9.92 -1.81
C LEU A 75 -1.40 9.57 -0.67
N VAL A 76 -1.97 9.06 0.42
CA VAL A 76 -1.18 8.67 1.58
C VAL A 76 -1.83 7.52 2.33
N VAL A 77 -1.20 6.35 2.26
CA VAL A 77 -1.72 5.16 2.93
C VAL A 77 -0.66 4.54 3.84
N ASN A 78 -1.01 4.40 5.12
CA ASN A 78 -0.09 3.83 6.10
C ASN A 78 -0.22 2.31 6.12
N ILE A 79 0.67 1.64 5.41
CA ILE A 79 0.66 0.18 5.36
C ILE A 79 1.01 -0.42 6.72
N ILE A 80 0.00 -0.65 7.54
CA ILE A 80 0.19 -1.22 8.86
C ILE A 80 0.44 -2.72 8.78
N PHE A 81 1.38 -3.21 9.58
CA PHE A 81 1.72 -4.63 9.60
C PHE A 81 1.40 -5.25 10.95
N ARG A 82 1.00 -6.52 10.94
CA ARG A 82 0.67 -7.22 12.18
C ARG A 82 1.22 -8.64 12.15
N LEU A 83 1.60 -9.14 13.32
CA LEU A 83 2.14 -10.50 13.43
C LEU A 83 1.03 -11.53 13.32
N ASN A 84 -0.19 -11.14 13.68
CA ASN A 84 -1.33 -12.04 13.62
C ASN A 84 -1.58 -12.51 12.19
N GLY A 85 -1.26 -11.64 11.23
CA GLY A 85 -1.45 -11.98 9.84
C GLY A 85 -2.54 -11.16 9.18
N THR A 86 -2.42 -9.83 9.29
CA THR A 86 -3.40 -8.93 8.71
C THR A 86 -2.77 -7.58 8.36
N ALA A 87 -3.53 -6.74 7.68
CA ALA A 87 -3.05 -5.42 7.28
C ALA A 87 -4.06 -4.33 7.63
N GLN A 88 -3.73 -3.10 7.29
CA GLN A 88 -4.61 -1.97 7.56
C GLN A 88 -5.93 -2.11 6.81
N ILE A 89 -5.89 -2.81 5.69
CA ILE A 89 -7.08 -3.02 4.87
C ILE A 89 -8.21 -3.62 5.71
N GLU A 90 -9.40 -3.04 5.60
CA GLU A 90 -10.56 -3.53 6.34
C GLU A 90 -10.84 -5.00 6.02
N SER A 1 -16.34 10.49 3.42
CA SER A 1 -16.44 10.33 1.98
C SER A 1 -15.45 11.25 1.26
N THR A 2 -14.26 11.39 1.84
CA THR A 2 -13.23 12.24 1.25
C THR A 2 -12.17 11.41 0.55
N GLY A 3 -11.89 11.75 -0.71
CA GLY A 3 -10.90 11.03 -1.47
C GLY A 3 -11.51 9.99 -2.39
N PRO A 4 -10.66 9.22 -3.08
CA PRO A 4 -11.11 8.17 -4.00
C PRO A 4 -11.73 6.99 -3.27
N ARG A 5 -12.00 5.91 -4.01
CA ARG A 5 -12.60 4.71 -3.42
C ARG A 5 -12.00 3.46 -4.05
N ALA A 6 -11.13 2.79 -3.30
CA ALA A 6 -10.49 1.57 -3.77
C ALA A 6 -11.52 0.47 -4.02
N LEU A 7 -11.49 -0.12 -5.21
CA LEU A 7 -12.42 -1.18 -5.56
C LEU A 7 -11.71 -2.54 -5.57
N SER A 8 -10.57 -2.60 -6.24
CA SER A 8 -9.80 -3.83 -6.33
C SER A 8 -8.43 -3.67 -5.68
N ARG A 9 -8.41 -3.76 -4.35
CA ARG A 9 -7.17 -3.62 -3.60
C ARG A 9 -6.90 -4.87 -2.75
N ASN A 10 -5.66 -5.34 -2.77
CA ASN A 10 -5.27 -6.52 -2.00
C ASN A 10 -4.34 -6.15 -0.85
N GLN A 11 -4.22 -7.05 0.11
CA GLN A 11 -3.36 -6.81 1.27
C GLN A 11 -1.90 -6.82 0.87
N PRO A 12 -1.06 -6.10 1.64
CA PRO A 12 0.38 -6.02 1.39
C PRO A 12 1.10 -7.34 1.67
N GLN A 13 1.51 -8.02 0.60
CA GLN A 13 2.21 -9.29 0.73
C GLN A 13 3.42 -9.15 1.64
N TYR A 14 3.96 -10.29 2.07
CA TYR A 14 5.13 -10.29 2.95
C TYR A 14 6.03 -11.49 2.64
N PRO A 15 7.33 -11.34 2.95
CA PRO A 15 8.32 -12.40 2.72
C PRO A 15 8.13 -13.58 3.66
N ALA A 16 8.86 -14.66 3.40
CA ALA A 16 8.78 -15.86 4.22
C ALA A 16 9.99 -15.97 5.15
N ARG A 17 10.63 -14.84 5.44
CA ARG A 17 11.79 -14.81 6.31
C ARG A 17 11.53 -13.96 7.54
N ALA A 18 10.69 -12.94 7.39
CA ALA A 18 10.35 -12.05 8.50
C ALA A 18 9.44 -12.75 9.50
N GLN A 19 8.95 -13.92 9.13
CA GLN A 19 8.07 -14.69 10.00
C GLN A 19 8.69 -14.86 11.38
N ALA A 20 9.88 -15.44 11.42
CA ALA A 20 10.58 -15.67 12.67
C ALA A 20 11.11 -14.37 13.25
N LEU A 21 11.37 -13.40 12.38
CA LEU A 21 11.87 -12.09 12.81
C LEU A 21 10.80 -11.32 13.58
N ARG A 22 9.54 -11.57 13.23
CA ARG A 22 8.43 -10.90 13.90
C ARG A 22 8.57 -9.39 13.80
N ILE A 23 8.74 -8.89 12.58
CA ILE A 23 8.90 -7.46 12.35
C ILE A 23 7.54 -6.77 12.26
N GLU A 24 7.37 -5.71 13.04
CA GLU A 24 6.12 -4.95 13.03
C GLU A 24 6.38 -3.45 12.92
N GLY A 25 6.01 -2.88 11.78
CA GLY A 25 6.22 -1.46 11.57
C GLY A 25 5.22 -0.87 10.58
N ARG A 26 5.53 0.32 10.08
CA ARG A 26 4.65 0.99 9.13
C ARG A 26 5.46 1.61 8.00
N VAL A 27 4.78 1.96 6.91
CA VAL A 27 5.42 2.55 5.75
C VAL A 27 4.53 3.59 5.08
N LYS A 28 5.10 4.75 4.78
CA LYS A 28 4.36 5.82 4.14
C LYS A 28 4.66 5.89 2.65
N VAL A 29 3.68 5.50 1.84
CA VAL A 29 3.84 5.51 0.39
C VAL A 29 2.90 6.51 -0.26
N LYS A 30 3.33 7.09 -1.38
CA LYS A 30 2.52 8.06 -2.10
C LYS A 30 2.35 7.66 -3.56
N PHE A 31 1.11 7.58 -4.02
CA PHE A 31 0.83 7.20 -5.40
C PHE A 31 -0.27 8.09 -5.98
N ASP A 32 -0.44 8.00 -7.30
CA ASP A 32 -1.46 8.80 -7.99
C ASP A 32 -2.45 7.91 -8.73
N VAL A 33 -3.73 8.16 -8.53
CA VAL A 33 -4.77 7.37 -9.18
C VAL A 33 -5.33 8.10 -10.40
N THR A 34 -5.37 7.40 -11.53
CA THR A 34 -5.87 7.98 -12.77
C THR A 34 -7.40 8.06 -12.76
N SER A 35 -7.96 8.60 -13.83
CA SER A 35 -9.40 8.74 -13.94
C SER A 35 -10.05 7.40 -14.27
N ALA A 36 -9.28 6.49 -14.86
CA ALA A 36 -9.77 5.18 -15.22
C ALA A 36 -9.82 4.26 -14.01
N GLY A 37 -9.01 4.58 -13.01
CA GLY A 37 -8.95 3.77 -11.80
C GLY A 37 -7.67 2.98 -11.68
N ARG A 38 -6.63 3.42 -12.39
CA ARG A 38 -5.34 2.76 -12.35
C ARG A 38 -4.38 3.45 -11.39
N VAL A 39 -3.39 2.71 -10.92
CA VAL A 39 -2.41 3.26 -9.99
C VAL A 39 -1.04 3.42 -10.66
N GLU A 40 -0.46 4.61 -10.52
CA GLU A 40 0.85 4.89 -11.10
C GLU A 40 1.58 5.96 -10.31
N ASN A 41 2.76 6.35 -10.81
CA ASN A 41 3.57 7.37 -10.14
C ASN A 41 3.80 7.00 -8.68
N VAL A 42 3.90 5.71 -8.40
CA VAL A 42 4.13 5.22 -7.05
C VAL A 42 5.52 5.61 -6.56
N GLN A 43 5.57 6.31 -5.44
CA GLN A 43 6.84 6.74 -4.86
C GLN A 43 6.77 6.75 -3.34
N ILE A 44 7.74 6.07 -2.71
CA ILE A 44 7.79 6.01 -1.25
C ILE A 44 8.30 7.32 -0.65
N LEU A 45 7.84 7.62 0.55
CA LEU A 45 8.24 8.84 1.24
C LEU A 45 9.08 8.52 2.48
N SER A 46 8.60 7.56 3.27
CA SER A 46 9.30 7.16 4.48
C SER A 46 9.03 5.70 4.81
N ALA A 47 10.09 4.95 5.12
CA ALA A 47 9.96 3.54 5.46
C ALA A 47 11.14 3.07 6.29
N GLN A 48 10.86 2.45 7.43
CA GLN A 48 11.90 1.94 8.32
C GLN A 48 11.45 0.67 9.02
N PRO A 49 12.07 -0.46 8.63
CA PRO A 49 13.12 -0.48 7.61
C PRO A 49 12.57 -0.20 6.21
N ALA A 50 13.38 0.47 5.39
CA ALA A 50 12.97 0.81 4.03
C ALA A 50 13.35 -0.30 3.06
N ASN A 51 14.15 -1.25 3.54
CA ASN A 51 14.58 -2.36 2.71
C ASN A 51 14.06 -3.68 3.26
N MET A 52 12.75 -3.79 3.38
CA MET A 52 12.11 -4.99 3.89
C MET A 52 10.71 -5.16 3.33
N PHE A 53 9.81 -4.26 3.72
CA PHE A 53 8.43 -4.31 3.26
C PHE A 53 8.24 -3.40 2.04
N GLU A 54 9.15 -2.45 1.87
CA GLU A 54 9.07 -1.52 0.75
C GLU A 54 9.06 -2.28 -0.58
N ARG A 55 9.59 -3.49 -0.57
CA ARG A 55 9.64 -4.31 -1.77
C ARG A 55 8.33 -5.07 -1.97
N GLU A 56 7.59 -5.25 -0.88
CA GLU A 56 6.32 -5.96 -0.94
C GLU A 56 5.16 -4.98 -1.09
N VAL A 57 5.39 -3.72 -0.71
CA VAL A 57 4.38 -2.69 -0.81
C VAL A 57 3.96 -2.45 -2.26
N LYS A 58 4.92 -2.05 -3.08
CA LYS A 58 4.66 -1.78 -4.49
C LYS A 58 4.05 -3.01 -5.17
N ASN A 59 4.39 -4.19 -4.66
CA ASN A 59 3.86 -5.44 -5.21
C ASN A 59 2.33 -5.47 -5.13
N ALA A 60 1.79 -4.88 -4.06
CA ALA A 60 0.35 -4.84 -3.86
C ALA A 60 -0.26 -3.60 -4.51
N MET A 61 0.47 -2.49 -4.45
CA MET A 61 -0.01 -1.24 -5.04
C MET A 61 -0.24 -1.40 -6.54
N ARG A 62 0.68 -2.10 -7.20
CA ARG A 62 0.57 -2.32 -8.64
C ARG A 62 -0.66 -3.13 -8.98
N LYS A 63 -1.24 -3.78 -7.97
CA LYS A 63 -2.43 -4.59 -8.15
C LYS A 63 -3.69 -3.82 -7.75
N TRP A 64 -3.51 -2.81 -6.92
CA TRP A 64 -4.63 -1.99 -6.46
C TRP A 64 -5.38 -1.39 -7.64
N ARG A 65 -6.65 -1.06 -7.42
CA ARG A 65 -7.48 -0.47 -8.46
C ARG A 65 -8.64 0.32 -7.86
N TYR A 66 -8.69 1.61 -8.18
CA TYR A 66 -9.75 2.48 -7.66
C TYR A 66 -10.85 2.66 -8.70
N GLU A 67 -11.93 3.33 -8.30
CA GLU A 67 -13.05 3.58 -9.19
C GLU A 67 -12.64 4.49 -10.34
N ALA A 68 -13.61 4.88 -11.17
CA ALA A 68 -13.34 5.76 -12.30
C ALA A 68 -13.98 7.12 -12.09
N GLY A 69 -13.20 8.18 -12.33
CA GLY A 69 -13.69 9.53 -12.17
C GLY A 69 -13.42 10.08 -10.78
N LYS A 70 -12.39 9.56 -10.13
CA LYS A 70 -12.03 10.00 -8.79
C LYS A 70 -10.53 9.84 -8.55
N PRO A 71 -9.72 10.69 -9.20
CA PRO A 71 -8.26 10.66 -9.06
C PRO A 71 -7.79 11.10 -7.68
N GLY A 72 -6.60 10.65 -7.30
CA GLY A 72 -6.06 11.01 -6.00
C GLY A 72 -5.06 12.15 -6.09
N SER A 73 -4.03 11.98 -6.91
CA SER A 73 -3.00 13.00 -7.07
C SER A 73 -2.26 13.25 -5.77
N GLY A 74 -1.82 12.17 -5.13
CA GLY A 74 -1.11 12.29 -3.87
C GLY A 74 -1.84 11.62 -2.73
N LEU A 75 -1.71 10.30 -2.63
CA LEU A 75 -2.37 9.55 -1.57
C LEU A 75 -1.39 9.20 -0.47
N VAL A 76 -1.92 8.72 0.66
CA VAL A 76 -1.08 8.35 1.79
C VAL A 76 -1.72 7.21 2.59
N VAL A 77 -1.17 6.01 2.45
CA VAL A 77 -1.68 4.85 3.15
C VAL A 77 -0.60 4.21 4.03
N ASN A 78 -0.79 4.32 5.35
CA ASN A 78 0.17 3.76 6.29
C ASN A 78 0.05 2.24 6.36
N ILE A 79 0.91 1.55 5.62
CA ILE A 79 0.90 0.10 5.59
C ILE A 79 1.25 -0.48 6.96
N ILE A 80 0.22 -0.78 7.76
CA ILE A 80 0.42 -1.33 9.09
C ILE A 80 0.68 -2.84 9.02
N PHE A 81 1.76 -3.27 9.66
CA PHE A 81 2.12 -4.69 9.68
C PHE A 81 1.92 -5.28 11.07
N ARG A 82 1.00 -6.24 11.18
CA ARG A 82 0.72 -6.89 12.45
C ARG A 82 1.07 -8.38 12.39
N LEU A 83 0.99 -9.04 13.54
CA LEU A 83 1.31 -10.46 13.63
C LEU A 83 0.03 -11.29 13.62
N ASN A 84 -1.10 -10.63 13.80
CA ASN A 84 -2.40 -11.32 13.82
C ASN A 84 -2.71 -11.92 12.47
N GLY A 85 -2.16 -11.33 11.41
CA GLY A 85 -2.39 -11.82 10.07
C GLY A 85 -3.31 -10.92 9.26
N THR A 86 -3.24 -9.62 9.53
CA THR A 86 -4.07 -8.65 8.83
C THR A 86 -3.37 -7.30 8.72
N ALA A 87 -3.72 -6.55 7.68
CA ALA A 87 -3.12 -5.24 7.45
C ALA A 87 -4.04 -4.12 7.91
N GLN A 88 -3.70 -2.89 7.56
CA GLN A 88 -4.50 -1.73 7.95
C GLN A 88 -5.79 -1.68 7.13
N ILE A 89 -5.87 -2.50 6.09
CA ILE A 89 -7.04 -2.54 5.23
C ILE A 89 -8.32 -2.72 6.05
N GLU A 90 -9.37 -2.02 5.65
CA GLU A 90 -10.65 -2.11 6.35
C GLU A 90 -11.65 -2.95 5.56
N SER A 1 -16.67 9.49 4.50
CA SER A 1 -15.24 9.62 4.26
C SER A 1 -14.98 10.33 2.93
N THR A 2 -14.00 11.23 2.93
CA THR A 2 -13.65 11.98 1.73
C THR A 2 -12.54 11.29 0.95
N GLY A 3 -12.26 11.78 -0.25
CA GLY A 3 -11.21 11.21 -1.07
C GLY A 3 -11.74 10.13 -2.00
N PRO A 4 -10.82 9.41 -2.65
CA PRO A 4 -11.17 8.34 -3.58
C PRO A 4 -11.76 7.12 -2.87
N ARG A 5 -12.09 6.10 -3.65
CA ARG A 5 -12.66 4.88 -3.10
C ARG A 5 -12.11 3.64 -3.81
N ALA A 6 -11.21 2.94 -3.13
CA ALA A 6 -10.61 1.73 -3.70
C ALA A 6 -11.67 0.70 -4.08
N LEU A 7 -11.64 0.26 -5.32
CA LEU A 7 -12.60 -0.72 -5.81
C LEU A 7 -11.96 -2.10 -5.91
N SER A 8 -10.71 -2.14 -6.35
CA SER A 8 -9.98 -3.40 -6.49
C SER A 8 -8.54 -3.26 -6.01
N ARG A 9 -8.32 -3.54 -4.74
CA ARG A 9 -6.99 -3.43 -4.15
C ARG A 9 -6.62 -4.72 -3.41
N ASN A 10 -5.49 -5.31 -3.79
CA ASN A 10 -5.03 -6.55 -3.17
C ASN A 10 -4.10 -6.25 -2.00
N GLN A 11 -4.36 -6.88 -0.86
CA GLN A 11 -3.54 -6.68 0.33
C GLN A 11 -2.09 -7.07 0.07
N PRO A 12 -1.17 -6.48 0.84
CA PRO A 12 0.27 -6.74 0.71
C PRO A 12 0.63 -8.15 1.17
N GLN A 13 1.91 -8.49 1.02
CA GLN A 13 2.40 -9.81 1.42
C GLN A 13 3.63 -9.69 2.32
N TYR A 14 4.11 -10.82 2.82
CA TYR A 14 5.27 -10.84 3.69
C TYR A 14 6.10 -12.10 3.45
N PRO A 15 7.41 -12.00 3.74
CA PRO A 15 8.34 -13.12 3.56
C PRO A 15 8.11 -14.24 4.57
N ALA A 16 8.98 -15.24 4.56
CA ALA A 16 8.86 -16.37 5.47
C ALA A 16 10.04 -16.41 6.44
N ARG A 17 10.66 -15.26 6.67
CA ARG A 17 11.79 -15.17 7.58
C ARG A 17 11.53 -14.15 8.69
N ALA A 18 10.83 -13.08 8.34
CA ALA A 18 10.50 -12.03 9.31
C ALA A 18 9.72 -12.60 10.49
N GLN A 19 9.04 -13.72 10.26
CA GLN A 19 8.26 -14.37 11.30
C GLN A 19 9.09 -14.58 12.55
N ALA A 20 10.39 -14.77 12.37
CA ALA A 20 11.29 -14.99 13.50
C ALA A 20 11.86 -13.67 14.01
N LEU A 21 11.92 -12.68 13.13
CA LEU A 21 12.45 -11.36 13.49
C LEU A 21 11.40 -10.57 14.26
N ARG A 22 10.13 -10.89 14.05
CA ARG A 22 9.04 -10.20 14.71
C ARG A 22 9.07 -8.70 14.42
N ILE A 23 9.19 -8.36 13.14
CA ILE A 23 9.23 -6.96 12.73
C ILE A 23 7.83 -6.41 12.52
N GLU A 24 7.53 -5.30 13.19
CA GLU A 24 6.23 -4.66 13.06
C GLU A 24 6.37 -3.16 12.87
N GLY A 25 5.75 -2.65 11.81
CA GLY A 25 5.82 -1.23 11.51
C GLY A 25 4.81 -0.80 10.47
N ARG A 26 5.17 0.22 9.69
CA ARG A 26 4.28 0.73 8.65
C ARG A 26 5.07 1.26 7.47
N VAL A 27 4.38 1.60 6.39
CA VAL A 27 5.02 2.12 5.19
C VAL A 27 4.19 3.24 4.56
N LYS A 28 4.75 4.44 4.54
CA LYS A 28 4.06 5.59 3.97
C LYS A 28 4.38 5.74 2.48
N VAL A 29 3.42 5.42 1.63
CA VAL A 29 3.60 5.52 0.19
C VAL A 29 2.69 6.57 -0.41
N LYS A 30 3.18 7.24 -1.45
CA LYS A 30 2.40 8.29 -2.12
C LYS A 30 2.29 8.00 -3.61
N PHE A 31 1.06 7.85 -4.09
CA PHE A 31 0.81 7.58 -5.50
C PHE A 31 -0.23 8.53 -6.07
N ASP A 32 -0.64 8.29 -7.31
CA ASP A 32 -1.64 9.13 -7.96
C ASP A 32 -2.68 8.28 -8.69
N VAL A 33 -3.93 8.71 -8.63
CA VAL A 33 -5.02 7.99 -9.29
C VAL A 33 -5.54 8.77 -10.49
N THR A 34 -5.91 8.04 -11.55
CA THR A 34 -6.43 8.66 -12.76
C THR A 34 -7.94 8.85 -12.67
N SER A 35 -8.54 9.30 -13.77
CA SER A 35 -9.97 9.52 -13.81
C SER A 35 -10.70 8.28 -14.34
N ALA A 36 -9.99 7.16 -14.37
CA ALA A 36 -10.57 5.91 -14.84
C ALA A 36 -10.55 4.86 -13.75
N GLY A 37 -9.58 4.96 -12.84
CA GLY A 37 -9.47 4.00 -11.76
C GLY A 37 -8.14 3.28 -11.75
N ARG A 38 -7.19 3.79 -12.53
CA ARG A 38 -5.86 3.19 -12.61
C ARG A 38 -4.86 3.93 -11.73
N VAL A 39 -3.90 3.19 -11.18
CA VAL A 39 -2.89 3.79 -10.31
C VAL A 39 -1.58 4.00 -11.06
N GLU A 40 -0.90 5.10 -10.75
CA GLU A 40 0.37 5.41 -11.40
C GLU A 40 1.15 6.45 -10.60
N ASN A 41 2.41 6.67 -10.97
CA ASN A 41 3.27 7.62 -10.28
C ASN A 41 3.43 7.24 -8.82
N VAL A 42 3.65 5.95 -8.56
CA VAL A 42 3.83 5.45 -7.21
C VAL A 42 5.22 5.78 -6.69
N GLN A 43 5.28 6.47 -5.55
CA GLN A 43 6.56 6.84 -4.94
C GLN A 43 6.51 6.68 -3.43
N ILE A 44 7.51 5.99 -2.89
CA ILE A 44 7.59 5.77 -1.45
C ILE A 44 8.19 6.96 -0.73
N LEU A 45 7.69 7.25 0.47
CA LEU A 45 8.19 8.36 1.26
C LEU A 45 8.87 7.87 2.54
N SER A 46 8.30 6.84 3.14
CA SER A 46 8.84 6.27 4.37
C SER A 46 8.58 4.76 4.43
N ALA A 47 9.61 4.01 4.82
CA ALA A 47 9.49 2.56 4.93
C ALA A 47 10.64 1.98 5.73
N GLN A 48 10.35 1.52 6.95
CA GLN A 48 11.36 0.94 7.83
C GLN A 48 10.80 -0.28 8.55
N PRO A 49 11.64 -1.33 8.65
CA PRO A 49 12.99 -1.32 8.10
C PRO A 49 12.99 -1.34 6.57
N ALA A 50 13.90 -0.57 5.98
CA ALA A 50 14.00 -0.49 4.53
C ALA A 50 14.35 -1.85 3.93
N ASN A 51 13.91 -2.10 2.70
CA ASN A 51 14.18 -3.36 2.03
C ASN A 51 13.67 -4.53 2.85
N MET A 52 12.39 -4.47 3.23
CA MET A 52 11.78 -5.54 4.01
C MET A 52 10.29 -5.64 3.73
N PHE A 53 9.62 -4.49 3.69
CA PHE A 53 8.18 -4.45 3.41
C PHE A 53 7.89 -3.64 2.16
N GLU A 54 8.70 -2.62 1.92
CA GLU A 54 8.53 -1.76 0.75
C GLU A 54 8.54 -2.58 -0.53
N ARG A 55 9.19 -3.74 -0.49
CA ARG A 55 9.27 -4.62 -1.65
C ARG A 55 7.94 -5.34 -1.88
N GLU A 56 7.17 -5.50 -0.81
CA GLU A 56 5.87 -6.17 -0.90
C GLU A 56 4.73 -5.16 -0.86
N VAL A 57 5.01 -3.94 -1.33
CA VAL A 57 4.01 -2.89 -1.35
C VAL A 57 3.71 -2.44 -2.77
N LYS A 58 4.74 -1.95 -3.47
CA LYS A 58 4.59 -1.49 -4.84
C LYS A 58 4.03 -2.60 -5.73
N ASN A 59 4.41 -3.83 -5.43
CA ASN A 59 3.95 -4.98 -6.20
C ASN A 59 2.45 -5.19 -6.02
N ALA A 60 1.91 -4.69 -4.92
CA ALA A 60 0.48 -4.82 -4.64
C ALA A 60 -0.27 -3.56 -5.04
N MET A 61 0.41 -2.41 -4.96
CA MET A 61 -0.20 -1.14 -5.32
C MET A 61 -0.18 -0.94 -6.84
N ARG A 62 0.76 -1.60 -7.50
CA ARG A 62 0.89 -1.49 -8.95
C ARG A 62 -0.32 -2.10 -9.65
N LYS A 63 -1.12 -2.85 -8.90
CA LYS A 63 -2.31 -3.48 -9.44
C LYS A 63 -3.58 -2.87 -8.86
N TRP A 64 -3.41 -2.05 -7.83
CA TRP A 64 -4.54 -1.40 -7.18
C TRP A 64 -5.43 -0.70 -8.20
N ARG A 65 -6.68 -0.48 -7.83
CA ARG A 65 -7.64 0.18 -8.72
C ARG A 65 -8.72 0.90 -7.92
N TYR A 66 -8.85 2.20 -8.16
CA TYR A 66 -9.84 3.01 -7.46
C TYR A 66 -11.03 3.33 -8.37
N GLU A 67 -11.97 4.12 -7.85
CA GLU A 67 -13.15 4.50 -8.62
C GLU A 67 -12.75 5.24 -9.90
N ALA A 68 -13.76 5.61 -10.69
CA ALA A 68 -13.52 6.33 -11.94
C ALA A 68 -14.00 7.77 -11.84
N GLY A 69 -13.06 8.71 -12.00
CA GLY A 69 -13.40 10.12 -11.94
C GLY A 69 -13.09 10.72 -10.58
N LYS A 70 -12.07 10.17 -9.92
CA LYS A 70 -11.66 10.67 -8.60
C LYS A 70 -10.16 10.52 -8.41
N PRO A 71 -9.38 11.32 -9.14
CA PRO A 71 -7.92 11.30 -9.07
C PRO A 71 -7.40 11.85 -7.74
N GLY A 72 -6.30 11.28 -7.26
CA GLY A 72 -5.72 11.72 -6.01
C GLY A 72 -4.56 12.68 -6.20
N SER A 73 -3.67 12.34 -7.13
CA SER A 73 -2.52 13.18 -7.42
C SER A 73 -1.60 13.27 -6.20
N GLY A 74 -1.57 12.21 -5.41
CA GLY A 74 -0.74 12.19 -4.22
C GLY A 74 -1.49 11.73 -2.99
N LEU A 75 -1.68 10.42 -2.87
CA LEU A 75 -2.39 9.85 -1.73
C LEU A 75 -1.43 9.48 -0.62
N VAL A 76 -1.97 8.97 0.49
CA VAL A 76 -1.15 8.57 1.62
C VAL A 76 -1.81 7.43 2.39
N VAL A 77 -1.25 6.23 2.24
CA VAL A 77 -1.78 5.05 2.93
C VAL A 77 -0.69 4.35 3.74
N ASN A 78 -0.93 4.22 5.04
CA ASN A 78 0.02 3.57 5.93
C ASN A 78 -0.18 2.05 5.95
N ILE A 79 0.75 1.32 5.36
CA ILE A 79 0.67 -0.13 5.31
C ILE A 79 0.85 -0.74 6.70
N ILE A 80 -0.26 -0.85 7.43
CA ILE A 80 -0.22 -1.41 8.77
C ILE A 80 0.10 -2.90 8.74
N PHE A 81 1.10 -3.31 9.51
CA PHE A 81 1.50 -4.71 9.57
C PHE A 81 1.21 -5.31 10.94
N ARG A 82 0.69 -6.53 10.94
CA ARG A 82 0.36 -7.21 12.18
C ARG A 82 0.97 -8.61 12.22
N LEU A 83 1.36 -9.06 13.41
CA LEU A 83 1.97 -10.37 13.58
C LEU A 83 0.93 -11.48 13.40
N ASN A 84 -0.33 -11.14 13.68
CA ASN A 84 -1.42 -12.10 13.55
C ASN A 84 -1.50 -12.65 12.13
N GLY A 85 -1.46 -11.76 11.15
CA GLY A 85 -1.53 -12.18 9.76
C GLY A 85 -2.55 -11.40 8.96
N THR A 86 -2.62 -10.09 9.21
CA THR A 86 -3.57 -9.23 8.51
C THR A 86 -2.93 -7.90 8.12
N ALA A 87 -3.68 -7.08 7.40
CA ALA A 87 -3.18 -5.78 6.97
C ALA A 87 -4.18 -4.68 7.29
N GLN A 88 -3.85 -3.45 6.90
CA GLN A 88 -4.72 -2.30 7.15
C GLN A 88 -6.07 -2.48 6.47
N ILE A 89 -6.08 -3.27 5.40
CA ILE A 89 -7.31 -3.52 4.65
C ILE A 89 -8.30 -4.33 5.49
N GLU A 90 -9.45 -3.74 5.76
CA GLU A 90 -10.49 -4.41 6.55
C GLU A 90 -11.27 -5.40 5.69
#